data_5MTO
# 
_entry.id   5MTO 
# 
_audit_conform.dict_name       mmcif_pdbx.dic 
_audit_conform.dict_version    5.383 
_audit_conform.dict_location   http://mmcif.pdb.org/dictionaries/ascii/mmcif_pdbx.dic 
# 
loop_
_database_2.database_id 
_database_2.database_code 
_database_2.pdbx_database_accession 
_database_2.pdbx_DOI 
PDB   5MTO         pdb_00005mto 10.2210/pdb5mto/pdb 
WWPDB D_1200002995 ?            ?                   
# 
loop_
_pdbx_audit_revision_history.ordinal 
_pdbx_audit_revision_history.data_content_type 
_pdbx_audit_revision_history.major_revision 
_pdbx_audit_revision_history.minor_revision 
_pdbx_audit_revision_history.revision_date 
1 'Structure model' 1 0 2018-02-28 
2 'Structure model' 1 1 2019-06-26 
3 'Structure model' 1 2 2024-01-17 
# 
_pdbx_audit_revision_details.ordinal             1 
_pdbx_audit_revision_details.revision_ordinal    1 
_pdbx_audit_revision_details.data_content_type   'Structure model' 
_pdbx_audit_revision_details.provider            repository 
_pdbx_audit_revision_details.type                'Initial release' 
_pdbx_audit_revision_details.description         ? 
_pdbx_audit_revision_details.details             ? 
# 
loop_
_pdbx_audit_revision_group.ordinal 
_pdbx_audit_revision_group.revision_ordinal 
_pdbx_audit_revision_group.data_content_type 
_pdbx_audit_revision_group.group 
1 2 'Structure model' 'Data collection'        
2 2 'Structure model' 'Database references'    
3 3 'Structure model' 'Data collection'        
4 3 'Structure model' 'Database references'    
5 3 'Structure model' 'Refinement description' 
# 
loop_
_pdbx_audit_revision_category.ordinal 
_pdbx_audit_revision_category.revision_ordinal 
_pdbx_audit_revision_category.data_content_type 
_pdbx_audit_revision_category.category 
1 2 'Structure model' citation                      
2 2 'Structure model' citation_author               
3 2 'Structure model' pdbx_database_proc            
4 3 'Structure model' chem_comp_atom                
5 3 'Structure model' chem_comp_bond                
6 3 'Structure model' database_2                    
7 3 'Structure model' pdbx_initial_refinement_model 
# 
loop_
_pdbx_audit_revision_item.ordinal 
_pdbx_audit_revision_item.revision_ordinal 
_pdbx_audit_revision_item.data_content_type 
_pdbx_audit_revision_item.item 
1  2 'Structure model' '_citation.country'                   
2  2 'Structure model' '_citation.journal_abbrev'            
3  2 'Structure model' '_citation.journal_id_ASTM'           
4  2 'Structure model' '_citation.journal_id_CSD'            
5  2 'Structure model' '_citation.journal_id_ISSN'           
6  2 'Structure model' '_citation.journal_volume'            
7  2 'Structure model' '_citation.page_first'                
8  2 'Structure model' '_citation.page_last'                 
9  2 'Structure model' '_citation.pdbx_database_id_DOI'      
10 2 'Structure model' '_citation.pdbx_database_id_PubMed'   
11 2 'Structure model' '_citation.title'                     
12 2 'Structure model' '_citation.year'                      
13 3 'Structure model' '_database_2.pdbx_DOI'                
14 3 'Structure model' '_database_2.pdbx_database_accession' 
# 
_pdbx_database_status.status_code                     REL 
_pdbx_database_status.status_code_sf                  REL 
_pdbx_database_status.status_code_mr                  ? 
_pdbx_database_status.entry_id                        5MTO 
_pdbx_database_status.recvd_initial_deposition_date   2017-01-10 
_pdbx_database_status.SG_entry                        N 
_pdbx_database_status.deposit_site                    PDBE 
_pdbx_database_status.process_site                    PDBE 
_pdbx_database_status.status_code_cs                  ? 
_pdbx_database_status.methods_development_category    ? 
_pdbx_database_status.pdb_format_compatible           Y 
_pdbx_database_status.status_code_nmr_data            ? 
# 
_pdbx_database_related.db_name        PDB 
_pdbx_database_related.details        5ME8 
_pdbx_database_related.db_id          5MTO 
_pdbx_database_related.content_type   unspecified 
# 
loop_
_audit_author.name 
_audit_author.pdbx_ordinal 
_audit_author.identifier_ORCID 
'Ormaza, G.'       1 ? 
'Buitrago, J.A.R.' 2 ? 
'Roversi, P.'      3 ? 
'Rojas, A.L.'      4 ? 
'Blanco, F.J.'     5 ? 
# 
_citation.abstract                  ? 
_citation.abstract_id_CAS           ? 
_citation.book_id_ISBN              ? 
_citation.book_publisher            ? 
_citation.book_publisher_city       ? 
_citation.book_title                ? 
_citation.coordinate_linkage        ? 
_citation.country                   UK 
_citation.database_id_Medline       ? 
_citation.details                   ? 
_citation.id                        primary 
_citation.journal_abbrev            J.Mol.Biol. 
_citation.journal_id_ASTM           JMOBAK 
_citation.journal_id_CSD            0070 
_citation.journal_id_ISSN           1089-8638 
_citation.journal_full              ? 
_citation.journal_issue             ? 
_citation.journal_volume            431 
_citation.language                  ? 
_citation.page_first                2298 
_citation.page_last                 2319 
_citation.title                     
'The Tumor Suppressor ING5 Is a Dimeric, Bivalent Recognition Molecule of the Histone H3K4me3 Mark.' 
_citation.year                      2019 
_citation.database_id_CSD           ? 
_citation.pdbx_database_id_DOI      10.1016/j.jmb.2019.04.018 
_citation.pdbx_database_id_PubMed   31026448 
_citation.unpublished_flag          ? 
# 
loop_
_citation_author.citation_id 
_citation_author.name 
_citation_author.ordinal 
_citation_author.identifier_ORCID 
primary 'Ormaza, G.'           1  ? 
primary 'Rodriguez, J.A.'      2  ? 
primary 'Ibanez de Opakua, A.' 3  ? 
primary 'Merino, N.'           4  ? 
primary 'Villate, M.'          5  ? 
primary 'Gorrono, I.'          6  ? 
primary 'Rabano, M.'           7  ? 
primary 'Palmero, I.'          8  ? 
primary 'Vilaseca, M.'         9  ? 
primary 'Kypta, R.'            10 ? 
primary 'Vivanco, M.D.M.'      11 ? 
primary 'Rojas, A.L.'          12 ? 
primary 'Blanco, F.J.'         13 ? 
# 
loop_
_entity.id 
_entity.type 
_entity.src_method 
_entity.pdbx_description 
_entity.formula_weight 
_entity.pdbx_number_of_molecules 
_entity.pdbx_ec 
_entity.pdbx_mutation 
_entity.pdbx_fragment 
_entity.details 
1 polymer     man 'Inhibitor of growth protein 5' 12546.201 2 ? ? 'N-terminal domain, UNP Residues 1-105' ? 
2 non-polymer syn 'SODIUM ION'                    22.990    1 ? ? ?                                       ? 
3 non-polymer nat 'SULFATE ION'                   96.063    1 ? ? ?                                       ? 
4 water       nat water                           18.015    3 ? ? ?                                       ? 
# 
_entity_name_com.entity_id   1 
_entity_name_com.name        'p28ING5, human tumor suppressor ING5' 
# 
_entity_poly.entity_id                      1 
_entity_poly.type                           'polypeptide(L)' 
_entity_poly.nstd_linkage                   no 
_entity_poly.nstd_monomer                   no 
_entity_poly.pdbx_seq_one_letter_code       
;GAMATAMYLEHYLDSIENLPSELQRNFQLMRELDQRTEDKKAEIDILAAEYISTVKTLSPDQRVERLQKIQNAYSKCKEY
SDDKVQLAMQTYEMVDKHIRRLDADLA
;
_entity_poly.pdbx_seq_one_letter_code_can   
;GAMATAMYLEHYLDSIENLPSELQRNFQLMRELDQRTEDKKAEIDILAAEYISTVKTLSPDQRVERLQKIQNAYSKCKEY
SDDKVQLAMQTYEMVDKHIRRLDADLA
;
_entity_poly.pdbx_strand_id                 A,B 
_entity_poly.pdbx_target_identifier         ? 
# 
loop_
_pdbx_entity_nonpoly.entity_id 
_pdbx_entity_nonpoly.name 
_pdbx_entity_nonpoly.comp_id 
2 'SODIUM ION'  NA  
3 'SULFATE ION' SO4 
4 water         HOH 
# 
loop_
_entity_poly_seq.entity_id 
_entity_poly_seq.num 
_entity_poly_seq.mon_id 
_entity_poly_seq.hetero 
1 1   GLY n 
1 2   ALA n 
1 3   MET n 
1 4   ALA n 
1 5   THR n 
1 6   ALA n 
1 7   MET n 
1 8   TYR n 
1 9   LEU n 
1 10  GLU n 
1 11  HIS n 
1 12  TYR n 
1 13  LEU n 
1 14  ASP n 
1 15  SER n 
1 16  ILE n 
1 17  GLU n 
1 18  ASN n 
1 19  LEU n 
1 20  PRO n 
1 21  SER n 
1 22  GLU n 
1 23  LEU n 
1 24  GLN n 
1 25  ARG n 
1 26  ASN n 
1 27  PHE n 
1 28  GLN n 
1 29  LEU n 
1 30  MET n 
1 31  ARG n 
1 32  GLU n 
1 33  LEU n 
1 34  ASP n 
1 35  GLN n 
1 36  ARG n 
1 37  THR n 
1 38  GLU n 
1 39  ASP n 
1 40  LYS n 
1 41  LYS n 
1 42  ALA n 
1 43  GLU n 
1 44  ILE n 
1 45  ASP n 
1 46  ILE n 
1 47  LEU n 
1 48  ALA n 
1 49  ALA n 
1 50  GLU n 
1 51  TYR n 
1 52  ILE n 
1 53  SER n 
1 54  THR n 
1 55  VAL n 
1 56  LYS n 
1 57  THR n 
1 58  LEU n 
1 59  SER n 
1 60  PRO n 
1 61  ASP n 
1 62  GLN n 
1 63  ARG n 
1 64  VAL n 
1 65  GLU n 
1 66  ARG n 
1 67  LEU n 
1 68  GLN n 
1 69  LYS n 
1 70  ILE n 
1 71  GLN n 
1 72  ASN n 
1 73  ALA n 
1 74  TYR n 
1 75  SER n 
1 76  LYS n 
1 77  CYS n 
1 78  LYS n 
1 79  GLU n 
1 80  TYR n 
1 81  SER n 
1 82  ASP n 
1 83  ASP n 
1 84  LYS n 
1 85  VAL n 
1 86  GLN n 
1 87  LEU n 
1 88  ALA n 
1 89  MET n 
1 90  GLN n 
1 91  THR n 
1 92  TYR n 
1 93  GLU n 
1 94  MET n 
1 95  VAL n 
1 96  ASP n 
1 97  LYS n 
1 98  HIS n 
1 99  ILE n 
1 100 ARG n 
1 101 ARG n 
1 102 LEU n 
1 103 ASP n 
1 104 ALA n 
1 105 ASP n 
1 106 LEU n 
1 107 ALA n 
# 
_entity_src_gen.entity_id                          1 
_entity_src_gen.pdbx_src_id                        1 
_entity_src_gen.pdbx_alt_source_flag               sample 
_entity_src_gen.pdbx_seq_type                      'Biological sequence' 
_entity_src_gen.pdbx_beg_seq_num                   1 
_entity_src_gen.pdbx_end_seq_num                   107 
_entity_src_gen.gene_src_common_name               Human 
_entity_src_gen.gene_src_genus                     ? 
_entity_src_gen.pdbx_gene_src_gene                 ING5 
_entity_src_gen.gene_src_species                   ? 
_entity_src_gen.gene_src_strain                    ? 
_entity_src_gen.gene_src_tissue                    ? 
_entity_src_gen.gene_src_tissue_fraction           ? 
_entity_src_gen.gene_src_details                   ? 
_entity_src_gen.pdbx_gene_src_fragment             ? 
_entity_src_gen.pdbx_gene_src_scientific_name      'Homo sapiens' 
_entity_src_gen.pdbx_gene_src_ncbi_taxonomy_id     9606 
_entity_src_gen.pdbx_gene_src_variant              ? 
_entity_src_gen.pdbx_gene_src_cell_line            ? 
_entity_src_gen.pdbx_gene_src_atcc                 ? 
_entity_src_gen.pdbx_gene_src_organ                ? 
_entity_src_gen.pdbx_gene_src_organelle            ? 
_entity_src_gen.pdbx_gene_src_cell                 ? 
_entity_src_gen.pdbx_gene_src_cellular_location    ? 
_entity_src_gen.host_org_common_name               ? 
_entity_src_gen.pdbx_host_org_scientific_name      'Escherichia coli' 
_entity_src_gen.pdbx_host_org_ncbi_taxonomy_id     562 
_entity_src_gen.host_org_genus                     ? 
_entity_src_gen.pdbx_host_org_gene                 ? 
_entity_src_gen.pdbx_host_org_organ                ? 
_entity_src_gen.host_org_species                   ? 
_entity_src_gen.pdbx_host_org_tissue               ? 
_entity_src_gen.pdbx_host_org_tissue_fraction      ? 
_entity_src_gen.pdbx_host_org_strain               ? 
_entity_src_gen.pdbx_host_org_variant              ? 
_entity_src_gen.pdbx_host_org_cell_line            ? 
_entity_src_gen.pdbx_host_org_atcc                 ? 
_entity_src_gen.pdbx_host_org_culture_collection   ? 
_entity_src_gen.pdbx_host_org_cell                 ? 
_entity_src_gen.pdbx_host_org_organelle            ? 
_entity_src_gen.pdbx_host_org_cellular_location    ? 
_entity_src_gen.pdbx_host_org_vector_type          ? 
_entity_src_gen.pdbx_host_org_vector               ? 
_entity_src_gen.host_org_details                   ? 
_entity_src_gen.expression_system_id               ? 
_entity_src_gen.plasmid_name                       ? 
_entity_src_gen.plasmid_details                    ? 
_entity_src_gen.pdbx_description                   ? 
# 
loop_
_chem_comp.id 
_chem_comp.type 
_chem_comp.mon_nstd_flag 
_chem_comp.name 
_chem_comp.pdbx_synonyms 
_chem_comp.formula 
_chem_comp.formula_weight 
ALA 'L-peptide linking' y ALANINE         ? 'C3 H7 N O2'     89.093  
ARG 'L-peptide linking' y ARGININE        ? 'C6 H15 N4 O2 1' 175.209 
ASN 'L-peptide linking' y ASPARAGINE      ? 'C4 H8 N2 O3'    132.118 
ASP 'L-peptide linking' y 'ASPARTIC ACID' ? 'C4 H7 N O4'     133.103 
CYS 'L-peptide linking' y CYSTEINE        ? 'C3 H7 N O2 S'   121.158 
GLN 'L-peptide linking' y GLUTAMINE       ? 'C5 H10 N2 O3'   146.144 
GLU 'L-peptide linking' y 'GLUTAMIC ACID' ? 'C5 H9 N O4'     147.129 
GLY 'peptide linking'   y GLYCINE         ? 'C2 H5 N O2'     75.067  
HIS 'L-peptide linking' y HISTIDINE       ? 'C6 H10 N3 O2 1' 156.162 
HOH non-polymer         . WATER           ? 'H2 O'           18.015  
ILE 'L-peptide linking' y ISOLEUCINE      ? 'C6 H13 N O2'    131.173 
LEU 'L-peptide linking' y LEUCINE         ? 'C6 H13 N O2'    131.173 
LYS 'L-peptide linking' y LYSINE          ? 'C6 H15 N2 O2 1' 147.195 
MET 'L-peptide linking' y METHIONINE      ? 'C5 H11 N O2 S'  149.211 
NA  non-polymer         . 'SODIUM ION'    ? 'Na 1'           22.990  
PHE 'L-peptide linking' y PHENYLALANINE   ? 'C9 H11 N O2'    165.189 
PRO 'L-peptide linking' y PROLINE         ? 'C5 H9 N O2'     115.130 
SER 'L-peptide linking' y SERINE          ? 'C3 H7 N O3'     105.093 
SO4 non-polymer         . 'SULFATE ION'   ? 'O4 S -2'        96.063  
THR 'L-peptide linking' y THREONINE       ? 'C4 H9 N O3'     119.119 
TYR 'L-peptide linking' y TYROSINE        ? 'C9 H11 N O3'    181.189 
VAL 'L-peptide linking' y VALINE          ? 'C5 H11 N O2'    117.146 
# 
loop_
_pdbx_poly_seq_scheme.asym_id 
_pdbx_poly_seq_scheme.entity_id 
_pdbx_poly_seq_scheme.seq_id 
_pdbx_poly_seq_scheme.mon_id 
_pdbx_poly_seq_scheme.ndb_seq_num 
_pdbx_poly_seq_scheme.pdb_seq_num 
_pdbx_poly_seq_scheme.auth_seq_num 
_pdbx_poly_seq_scheme.pdb_mon_id 
_pdbx_poly_seq_scheme.auth_mon_id 
_pdbx_poly_seq_scheme.pdb_strand_id 
_pdbx_poly_seq_scheme.pdb_ins_code 
_pdbx_poly_seq_scheme.hetero 
A 1 1   GLY 1   -1  -1  GLY GLY A . n 
A 1 2   ALA 2   0   0   ALA ALA A . n 
A 1 3   MET 3   1   1   MET MET A . n 
A 1 4   ALA 4   2   2   ALA ALA A . n 
A 1 5   THR 5   3   3   THR THR A . n 
A 1 6   ALA 6   4   4   ALA ALA A . n 
A 1 7   MET 7   5   5   MET MET A . n 
A 1 8   TYR 8   6   6   TYR TYR A . n 
A 1 9   LEU 9   7   7   LEU LEU A . n 
A 1 10  GLU 10  8   8   GLU GLU A . n 
A 1 11  HIS 11  9   9   HIS HIS A . n 
A 1 12  TYR 12  10  10  TYR TYR A . n 
A 1 13  LEU 13  11  11  LEU LEU A . n 
A 1 14  ASP 14  12  12  ASP ASP A . n 
A 1 15  SER 15  13  13  SER SER A . n 
A 1 16  ILE 16  14  14  ILE ILE A . n 
A 1 17  GLU 17  15  15  GLU GLU A . n 
A 1 18  ASN 18  16  16  ASN ASN A . n 
A 1 19  LEU 19  17  17  LEU LEU A . n 
A 1 20  PRO 20  18  18  PRO PRO A . n 
A 1 21  SER 21  19  19  SER SER A . n 
A 1 22  GLU 22  20  20  GLU GLU A . n 
A 1 23  LEU 23  21  21  LEU LEU A . n 
A 1 24  GLN 24  22  22  GLN GLN A . n 
A 1 25  ARG 25  23  23  ARG ARG A . n 
A 1 26  ASN 26  24  24  ASN ASN A . n 
A 1 27  PHE 27  25  25  PHE PHE A . n 
A 1 28  GLN 28  26  26  GLN GLN A . n 
A 1 29  LEU 29  27  27  LEU LEU A . n 
A 1 30  MET 30  28  28  MET MET A . n 
A 1 31  ARG 31  29  29  ARG ARG A . n 
A 1 32  GLU 32  30  30  GLU GLU A . n 
A 1 33  LEU 33  31  31  LEU LEU A . n 
A 1 34  ASP 34  32  32  ASP ASP A . n 
A 1 35  GLN 35  33  33  GLN GLN A . n 
A 1 36  ARG 36  34  34  ARG ARG A . n 
A 1 37  THR 37  35  35  THR THR A . n 
A 1 38  GLU 38  36  36  GLU GLU A . n 
A 1 39  ASP 39  37  37  ASP ASP A . n 
A 1 40  LYS 40  38  38  LYS LYS A . n 
A 1 41  LYS 41  39  39  LYS LYS A . n 
A 1 42  ALA 42  40  40  ALA ALA A . n 
A 1 43  GLU 43  41  41  GLU GLU A . n 
A 1 44  ILE 44  42  42  ILE ILE A . n 
A 1 45  ASP 45  43  43  ASP ASP A . n 
A 1 46  ILE 46  44  44  ILE ILE A . n 
A 1 47  LEU 47  45  45  LEU LEU A . n 
A 1 48  ALA 48  46  46  ALA ALA A . n 
A 1 49  ALA 49  47  47  ALA ALA A . n 
A 1 50  GLU 50  48  48  GLU GLU A . n 
A 1 51  TYR 51  49  49  TYR TYR A . n 
A 1 52  ILE 52  50  50  ILE ILE A . n 
A 1 53  SER 53  51  51  SER SER A . n 
A 1 54  THR 54  52  52  THR THR A . n 
A 1 55  VAL 55  53  53  VAL VAL A . n 
A 1 56  LYS 56  54  54  LYS LYS A . n 
A 1 57  THR 57  55  55  THR THR A . n 
A 1 58  LEU 58  56  56  LEU LEU A . n 
A 1 59  SER 59  57  57  SER SER A . n 
A 1 60  PRO 60  58  58  PRO PRO A . n 
A 1 61  ASP 61  59  59  ASP ASP A . n 
A 1 62  GLN 62  60  60  GLN GLN A . n 
A 1 63  ARG 63  61  61  ARG ARG A . n 
A 1 64  VAL 64  62  62  VAL VAL A . n 
A 1 65  GLU 65  63  63  GLU GLU A . n 
A 1 66  ARG 66  64  64  ARG ARG A . n 
A 1 67  LEU 67  65  65  LEU LEU A . n 
A 1 68  GLN 68  66  66  GLN GLN A . n 
A 1 69  LYS 69  67  67  LYS LYS A . n 
A 1 70  ILE 70  68  68  ILE ILE A . n 
A 1 71  GLN 71  69  69  GLN GLN A . n 
A 1 72  ASN 72  70  70  ASN ASN A . n 
A 1 73  ALA 73  71  71  ALA ALA A . n 
A 1 74  TYR 74  72  72  TYR TYR A . n 
A 1 75  SER 75  73  73  SER SER A . n 
A 1 76  LYS 76  74  74  LYS LYS A . n 
A 1 77  CYS 77  75  75  CYS CYS A . n 
A 1 78  LYS 78  76  76  LYS LYS A . n 
A 1 79  GLU 79  77  77  GLU GLU A . n 
A 1 80  TYR 80  78  78  TYR TYR A . n 
A 1 81  SER 81  79  79  SER SER A . n 
A 1 82  ASP 82  80  80  ASP ASP A . n 
A 1 83  ASP 83  81  81  ASP ASP A . n 
A 1 84  LYS 84  82  82  LYS LYS A . n 
A 1 85  VAL 85  83  83  VAL VAL A . n 
A 1 86  GLN 86  84  84  GLN GLN A . n 
A 1 87  LEU 87  85  85  LEU LEU A . n 
A 1 88  ALA 88  86  86  ALA ALA A . n 
A 1 89  MET 89  87  87  MET MET A . n 
A 1 90  GLN 90  88  88  GLN GLN A . n 
A 1 91  THR 91  89  89  THR THR A . n 
A 1 92  TYR 92  90  90  TYR TYR A . n 
A 1 93  GLU 93  91  91  GLU GLU A . n 
A 1 94  MET 94  92  92  MET MET A . n 
A 1 95  VAL 95  93  93  VAL VAL A . n 
A 1 96  ASP 96  94  94  ASP ASP A . n 
A 1 97  LYS 97  95  95  LYS LYS A . n 
A 1 98  HIS 98  96  96  HIS HIS A . n 
A 1 99  ILE 99  97  97  ILE ILE A . n 
A 1 100 ARG 100 98  98  ARG ARG A . n 
A 1 101 ARG 101 99  99  ARG ARG A . n 
A 1 102 LEU 102 100 100 LEU LEU A . n 
A 1 103 ASP 103 101 101 ASP ASP A . n 
A 1 104 ALA 104 102 102 ALA ALA A . n 
A 1 105 ASP 105 103 103 ASP ASP A . n 
A 1 106 LEU 106 104 104 LEU LEU A . n 
A 1 107 ALA 107 105 105 ALA ALA A . n 
B 1 1   GLY 1   -1  -1  GLY GLY B . n 
B 1 2   ALA 2   0   0   ALA ALA B . n 
B 1 3   MET 3   1   1   MET MET B . n 
B 1 4   ALA 4   2   2   ALA ALA B . n 
B 1 5   THR 5   3   3   THR THR B . n 
B 1 6   ALA 6   4   4   ALA ALA B . n 
B 1 7   MET 7   5   5   MET MET B . n 
B 1 8   TYR 8   6   6   TYR TYR B . n 
B 1 9   LEU 9   7   7   LEU LEU B . n 
B 1 10  GLU 10  8   8   GLU GLU B . n 
B 1 11  HIS 11  9   9   HIS HIS B . n 
B 1 12  TYR 12  10  10  TYR TYR B . n 
B 1 13  LEU 13  11  11  LEU LEU B . n 
B 1 14  ASP 14  12  12  ASP ASP B . n 
B 1 15  SER 15  13  13  SER SER B . n 
B 1 16  ILE 16  14  14  ILE ILE B . n 
B 1 17  GLU 17  15  15  GLU GLU B . n 
B 1 18  ASN 18  16  16  ASN ASN B . n 
B 1 19  LEU 19  17  17  LEU LEU B . n 
B 1 20  PRO 20  18  18  PRO PRO B . n 
B 1 21  SER 21  19  19  SER SER B . n 
B 1 22  GLU 22  20  20  GLU GLU B . n 
B 1 23  LEU 23  21  21  LEU LEU B . n 
B 1 24  GLN 24  22  22  GLN GLN B . n 
B 1 25  ARG 25  23  23  ARG ARG B . n 
B 1 26  ASN 26  24  24  ASN ASN B . n 
B 1 27  PHE 27  25  25  PHE PHE B . n 
B 1 28  GLN 28  26  26  GLN GLN B . n 
B 1 29  LEU 29  27  27  LEU LEU B . n 
B 1 30  MET 30  28  28  MET MET B . n 
B 1 31  ARG 31  29  29  ARG ARG B . n 
B 1 32  GLU 32  30  30  GLU GLU B . n 
B 1 33  LEU 33  31  31  LEU LEU B . n 
B 1 34  ASP 34  32  32  ASP ASP B . n 
B 1 35  GLN 35  33  33  GLN GLN B . n 
B 1 36  ARG 36  34  34  ARG ARG B . n 
B 1 37  THR 37  35  35  THR THR B . n 
B 1 38  GLU 38  36  36  GLU GLU B . n 
B 1 39  ASP 39  37  37  ASP ASP B . n 
B 1 40  LYS 40  38  38  LYS LYS B . n 
B 1 41  LYS 41  39  39  LYS LYS B . n 
B 1 42  ALA 42  40  40  ALA ALA B . n 
B 1 43  GLU 43  41  41  GLU GLU B . n 
B 1 44  ILE 44  42  42  ILE ILE B . n 
B 1 45  ASP 45  43  43  ASP ASP B . n 
B 1 46  ILE 46  44  44  ILE ILE B . n 
B 1 47  LEU 47  45  45  LEU LEU B . n 
B 1 48  ALA 48  46  46  ALA ALA B . n 
B 1 49  ALA 49  47  47  ALA ALA B . n 
B 1 50  GLU 50  48  48  GLU GLU B . n 
B 1 51  TYR 51  49  49  TYR TYR B . n 
B 1 52  ILE 52  50  50  ILE ILE B . n 
B 1 53  SER 53  51  51  SER SER B . n 
B 1 54  THR 54  52  52  THR THR B . n 
B 1 55  VAL 55  53  53  VAL VAL B . n 
B 1 56  LYS 56  54  54  LYS LYS B . n 
B 1 57  THR 57  55  55  THR THR B . n 
B 1 58  LEU 58  56  56  LEU LEU B . n 
B 1 59  SER 59  57  57  SER SER B . n 
B 1 60  PRO 60  58  58  PRO PRO B . n 
B 1 61  ASP 61  59  59  ASP ASP B . n 
B 1 62  GLN 62  60  60  GLN GLN B . n 
B 1 63  ARG 63  61  61  ARG ARG B . n 
B 1 64  VAL 64  62  62  VAL VAL B . n 
B 1 65  GLU 65  63  63  GLU GLU B . n 
B 1 66  ARG 66  64  64  ARG ARG B . n 
B 1 67  LEU 67  65  65  LEU LEU B . n 
B 1 68  GLN 68  66  66  GLN GLN B . n 
B 1 69  LYS 69  67  67  LYS LYS B . n 
B 1 70  ILE 70  68  68  ILE ILE B . n 
B 1 71  GLN 71  69  69  GLN GLN B . n 
B 1 72  ASN 72  70  70  ASN ASN B . n 
B 1 73  ALA 73  71  71  ALA ALA B . n 
B 1 74  TYR 74  72  72  TYR TYR B . n 
B 1 75  SER 75  73  73  SER SER B . n 
B 1 76  LYS 76  74  74  LYS LYS B . n 
B 1 77  CYS 77  75  75  CYS CYS B . n 
B 1 78  LYS 78  76  76  LYS LYS B . n 
B 1 79  GLU 79  77  77  GLU GLU B . n 
B 1 80  TYR 80  78  78  TYR TYR B . n 
B 1 81  SER 81  79  79  SER SER B . n 
B 1 82  ASP 82  80  80  ASP ASP B . n 
B 1 83  ASP 83  81  81  ASP ASP B . n 
B 1 84  LYS 84  82  82  LYS LYS B . n 
B 1 85  VAL 85  83  83  VAL VAL B . n 
B 1 86  GLN 86  84  84  GLN GLN B . n 
B 1 87  LEU 87  85  85  LEU LEU B . n 
B 1 88  ALA 88  86  86  ALA ALA B . n 
B 1 89  MET 89  87  87  MET MET B . n 
B 1 90  GLN 90  88  88  GLN GLN B . n 
B 1 91  THR 91  89  89  THR THR B . n 
B 1 92  TYR 92  90  90  TYR TYR B . n 
B 1 93  GLU 93  91  91  GLU GLU B . n 
B 1 94  MET 94  92  92  MET MET B . n 
B 1 95  VAL 95  93  93  VAL VAL B . n 
B 1 96  ASP 96  94  94  ASP ASP B . n 
B 1 97  LYS 97  95  95  LYS LYS B . n 
B 1 98  HIS 98  96  96  HIS HIS B . n 
B 1 99  ILE 99  97  97  ILE ILE B . n 
B 1 100 ARG 100 98  98  ARG ARG B . n 
B 1 101 ARG 101 99  99  ARG ARG B . n 
B 1 102 LEU 102 100 100 LEU LEU B . n 
B 1 103 ASP 103 101 101 ASP ASP B . n 
B 1 104 ALA 104 102 102 ALA ALA B . n 
B 1 105 ASP 105 103 103 ASP ASP B . n 
B 1 106 LEU 106 104 104 LEU LEU B . n 
B 1 107 ALA 107 105 105 ALA ALA B . n 
# 
loop_
_pdbx_nonpoly_scheme.asym_id 
_pdbx_nonpoly_scheme.entity_id 
_pdbx_nonpoly_scheme.mon_id 
_pdbx_nonpoly_scheme.ndb_seq_num 
_pdbx_nonpoly_scheme.pdb_seq_num 
_pdbx_nonpoly_scheme.auth_seq_num 
_pdbx_nonpoly_scheme.pdb_mon_id 
_pdbx_nonpoly_scheme.auth_mon_id 
_pdbx_nonpoly_scheme.pdb_strand_id 
_pdbx_nonpoly_scheme.pdb_ins_code 
C 2 NA  1 201 4 NA  NA  A . 
D 3 SO4 1 202 2 SO4 SO4 A . 
E 4 HOH 1 301 1 HOH HOH A . 
F 4 HOH 1 201 3 HOH HOH B . 
F 4 HOH 2 202 2 HOH HOH B . 
# 
loop_
_software.citation_id 
_software.classification 
_software.compiler_name 
_software.compiler_version 
_software.contact_author 
_software.contact_author_email 
_software.date 
_software.description 
_software.dependencies 
_software.hardware 
_software.language 
_software.location 
_software.mods 
_software.name 
_software.os 
_software.os_version 
_software.type 
_software.version 
_software.pdbx_ordinal 
? refinement        ? ? ? ? ? ? ? ? ? ? ? REFMAC      ? ? ? 5.8.0158 1 
? 'data scaling'    ? ? ? ? ? ? ? ? ? ? ? SCALA       ? ? ? 3.3.22   2 
? 'data extraction' ? ? ? ? ? ? ? ? ? ? ? PDB_EXTRACT ? ? ? 3.22     3 
? 'data reduction'  ? ? ? ? ? ? ? ? ? ? ? MOSFLM      ? ? ? .        4 
? phasing           ? ? ? ? ? ? ? ? ? ? ? MOLREP      ? ? ? .        5 
# 
_cell.angle_alpha                  90.000 
_cell.angle_alpha_esd              ? 
_cell.angle_beta                   90.000 
_cell.angle_beta_esd               ? 
_cell.angle_gamma                  120.000 
_cell.angle_gamma_esd              ? 
_cell.entry_id                     5MTO 
_cell.details                      ? 
_cell.formula_units_Z              ? 
_cell.length_a                     140.940 
_cell.length_a_esd                 ? 
_cell.length_b                     140.940 
_cell.length_b_esd                 ? 
_cell.length_c                     92.323 
_cell.length_c_esd                 ? 
_cell.volume                       ? 
_cell.volume_esd                   ? 
_cell.Z_PDB                        24 
_cell.reciprocal_angle_alpha       ? 
_cell.reciprocal_angle_beta        ? 
_cell.reciprocal_angle_gamma       ? 
_cell.reciprocal_angle_alpha_esd   ? 
_cell.reciprocal_angle_beta_esd    ? 
_cell.reciprocal_angle_gamma_esd   ? 
_cell.reciprocal_length_a          ? 
_cell.reciprocal_length_b          ? 
_cell.reciprocal_length_c          ? 
_cell.reciprocal_length_a_esd      ? 
_cell.reciprocal_length_b_esd      ? 
_cell.reciprocal_length_c_esd      ? 
_cell.pdbx_unique_axis             ? 
# 
_symmetry.entry_id                         5MTO 
_symmetry.cell_setting                     ? 
_symmetry.Int_Tables_number                179 
_symmetry.space_group_name_Hall            ? 
_symmetry.space_group_name_H-M             'P 65 2 2' 
_symmetry.pdbx_full_space_group_name_H-M   ? 
# 
_exptl.absorpt_coefficient_mu     ? 
_exptl.absorpt_correction_T_max   ? 
_exptl.absorpt_correction_T_min   ? 
_exptl.absorpt_correction_type    ? 
_exptl.absorpt_process_details    ? 
_exptl.entry_id                   5MTO 
_exptl.crystals_number            1 
_exptl.details                    ? 
_exptl.method                     'X-RAY DIFFRACTION' 
_exptl.method_details             ? 
# 
_exptl_crystal.colour                      ? 
_exptl_crystal.density_diffrn              ? 
_exptl_crystal.density_Matthews            5.27 
_exptl_crystal.density_method              ? 
_exptl_crystal.density_percent_sol         76.68 
_exptl_crystal.description                 ? 
_exptl_crystal.F_000                       ? 
_exptl_crystal.id                          1 
_exptl_crystal.preparation                 ? 
_exptl_crystal.size_max                    ? 
_exptl_crystal.size_mid                    ? 
_exptl_crystal.size_min                    ? 
_exptl_crystal.size_rad                    ? 
_exptl_crystal.colour_lustre               ? 
_exptl_crystal.colour_modifier             ? 
_exptl_crystal.colour_primary              ? 
_exptl_crystal.density_meas                ? 
_exptl_crystal.density_meas_esd            ? 
_exptl_crystal.density_meas_gt             ? 
_exptl_crystal.density_meas_lt             ? 
_exptl_crystal.density_meas_temp           ? 
_exptl_crystal.density_meas_temp_esd       ? 
_exptl_crystal.density_meas_temp_gt        ? 
_exptl_crystal.density_meas_temp_lt        ? 
_exptl_crystal.pdbx_crystal_image_url      ? 
_exptl_crystal.pdbx_crystal_image_format   ? 
_exptl_crystal.pdbx_mosaicity              ? 
_exptl_crystal.pdbx_mosaicity_esd          ? 
# 
_exptl_crystal_grow.apparatus       ? 
_exptl_crystal_grow.atmosphere      ? 
_exptl_crystal_grow.crystal_id      1 
_exptl_crystal_grow.details         ? 
_exptl_crystal_grow.method          'VAPOR DIFFUSION, HANGING DROP' 
_exptl_crystal_grow.method_ref      ? 
_exptl_crystal_grow.pH              7.5 
_exptl_crystal_grow.pressure        ? 
_exptl_crystal_grow.pressure_esd    ? 
_exptl_crystal_grow.seeding         ? 
_exptl_crystal_grow.seeding_ref     ? 
_exptl_crystal_grow.temp            291 
_exptl_crystal_grow.temp_details    ? 
_exptl_crystal_grow.temp_esd        ? 
_exptl_crystal_grow.time            ? 
_exptl_crystal_grow.pdbx_details    
;0.78 M NPS
0.08 HEPES/MOPS Buffer pH 7.5
32.8% MPD_PEG1K_PEG3350
;
_exptl_crystal_grow.pdbx_pH_range   ? 
# 
_diffrn.ambient_environment    ? 
_diffrn.ambient_temp           100 
_diffrn.ambient_temp_details   ? 
_diffrn.ambient_temp_esd       ? 
_diffrn.crystal_id             1 
_diffrn.crystal_support        ? 
_diffrn.crystal_treatment      ? 
_diffrn.details                ? 
_diffrn.id                     1 
_diffrn.ambient_pressure       ? 
_diffrn.ambient_pressure_esd   ? 
_diffrn.ambient_pressure_gt    ? 
_diffrn.ambient_pressure_lt    ? 
_diffrn.ambient_temp_gt        ? 
_diffrn.ambient_temp_lt        ? 
# 
_diffrn_detector.details                      ? 
_diffrn_detector.detector                     PIXEL 
_diffrn_detector.diffrn_id                    1 
_diffrn_detector.type                         'DECTRIS PILATUS3 6M' 
_diffrn_detector.area_resol_mean              ? 
_diffrn_detector.dtime                        ? 
_diffrn_detector.pdbx_frames_total            ? 
_diffrn_detector.pdbx_collection_time_total   ? 
_diffrn_detector.pdbx_collection_date         2013-06-06 
# 
_diffrn_radiation.collimation                      ? 
_diffrn_radiation.diffrn_id                        1 
_diffrn_radiation.filter_edge                      ? 
_diffrn_radiation.inhomogeneity                    ? 
_diffrn_radiation.monochromator                    ? 
_diffrn_radiation.polarisn_norm                    ? 
_diffrn_radiation.polarisn_ratio                   ? 
_diffrn_radiation.probe                            ? 
_diffrn_radiation.type                             ? 
_diffrn_radiation.xray_symbol                      ? 
_diffrn_radiation.wavelength_id                    1 
_diffrn_radiation.pdbx_monochromatic_or_laue_m_l   M 
_diffrn_radiation.pdbx_wavelength_list             ? 
_diffrn_radiation.pdbx_wavelength                  ? 
_diffrn_radiation.pdbx_diffrn_protocol             'SINGLE WAVELENGTH' 
_diffrn_radiation.pdbx_analyzer                    ? 
_diffrn_radiation.pdbx_scattering_type             x-ray 
# 
_diffrn_radiation_wavelength.id           1 
_diffrn_radiation_wavelength.wavelength   0.98011 
_diffrn_radiation_wavelength.wt           1.0 
# 
_diffrn_source.current                     ? 
_diffrn_source.details                     ? 
_diffrn_source.diffrn_id                   1 
_diffrn_source.power                       ? 
_diffrn_source.size                        ? 
_diffrn_source.source                      SYNCHROTRON 
_diffrn_source.target                      ? 
_diffrn_source.type                        'SOLEIL BEAMLINE PROXIMA 1' 
_diffrn_source.voltage                     ? 
_diffrn_source.take-off_angle              ? 
_diffrn_source.pdbx_wavelength_list        0.98011 
_diffrn_source.pdbx_wavelength             ? 
_diffrn_source.pdbx_synchrotron_beamline   'PROXIMA 1' 
_diffrn_source.pdbx_synchrotron_site       SOLEIL 
# 
_reflns.B_iso_Wilson_estimate            ? 
_reflns.entry_id                         5MTO 
_reflns.data_reduction_details           ? 
_reflns.data_reduction_method            ? 
_reflns.d_resolution_high                3.100 
_reflns.d_resolution_low                 122.058 
_reflns.details                          ? 
_reflns.limit_h_max                      ? 
_reflns.limit_h_min                      ? 
_reflns.limit_k_max                      ? 
_reflns.limit_k_min                      ? 
_reflns.limit_l_max                      ? 
_reflns.limit_l_min                      ? 
_reflns.number_all                       ? 
_reflns.number_obs                       10298 
_reflns.observed_criterion               ? 
_reflns.observed_criterion_F_max         ? 
_reflns.observed_criterion_F_min         ? 
_reflns.observed_criterion_I_max         ? 
_reflns.observed_criterion_I_min         ? 
_reflns.observed_criterion_sigma_F       ? 
_reflns.observed_criterion_sigma_I       ? 
_reflns.percent_possible_obs             100.000 
_reflns.R_free_details                   ? 
_reflns.Rmerge_F_all                     ? 
_reflns.Rmerge_F_obs                     ? 
_reflns.Friedel_coverage                 ? 
_reflns.number_gt                        ? 
_reflns.threshold_expression             ? 
_reflns.pdbx_redundancy                  18.300 
_reflns.pdbx_Rmerge_I_obs                ? 
_reflns.pdbx_Rmerge_I_all                ? 
_reflns.pdbx_Rsym_value                  0.174 
_reflns.pdbx_netI_over_av_sigmaI         1.700 
_reflns.pdbx_netI_over_sigmaI            9.700 
_reflns.pdbx_res_netI_over_av_sigmaI_2   ? 
_reflns.pdbx_res_netI_over_sigmaI_2      ? 
_reflns.pdbx_chi_squared                 ? 
_reflns.pdbx_scaling_rejects             ? 
_reflns.pdbx_d_res_high_opt              ? 
_reflns.pdbx_d_res_low_opt               ? 
_reflns.pdbx_d_res_opt_method            ? 
_reflns.phase_calculation_details        ? 
_reflns.pdbx_Rrim_I_all                  0.179 
_reflns.pdbx_Rpim_I_all                  0.042 
_reflns.pdbx_d_opt                       ? 
_reflns.pdbx_number_measured_all         ? 
_reflns.pdbx_diffrn_id                   1 
_reflns.pdbx_ordinal                     1 
_reflns.pdbx_CC_half                     ? 
_reflns.pdbx_R_split                     ? 
# 
loop_
_reflns_shell.d_res_high 
_reflns_shell.d_res_low 
_reflns_shell.meanI_over_sigI_all 
_reflns_shell.meanI_over_sigI_obs 
_reflns_shell.number_measured_all 
_reflns_shell.number_measured_obs 
_reflns_shell.number_possible 
_reflns_shell.number_unique_all 
_reflns_shell.number_unique_obs 
_reflns_shell.percent_possible_all 
_reflns_shell.percent_possible_obs 
_reflns_shell.Rmerge_F_all 
_reflns_shell.Rmerge_F_obs 
_reflns_shell.Rmerge_I_all 
_reflns_shell.Rmerge_I_obs 
_reflns_shell.meanI_over_sigI_gt 
_reflns_shell.meanI_over_uI_all 
_reflns_shell.meanI_over_uI_gt 
_reflns_shell.number_measured_gt 
_reflns_shell.number_unique_gt 
_reflns_shell.percent_possible_gt 
_reflns_shell.Rmerge_F_gt 
_reflns_shell.Rmerge_I_gt 
_reflns_shell.pdbx_redundancy 
_reflns_shell.pdbx_Rsym_value 
_reflns_shell.pdbx_chi_squared 
_reflns_shell.pdbx_netI_over_sigmaI_all 
_reflns_shell.pdbx_netI_over_sigmaI_obs 
_reflns_shell.pdbx_Rrim_I_all 
_reflns_shell.pdbx_Rpim_I_all 
_reflns_shell.pdbx_rejects 
_reflns_shell.pdbx_ordinal 
_reflns_shell.pdbx_diffrn_id 
_reflns_shell.pdbx_CC_half 
_reflns_shell.pdbx_R_split 
3.100 3.270  ? 0.800 ? ? ? ? ? 100.000 ? ? ? ? 0.938 ? ? ? ? ? ? ? ? 18.800 0.938 ? ? ? 0.964 0.221 ? 1  1 ? ? 
3.270 3.470  ? 1.100 ? ? ? ? ? 100.000 ? ? ? ? 0.613 ? ? ? ? ? ? ? ? 18.100 0.613 ? ? ? 0.631 0.148 ? 2  1 ? ? 
3.470 3.710  ? 1.700 ? ? ? ? ? 100.000 ? ? ? ? 0.396 ? ? ? ? ? ? ? ? 18.400 0.396 ? ? ? 0.407 0.094 ? 3  1 ? ? 
3.710 4.000  ? 2.200 ? ? ? ? ? 100.000 ? ? ? ? 0.281 ? ? ? ? ? ? ? ? 18.300 0.281 ? ? ? 0.289 0.068 ? 4  1 ? ? 
4.000 4.380  ? 3.100 ? ? ? ? ? 100.000 ? ? ? ? 0.194 ? ? ? ? ? ? ? ? 18.400 0.194 ? ? ? 0.200 0.046 ? 5  1 ? ? 
4.380 4.900  ? 3.700 ? ? ? ? ? 100.000 ? ? ? ? 0.165 ? ? ? ? ? ? ? ? 18.600 0.165 ? ? ? 0.170 0.039 ? 6  1 ? ? 
4.900 5.660  ? 3.600 ? ? ? ? ? 100.000 ? ? ? ? 0.170 ? ? ? ? ? ? ? ? 18.500 0.170 ? ? ? 0.175 0.041 ? 7  1 ? ? 
5.660 6.930  ? 3.900 ? ? ? ? ? 100.000 ? ? ? ? 0.170 ? ? ? ? ? ? ? ? 18.500 0.170 ? ? ? 0.175 0.040 ? 8  1 ? ? 
6.930 9.800  ? 6.100 ? ? ? ? ? 100.000 ? ? ? ? 0.094 ? ? ? ? ? ? ? ? 17.500 0.094 ? ? ? 0.097 0.022 ? 9  1 ? ? 
9.800 73.632 ? 2.900 ? ? ? ? ? 99.900  ? ? ? ? 0.094 ? ? ? ? ? ? ? ? 15.700 0.094 ? ? ? 0.098 0.025 ? 10 1 ? ? 
# 
_refine.aniso_B[1][1]                            2.3600 
_refine.aniso_B[1][2]                            1.1800 
_refine.aniso_B[1][3]                            0.0000 
_refine.aniso_B[2][2]                            2.3600 
_refine.aniso_B[2][3]                            0.0000 
_refine.aniso_B[3][3]                            -7.6500 
_refine.B_iso_max                                171.290 
_refine.B_iso_mean                               97.1470 
_refine.B_iso_min                                60.650 
_refine.correlation_coeff_Fo_to_Fc               0.9240 
_refine.correlation_coeff_Fo_to_Fc_free          0.9320 
_refine.details                                  
'HYDROGENS HAVE BEEN ADDED IN THE RIDING POSITIONS U VALUES      : REFINED INDIVIDUALLY' 
_refine.diff_density_max                         ? 
_refine.diff_density_max_esd                     ? 
_refine.diff_density_min                         ? 
_refine.diff_density_min_esd                     ? 
_refine.diff_density_rms                         ? 
_refine.diff_density_rms_esd                     ? 
_refine.entry_id                                 5MTO 
_refine.pdbx_refine_id                           'X-RAY DIFFRACTION' 
_refine.ls_abs_structure_details                 ? 
_refine.ls_abs_structure_Flack                   ? 
_refine.ls_abs_structure_Flack_esd               ? 
_refine.ls_abs_structure_Rogers                  ? 
_refine.ls_abs_structure_Rogers_esd              ? 
_refine.ls_d_res_high                            3.1000 
_refine.ls_d_res_low                             121 
_refine.ls_extinction_coef                       ? 
_refine.ls_extinction_coef_esd                   ? 
_refine.ls_extinction_expression                 ? 
_refine.ls_extinction_method                     ? 
_refine.ls_goodness_of_fit_all                   ? 
_refine.ls_goodness_of_fit_all_esd               ? 
_refine.ls_goodness_of_fit_obs                   ? 
_refine.ls_goodness_of_fit_obs_esd               ? 
_refine.ls_hydrogen_treatment                    ? 
_refine.ls_matrix_type                           ? 
_refine.ls_number_constraints                    ? 
_refine.ls_number_parameters                     ? 
_refine.ls_number_reflns_all                     ? 
_refine.ls_number_reflns_obs                     9761 
_refine.ls_number_reflns_R_free                  512 
_refine.ls_number_reflns_R_work                  ? 
_refine.ls_number_restraints                     ? 
_refine.ls_percent_reflns_obs                    99.9900 
_refine.ls_percent_reflns_R_free                 5.0000 
_refine.ls_R_factor_all                          ? 
_refine.ls_R_factor_obs                          0.2173 
_refine.ls_R_factor_R_free                       0.2538 
_refine.ls_R_factor_R_free_error                 ? 
_refine.ls_R_factor_R_free_error_details         ? 
_refine.ls_R_factor_R_work                       0.2153 
_refine.ls_R_Fsqd_factor_obs                     ? 
_refine.ls_R_I_factor_obs                        ? 
_refine.ls_redundancy_reflns_all                 ? 
_refine.ls_redundancy_reflns_obs                 ? 
_refine.ls_restrained_S_all                      ? 
_refine.ls_restrained_S_obs                      ? 
_refine.ls_shift_over_esd_max                    ? 
_refine.ls_shift_over_esd_mean                   ? 
_refine.ls_structure_factor_coef                 ? 
_refine.ls_weighting_details                     ? 
_refine.ls_weighting_scheme                      ? 
_refine.ls_wR_factor_all                         ? 
_refine.ls_wR_factor_obs                         ? 
_refine.ls_wR_factor_R_free                      ? 
_refine.ls_wR_factor_R_work                      ? 
_refine.occupancy_max                            ? 
_refine.occupancy_min                            ? 
_refine.solvent_model_details                    ? 
_refine.solvent_model_param_bsol                 ? 
_refine.solvent_model_param_ksol                 ? 
_refine.ls_R_factor_gt                           ? 
_refine.ls_goodness_of_fit_gt                    ? 
_refine.ls_goodness_of_fit_ref                   ? 
_refine.ls_shift_over_su_max                     ? 
_refine.ls_shift_over_su_max_lt                  ? 
_refine.ls_shift_over_su_mean                    ? 
_refine.ls_shift_over_su_mean_lt                 ? 
_refine.pdbx_ls_sigma_I                          ? 
_refine.pdbx_ls_sigma_F                          0.000 
_refine.pdbx_ls_sigma_Fsqd                       ? 
_refine.pdbx_data_cutoff_high_absF               ? 
_refine.pdbx_data_cutoff_high_rms_absF           ? 
_refine.pdbx_data_cutoff_low_absF                ? 
_refine.pdbx_isotropic_thermal_model             ? 
_refine.pdbx_ls_cross_valid_method               THROUGHOUT 
_refine.pdbx_method_to_determine_struct          'MOLECULAR REPLACEMENT' 
_refine.pdbx_starting_model                      5ME8 
_refine.pdbx_stereochemistry_target_values       ? 
_refine.pdbx_R_Free_selection_details            RANDOM 
_refine.pdbx_stereochem_target_val_spec_case     ? 
_refine.pdbx_overall_ESU_R                       0.5470 
_refine.pdbx_overall_ESU_R_Free                  0.3400 
_refine.pdbx_solvent_vdw_probe_radii             1.2000 
_refine.pdbx_solvent_ion_probe_radii             0.8000 
_refine.pdbx_solvent_shrinkage_radii             0.8000 
_refine.pdbx_real_space_R                        ? 
_refine.pdbx_density_correlation                 ? 
_refine.pdbx_pd_number_of_powder_patterns        ? 
_refine.pdbx_pd_number_of_points                 ? 
_refine.pdbx_pd_meas_number_of_points            ? 
_refine.pdbx_pd_proc_ls_prof_R_factor            ? 
_refine.pdbx_pd_proc_ls_prof_wR_factor           ? 
_refine.pdbx_pd_Marquardt_correlation_coeff      ? 
_refine.pdbx_pd_Fsqrd_R_factor                   ? 
_refine.pdbx_pd_ls_matrix_band_width             ? 
_refine.pdbx_overall_phase_error                 ? 
_refine.pdbx_overall_SU_R_free_Cruickshank_DPI   ? 
_refine.pdbx_overall_SU_R_free_Blow_DPI          ? 
_refine.pdbx_overall_SU_R_Blow_DPI               ? 
_refine.pdbx_TLS_residual_ADP_flag               ? 
_refine.pdbx_diffrn_id                           1 
_refine.overall_SU_B                             17.1190 
_refine.overall_SU_ML                            0.2840 
_refine.overall_SU_R_Cruickshank_DPI             0.5466 
_refine.overall_SU_R_free                        ? 
_refine.overall_FOM_free_R_set                   ? 
_refine.overall_FOM_work_R_set                   ? 
_refine.pdbx_average_fsc_overall                 ? 
_refine.pdbx_average_fsc_work                    ? 
_refine.pdbx_average_fsc_free                    ? 
# 
_refine_hist.cycle_id                         final 
_refine_hist.pdbx_refine_id                   'X-RAY DIFFRACTION' 
_refine_hist.d_res_high                       3.1000 
_refine_hist.d_res_low                        121 
_refine_hist.pdbx_number_atoms_ligand         6 
_refine_hist.number_atoms_solvent             3 
_refine_hist.number_atoms_total               1761 
_refine_hist.pdbx_number_residues_total       214 
_refine_hist.pdbx_B_iso_mean_ligand           88.52 
_refine_hist.pdbx_B_iso_mean_solvent          71.80 
_refine_hist.pdbx_number_atoms_protein        1752 
_refine_hist.pdbx_number_atoms_nucleic_acid   0 
# 
loop_
_refine_ls_restr.pdbx_refine_id 
_refine_ls_restr.criterion 
_refine_ls_restr.dev_ideal 
_refine_ls_restr.dev_ideal_target 
_refine_ls_restr.number 
_refine_ls_restr.rejects 
_refine_ls_restr.type 
_refine_ls_restr.weight 
_refine_ls_restr.pdbx_restraint_function 
'X-RAY DIFFRACTION' ? 0.007  0.019  1776 ? r_bond_refined_d       ? ? 
'X-RAY DIFFRACTION' ? 0.001  0.020  1660 ? r_bond_other_d         ? ? 
'X-RAY DIFFRACTION' ? 1.024  1.985  2388 ? r_angle_refined_deg    ? ? 
'X-RAY DIFFRACTION' ? 0.856  3.000  3864 ? r_angle_other_deg      ? ? 
'X-RAY DIFFRACTION' ? 4.839  5.000  212  ? r_dihedral_angle_1_deg ? ? 
'X-RAY DIFFRACTION' ? 37.033 25.106 94   ? r_dihedral_angle_2_deg ? ? 
'X-RAY DIFFRACTION' ? 16.635 15.000 356  ? r_dihedral_angle_3_deg ? ? 
'X-RAY DIFFRACTION' ? 17.145 15.000 14   ? r_dihedral_angle_4_deg ? ? 
'X-RAY DIFFRACTION' ? 0.047  0.200  267  ? r_chiral_restr         ? ? 
'X-RAY DIFFRACTION' ? 0.004  0.020  1948 ? r_gen_planes_refined   ? ? 
'X-RAY DIFFRACTION' ? 0.001  0.020  330  ? r_gen_planes_other     ? ? 
# 
_refine_ls_shell.pdbx_refine_id                   'X-RAY DIFFRACTION' 
_refine_ls_shell.d_res_high                       3.1000 
_refine_ls_shell.d_res_low                        3.1810 
_refine_ls_shell.number_reflns_all                756 
_refine_ls_shell.number_reflns_obs                ? 
_refine_ls_shell.number_reflns_R_free             35 
_refine_ls_shell.number_reflns_R_work             721 
_refine_ls_shell.percent_reflns_obs               100.0000 
_refine_ls_shell.percent_reflns_R_free            ? 
_refine_ls_shell.R_factor_all                     ? 
_refine_ls_shell.R_factor_obs                     ? 
_refine_ls_shell.R_factor_R_free                  0.3410 
_refine_ls_shell.R_factor_R_free_error            0.0000 
_refine_ls_shell.R_factor_R_work                  0.3450 
_refine_ls_shell.redundancy_reflns_all            ? 
_refine_ls_shell.redundancy_reflns_obs            ? 
_refine_ls_shell.wR_factor_all                    ? 
_refine_ls_shell.wR_factor_obs                    ? 
_refine_ls_shell.wR_factor_R_free                 ? 
_refine_ls_shell.wR_factor_R_work                 ? 
_refine_ls_shell.pdbx_total_number_of_bins_used   20 
_refine_ls_shell.pdbx_phase_error                 ? 
_refine_ls_shell.pdbx_fsc_work                    ? 
_refine_ls_shell.pdbx_fsc_free                    ? 
# 
_struct.entry_id                     5MTO 
_struct.title                        'N-terminal domain of the human tumor suppressor ING5 C19S mutant' 
_struct.pdbx_model_details           ? 
_struct.pdbx_formula_weight          ? 
_struct.pdbx_formula_weight_method   ? 
_struct.pdbx_model_type_details      ? 
_struct.pdbx_CASP_flag               N 
# 
_struct_keywords.entry_id        5MTO 
_struct_keywords.text            'ING5, tumor suppressor, Signaling protein' 
_struct_keywords.pdbx_keywords   'SIGNALING PROTEIN' 
# 
loop_
_struct_asym.id 
_struct_asym.pdbx_blank_PDB_chainid_flag 
_struct_asym.pdbx_modified 
_struct_asym.entity_id 
_struct_asym.details 
A N N 1 ? 
B N N 1 ? 
C N N 2 ? 
D N N 3 ? 
E N N 4 ? 
F N N 4 ? 
# 
_struct_ref.id                         1 
_struct_ref.db_name                    UNP 
_struct_ref.db_code                    ING5_HUMAN 
_struct_ref.pdbx_db_accession          Q8WYH8 
_struct_ref.pdbx_db_isoform            ? 
_struct_ref.entity_id                  1 
_struct_ref.pdbx_seq_one_letter_code   
;MATAMYLEHYLDSIENLPCELQRNFQLMRELDQRTEDKKAEIDILAAEYISTVKTLSPDQRVERLQKIQNAYSKCKEYSD
DKVQLAMQTYEMVDKHIRRLDADLA
;
_struct_ref.pdbx_align_begin           1 
# 
loop_
_struct_ref_seq.align_id 
_struct_ref_seq.ref_id 
_struct_ref_seq.pdbx_PDB_id_code 
_struct_ref_seq.pdbx_strand_id 
_struct_ref_seq.seq_align_beg 
_struct_ref_seq.pdbx_seq_align_beg_ins_code 
_struct_ref_seq.seq_align_end 
_struct_ref_seq.pdbx_seq_align_end_ins_code 
_struct_ref_seq.pdbx_db_accession 
_struct_ref_seq.db_align_beg 
_struct_ref_seq.pdbx_db_align_beg_ins_code 
_struct_ref_seq.db_align_end 
_struct_ref_seq.pdbx_db_align_end_ins_code 
_struct_ref_seq.pdbx_auth_seq_align_beg 
_struct_ref_seq.pdbx_auth_seq_align_end 
1 1 5MTO A 3 ? 107 ? Q8WYH8 1 ? 105 ? 1 105 
2 1 5MTO B 3 ? 107 ? Q8WYH8 1 ? 105 ? 1 105 
# 
loop_
_struct_ref_seq_dif.align_id 
_struct_ref_seq_dif.pdbx_pdb_id_code 
_struct_ref_seq_dif.mon_id 
_struct_ref_seq_dif.pdbx_pdb_strand_id 
_struct_ref_seq_dif.seq_num 
_struct_ref_seq_dif.pdbx_pdb_ins_code 
_struct_ref_seq_dif.pdbx_seq_db_name 
_struct_ref_seq_dif.pdbx_seq_db_accession_code 
_struct_ref_seq_dif.db_mon_id 
_struct_ref_seq_dif.pdbx_seq_db_seq_num 
_struct_ref_seq_dif.details 
_struct_ref_seq_dif.pdbx_auth_seq_num 
_struct_ref_seq_dif.pdbx_ordinal 
1 5MTO GLY A 1  ? UNP Q8WYH8 ?   ?  'expression tag'      -1 1 
1 5MTO ALA A 2  ? UNP Q8WYH8 ?   ?  'expression tag'      0  2 
1 5MTO SER A 21 ? UNP Q8WYH8 CYS 19 'engineered mutation' 19 3 
2 5MTO GLY B 1  ? UNP Q8WYH8 ?   ?  'expression tag'      -1 4 
2 5MTO ALA B 2  ? UNP Q8WYH8 ?   ?  'expression tag'      0  5 
2 5MTO SER B 21 ? UNP Q8WYH8 CYS 19 'engineered mutation' 19 6 
# 
_pdbx_struct_assembly.id                   1 
_pdbx_struct_assembly.details              author_and_software_defined_assembly 
_pdbx_struct_assembly.method_details       PISA 
_pdbx_struct_assembly.oligomeric_details   dimeric 
_pdbx_struct_assembly.oligomeric_count     2 
# 
loop_
_pdbx_struct_assembly_prop.biol_id 
_pdbx_struct_assembly_prop.type 
_pdbx_struct_assembly_prop.value 
_pdbx_struct_assembly_prop.details 
1 'ABSA (A^2)' 1900  ? 
1 MORE         -28   ? 
1 'SSA (A^2)'  14690 ? 
# 
_pdbx_struct_assembly_gen.assembly_id       1 
_pdbx_struct_assembly_gen.oper_expression   1 
_pdbx_struct_assembly_gen.asym_id_list      A,B,C,D,E,F 
# 
_pdbx_struct_oper_list.id                   1 
_pdbx_struct_oper_list.type                 'identity operation' 
_pdbx_struct_oper_list.name                 1_555 
_pdbx_struct_oper_list.symmetry_operation   x,y,z 
_pdbx_struct_oper_list.matrix[1][1]         1.0000000000 
_pdbx_struct_oper_list.matrix[1][2]         0.0000000000 
_pdbx_struct_oper_list.matrix[1][3]         0.0000000000 
_pdbx_struct_oper_list.vector[1]            0.0000000000 
_pdbx_struct_oper_list.matrix[2][1]         0.0000000000 
_pdbx_struct_oper_list.matrix[2][2]         1.0000000000 
_pdbx_struct_oper_list.matrix[2][3]         0.0000000000 
_pdbx_struct_oper_list.vector[2]            0.0000000000 
_pdbx_struct_oper_list.matrix[3][1]         0.0000000000 
_pdbx_struct_oper_list.matrix[3][2]         0.0000000000 
_pdbx_struct_oper_list.matrix[3][3]         1.0000000000 
_pdbx_struct_oper_list.vector[3]            0.0000000000 
# 
loop_
_struct_conf.conf_type_id 
_struct_conf.id 
_struct_conf.pdbx_PDB_helix_id 
_struct_conf.beg_label_comp_id 
_struct_conf.beg_label_asym_id 
_struct_conf.beg_label_seq_id 
_struct_conf.pdbx_beg_PDB_ins_code 
_struct_conf.end_label_comp_id 
_struct_conf.end_label_asym_id 
_struct_conf.end_label_seq_id 
_struct_conf.pdbx_end_PDB_ins_code 
_struct_conf.beg_auth_comp_id 
_struct_conf.beg_auth_asym_id 
_struct_conf.beg_auth_seq_id 
_struct_conf.end_auth_comp_id 
_struct_conf.end_auth_asym_id 
_struct_conf.end_auth_seq_id 
_struct_conf.pdbx_PDB_helix_class 
_struct_conf.details 
_struct_conf.pdbx_PDB_helix_length 
HELX_P HELX_P1 AA1 GLY A 1  ? TYR A 12  ? GLY A -1 TYR A 10  1 ? 12 
HELX_P HELX_P2 AA2 SER A 15 ? LEU A 19  ? SER A 13 LEU A 17  5 ? 5  
HELX_P HELX_P3 AA3 PRO A 20 ? VAL A 55  ? PRO A 18 VAL A 53  1 ? 36 
HELX_P HELX_P4 AA4 LYS A 56 ? LEU A 58  ? LYS A 54 LEU A 56  5 ? 3  
HELX_P HELX_P5 AA5 SER A 59 ? ASP A 103 ? SER A 57 ASP A 101 1 ? 45 
HELX_P HELX_P6 AA6 ALA B 2  ? ASP B 14  ? ALA B 0  ASP B 12  1 ? 13 
HELX_P HELX_P7 AA7 SER B 15 ? LEU B 19  ? SER B 13 LEU B 17  5 ? 5  
HELX_P HELX_P8 AA8 PRO B 20 ? THR B 54  ? PRO B 18 THR B 52  1 ? 35 
HELX_P HELX_P9 AA9 SER B 59 ? LEU B 106 ? SER B 57 LEU B 104 1 ? 48 
# 
_struct_conf_type.id          HELX_P 
_struct_conf_type.criteria    ? 
_struct_conf_type.reference   ? 
# 
_struct_conn.id                            metalc1 
_struct_conn.conn_type_id                  metalc 
_struct_conn.pdbx_leaving_atom_flag        ? 
_struct_conn.pdbx_PDB_id                   ? 
_struct_conn.ptnr1_label_asym_id           A 
_struct_conn.ptnr1_label_comp_id           TYR 
_struct_conn.ptnr1_label_seq_id            51 
_struct_conn.ptnr1_label_atom_id           OH 
_struct_conn.pdbx_ptnr1_label_alt_id       ? 
_struct_conn.pdbx_ptnr1_PDB_ins_code       ? 
_struct_conn.pdbx_ptnr1_standard_comp_id   ? 
_struct_conn.ptnr1_symmetry                1_555 
_struct_conn.ptnr2_label_asym_id           C 
_struct_conn.ptnr2_label_comp_id           NA 
_struct_conn.ptnr2_label_seq_id            . 
_struct_conn.ptnr2_label_atom_id           NA 
_struct_conn.pdbx_ptnr2_label_alt_id       ? 
_struct_conn.pdbx_ptnr2_PDB_ins_code       ? 
_struct_conn.ptnr1_auth_asym_id            A 
_struct_conn.ptnr1_auth_comp_id            TYR 
_struct_conn.ptnr1_auth_seq_id             49 
_struct_conn.ptnr2_auth_asym_id            A 
_struct_conn.ptnr2_auth_comp_id            NA 
_struct_conn.ptnr2_auth_seq_id             201 
_struct_conn.ptnr2_symmetry                6_554 
_struct_conn.pdbx_ptnr3_label_atom_id      ? 
_struct_conn.pdbx_ptnr3_label_seq_id       ? 
_struct_conn.pdbx_ptnr3_label_comp_id      ? 
_struct_conn.pdbx_ptnr3_label_asym_id      ? 
_struct_conn.pdbx_ptnr3_label_alt_id       ? 
_struct_conn.pdbx_ptnr3_PDB_ins_code       ? 
_struct_conn.details                       ? 
_struct_conn.pdbx_dist_value               2.988 
_struct_conn.pdbx_value_order              ? 
_struct_conn.pdbx_role                     ? 
# 
_struct_conn_type.id          metalc 
_struct_conn_type.criteria    ? 
_struct_conn_type.reference   ? 
# 
loop_
_struct_site.id 
_struct_site.pdbx_evidence_code 
_struct_site.pdbx_auth_asym_id 
_struct_site.pdbx_auth_comp_id 
_struct_site.pdbx_auth_seq_id 
_struct_site.pdbx_auth_ins_code 
_struct_site.pdbx_num_residues 
_struct_site.details 
AC1 Software A NA  201 ? 1 'binding site for residue NA A 201'  
AC2 Software A SO4 202 ? 2 'binding site for residue SO4 A 202' 
# 
loop_
_struct_site_gen.id 
_struct_site_gen.site_id 
_struct_site_gen.pdbx_num_res 
_struct_site_gen.label_comp_id 
_struct_site_gen.label_asym_id 
_struct_site_gen.label_seq_id 
_struct_site_gen.pdbx_auth_ins_code 
_struct_site_gen.auth_comp_id 
_struct_site_gen.auth_asym_id 
_struct_site_gen.auth_seq_id 
_struct_site_gen.label_atom_id 
_struct_site_gen.label_alt_id 
_struct_site_gen.symmetry 
_struct_site_gen.details 
1 AC1 1 TYR A 51 ? TYR A 49 . ? 5_555 ? 
2 AC2 2 ASN A 72 ? ASN A 70 . ? 1_555 ? 
3 AC2 2 LYS A 76 ? LYS A 74 . ? 1_555 ? 
# 
loop_
_pdbx_validate_torsion.id 
_pdbx_validate_torsion.PDB_model_num 
_pdbx_validate_torsion.auth_comp_id 
_pdbx_validate_torsion.auth_asym_id 
_pdbx_validate_torsion.auth_seq_id 
_pdbx_validate_torsion.PDB_ins_code 
_pdbx_validate_torsion.label_alt_id 
_pdbx_validate_torsion.phi 
_pdbx_validate_torsion.psi 
1 1 ALA A 102 ? ? -102.13 49.10 
2 1 LEU A 104 ? ? -93.80  56.06 
3 1 THR B 52  ? ? -99.15  46.72 
4 1 THR B 55  ? ? -89.16  40.20 
# 
loop_
_chem_comp_atom.comp_id 
_chem_comp_atom.atom_id 
_chem_comp_atom.type_symbol 
_chem_comp_atom.pdbx_aromatic_flag 
_chem_comp_atom.pdbx_stereo_config 
_chem_comp_atom.pdbx_ordinal 
ALA N    N  N N 1   
ALA CA   C  N S 2   
ALA C    C  N N 3   
ALA O    O  N N 4   
ALA CB   C  N N 5   
ALA OXT  O  N N 6   
ALA H    H  N N 7   
ALA H2   H  N N 8   
ALA HA   H  N N 9   
ALA HB1  H  N N 10  
ALA HB2  H  N N 11  
ALA HB3  H  N N 12  
ALA HXT  H  N N 13  
ARG N    N  N N 14  
ARG CA   C  N S 15  
ARG C    C  N N 16  
ARG O    O  N N 17  
ARG CB   C  N N 18  
ARG CG   C  N N 19  
ARG CD   C  N N 20  
ARG NE   N  N N 21  
ARG CZ   C  N N 22  
ARG NH1  N  N N 23  
ARG NH2  N  N N 24  
ARG OXT  O  N N 25  
ARG H    H  N N 26  
ARG H2   H  N N 27  
ARG HA   H  N N 28  
ARG HB2  H  N N 29  
ARG HB3  H  N N 30  
ARG HG2  H  N N 31  
ARG HG3  H  N N 32  
ARG HD2  H  N N 33  
ARG HD3  H  N N 34  
ARG HE   H  N N 35  
ARG HH11 H  N N 36  
ARG HH12 H  N N 37  
ARG HH21 H  N N 38  
ARG HH22 H  N N 39  
ARG HXT  H  N N 40  
ASN N    N  N N 41  
ASN CA   C  N S 42  
ASN C    C  N N 43  
ASN O    O  N N 44  
ASN CB   C  N N 45  
ASN CG   C  N N 46  
ASN OD1  O  N N 47  
ASN ND2  N  N N 48  
ASN OXT  O  N N 49  
ASN H    H  N N 50  
ASN H2   H  N N 51  
ASN HA   H  N N 52  
ASN HB2  H  N N 53  
ASN HB3  H  N N 54  
ASN HD21 H  N N 55  
ASN HD22 H  N N 56  
ASN HXT  H  N N 57  
ASP N    N  N N 58  
ASP CA   C  N S 59  
ASP C    C  N N 60  
ASP O    O  N N 61  
ASP CB   C  N N 62  
ASP CG   C  N N 63  
ASP OD1  O  N N 64  
ASP OD2  O  N N 65  
ASP OXT  O  N N 66  
ASP H    H  N N 67  
ASP H2   H  N N 68  
ASP HA   H  N N 69  
ASP HB2  H  N N 70  
ASP HB3  H  N N 71  
ASP HD2  H  N N 72  
ASP HXT  H  N N 73  
CYS N    N  N N 74  
CYS CA   C  N R 75  
CYS C    C  N N 76  
CYS O    O  N N 77  
CYS CB   C  N N 78  
CYS SG   S  N N 79  
CYS OXT  O  N N 80  
CYS H    H  N N 81  
CYS H2   H  N N 82  
CYS HA   H  N N 83  
CYS HB2  H  N N 84  
CYS HB3  H  N N 85  
CYS HG   H  N N 86  
CYS HXT  H  N N 87  
GLN N    N  N N 88  
GLN CA   C  N S 89  
GLN C    C  N N 90  
GLN O    O  N N 91  
GLN CB   C  N N 92  
GLN CG   C  N N 93  
GLN CD   C  N N 94  
GLN OE1  O  N N 95  
GLN NE2  N  N N 96  
GLN OXT  O  N N 97  
GLN H    H  N N 98  
GLN H2   H  N N 99  
GLN HA   H  N N 100 
GLN HB2  H  N N 101 
GLN HB3  H  N N 102 
GLN HG2  H  N N 103 
GLN HG3  H  N N 104 
GLN HE21 H  N N 105 
GLN HE22 H  N N 106 
GLN HXT  H  N N 107 
GLU N    N  N N 108 
GLU CA   C  N S 109 
GLU C    C  N N 110 
GLU O    O  N N 111 
GLU CB   C  N N 112 
GLU CG   C  N N 113 
GLU CD   C  N N 114 
GLU OE1  O  N N 115 
GLU OE2  O  N N 116 
GLU OXT  O  N N 117 
GLU H    H  N N 118 
GLU H2   H  N N 119 
GLU HA   H  N N 120 
GLU HB2  H  N N 121 
GLU HB3  H  N N 122 
GLU HG2  H  N N 123 
GLU HG3  H  N N 124 
GLU HE2  H  N N 125 
GLU HXT  H  N N 126 
GLY N    N  N N 127 
GLY CA   C  N N 128 
GLY C    C  N N 129 
GLY O    O  N N 130 
GLY OXT  O  N N 131 
GLY H    H  N N 132 
GLY H2   H  N N 133 
GLY HA2  H  N N 134 
GLY HA3  H  N N 135 
GLY HXT  H  N N 136 
HIS N    N  N N 137 
HIS CA   C  N S 138 
HIS C    C  N N 139 
HIS O    O  N N 140 
HIS CB   C  N N 141 
HIS CG   C  Y N 142 
HIS ND1  N  Y N 143 
HIS CD2  C  Y N 144 
HIS CE1  C  Y N 145 
HIS NE2  N  Y N 146 
HIS OXT  O  N N 147 
HIS H    H  N N 148 
HIS H2   H  N N 149 
HIS HA   H  N N 150 
HIS HB2  H  N N 151 
HIS HB3  H  N N 152 
HIS HD1  H  N N 153 
HIS HD2  H  N N 154 
HIS HE1  H  N N 155 
HIS HE2  H  N N 156 
HIS HXT  H  N N 157 
HOH O    O  N N 158 
HOH H1   H  N N 159 
HOH H2   H  N N 160 
ILE N    N  N N 161 
ILE CA   C  N S 162 
ILE C    C  N N 163 
ILE O    O  N N 164 
ILE CB   C  N S 165 
ILE CG1  C  N N 166 
ILE CG2  C  N N 167 
ILE CD1  C  N N 168 
ILE OXT  O  N N 169 
ILE H    H  N N 170 
ILE H2   H  N N 171 
ILE HA   H  N N 172 
ILE HB   H  N N 173 
ILE HG12 H  N N 174 
ILE HG13 H  N N 175 
ILE HG21 H  N N 176 
ILE HG22 H  N N 177 
ILE HG23 H  N N 178 
ILE HD11 H  N N 179 
ILE HD12 H  N N 180 
ILE HD13 H  N N 181 
ILE HXT  H  N N 182 
LEU N    N  N N 183 
LEU CA   C  N S 184 
LEU C    C  N N 185 
LEU O    O  N N 186 
LEU CB   C  N N 187 
LEU CG   C  N N 188 
LEU CD1  C  N N 189 
LEU CD2  C  N N 190 
LEU OXT  O  N N 191 
LEU H    H  N N 192 
LEU H2   H  N N 193 
LEU HA   H  N N 194 
LEU HB2  H  N N 195 
LEU HB3  H  N N 196 
LEU HG   H  N N 197 
LEU HD11 H  N N 198 
LEU HD12 H  N N 199 
LEU HD13 H  N N 200 
LEU HD21 H  N N 201 
LEU HD22 H  N N 202 
LEU HD23 H  N N 203 
LEU HXT  H  N N 204 
LYS N    N  N N 205 
LYS CA   C  N S 206 
LYS C    C  N N 207 
LYS O    O  N N 208 
LYS CB   C  N N 209 
LYS CG   C  N N 210 
LYS CD   C  N N 211 
LYS CE   C  N N 212 
LYS NZ   N  N N 213 
LYS OXT  O  N N 214 
LYS H    H  N N 215 
LYS H2   H  N N 216 
LYS HA   H  N N 217 
LYS HB2  H  N N 218 
LYS HB3  H  N N 219 
LYS HG2  H  N N 220 
LYS HG3  H  N N 221 
LYS HD2  H  N N 222 
LYS HD3  H  N N 223 
LYS HE2  H  N N 224 
LYS HE3  H  N N 225 
LYS HZ1  H  N N 226 
LYS HZ2  H  N N 227 
LYS HZ3  H  N N 228 
LYS HXT  H  N N 229 
MET N    N  N N 230 
MET CA   C  N S 231 
MET C    C  N N 232 
MET O    O  N N 233 
MET CB   C  N N 234 
MET CG   C  N N 235 
MET SD   S  N N 236 
MET CE   C  N N 237 
MET OXT  O  N N 238 
MET H    H  N N 239 
MET H2   H  N N 240 
MET HA   H  N N 241 
MET HB2  H  N N 242 
MET HB3  H  N N 243 
MET HG2  H  N N 244 
MET HG3  H  N N 245 
MET HE1  H  N N 246 
MET HE2  H  N N 247 
MET HE3  H  N N 248 
MET HXT  H  N N 249 
NA  NA   NA N N 250 
PHE N    N  N N 251 
PHE CA   C  N S 252 
PHE C    C  N N 253 
PHE O    O  N N 254 
PHE CB   C  N N 255 
PHE CG   C  Y N 256 
PHE CD1  C  Y N 257 
PHE CD2  C  Y N 258 
PHE CE1  C  Y N 259 
PHE CE2  C  Y N 260 
PHE CZ   C  Y N 261 
PHE OXT  O  N N 262 
PHE H    H  N N 263 
PHE H2   H  N N 264 
PHE HA   H  N N 265 
PHE HB2  H  N N 266 
PHE HB3  H  N N 267 
PHE HD1  H  N N 268 
PHE HD2  H  N N 269 
PHE HE1  H  N N 270 
PHE HE2  H  N N 271 
PHE HZ   H  N N 272 
PHE HXT  H  N N 273 
PRO N    N  N N 274 
PRO CA   C  N S 275 
PRO C    C  N N 276 
PRO O    O  N N 277 
PRO CB   C  N N 278 
PRO CG   C  N N 279 
PRO CD   C  N N 280 
PRO OXT  O  N N 281 
PRO H    H  N N 282 
PRO HA   H  N N 283 
PRO HB2  H  N N 284 
PRO HB3  H  N N 285 
PRO HG2  H  N N 286 
PRO HG3  H  N N 287 
PRO HD2  H  N N 288 
PRO HD3  H  N N 289 
PRO HXT  H  N N 290 
SER N    N  N N 291 
SER CA   C  N S 292 
SER C    C  N N 293 
SER O    O  N N 294 
SER CB   C  N N 295 
SER OG   O  N N 296 
SER OXT  O  N N 297 
SER H    H  N N 298 
SER H2   H  N N 299 
SER HA   H  N N 300 
SER HB2  H  N N 301 
SER HB3  H  N N 302 
SER HG   H  N N 303 
SER HXT  H  N N 304 
SO4 S    S  N N 305 
SO4 O1   O  N N 306 
SO4 O2   O  N N 307 
SO4 O3   O  N N 308 
SO4 O4   O  N N 309 
THR N    N  N N 310 
THR CA   C  N S 311 
THR C    C  N N 312 
THR O    O  N N 313 
THR CB   C  N R 314 
THR OG1  O  N N 315 
THR CG2  C  N N 316 
THR OXT  O  N N 317 
THR H    H  N N 318 
THR H2   H  N N 319 
THR HA   H  N N 320 
THR HB   H  N N 321 
THR HG1  H  N N 322 
THR HG21 H  N N 323 
THR HG22 H  N N 324 
THR HG23 H  N N 325 
THR HXT  H  N N 326 
TYR N    N  N N 327 
TYR CA   C  N S 328 
TYR C    C  N N 329 
TYR O    O  N N 330 
TYR CB   C  N N 331 
TYR CG   C  Y N 332 
TYR CD1  C  Y N 333 
TYR CD2  C  Y N 334 
TYR CE1  C  Y N 335 
TYR CE2  C  Y N 336 
TYR CZ   C  Y N 337 
TYR OH   O  N N 338 
TYR OXT  O  N N 339 
TYR H    H  N N 340 
TYR H2   H  N N 341 
TYR HA   H  N N 342 
TYR HB2  H  N N 343 
TYR HB3  H  N N 344 
TYR HD1  H  N N 345 
TYR HD2  H  N N 346 
TYR HE1  H  N N 347 
TYR HE2  H  N N 348 
TYR HH   H  N N 349 
TYR HXT  H  N N 350 
VAL N    N  N N 351 
VAL CA   C  N S 352 
VAL C    C  N N 353 
VAL O    O  N N 354 
VAL CB   C  N N 355 
VAL CG1  C  N N 356 
VAL CG2  C  N N 357 
VAL OXT  O  N N 358 
VAL H    H  N N 359 
VAL H2   H  N N 360 
VAL HA   H  N N 361 
VAL HB   H  N N 362 
VAL HG11 H  N N 363 
VAL HG12 H  N N 364 
VAL HG13 H  N N 365 
VAL HG21 H  N N 366 
VAL HG22 H  N N 367 
VAL HG23 H  N N 368 
VAL HXT  H  N N 369 
# 
loop_
_chem_comp_bond.comp_id 
_chem_comp_bond.atom_id_1 
_chem_comp_bond.atom_id_2 
_chem_comp_bond.value_order 
_chem_comp_bond.pdbx_aromatic_flag 
_chem_comp_bond.pdbx_stereo_config 
_chem_comp_bond.pdbx_ordinal 
ALA N   CA   sing N N 1   
ALA N   H    sing N N 2   
ALA N   H2   sing N N 3   
ALA CA  C    sing N N 4   
ALA CA  CB   sing N N 5   
ALA CA  HA   sing N N 6   
ALA C   O    doub N N 7   
ALA C   OXT  sing N N 8   
ALA CB  HB1  sing N N 9   
ALA CB  HB2  sing N N 10  
ALA CB  HB3  sing N N 11  
ALA OXT HXT  sing N N 12  
ARG N   CA   sing N N 13  
ARG N   H    sing N N 14  
ARG N   H2   sing N N 15  
ARG CA  C    sing N N 16  
ARG CA  CB   sing N N 17  
ARG CA  HA   sing N N 18  
ARG C   O    doub N N 19  
ARG C   OXT  sing N N 20  
ARG CB  CG   sing N N 21  
ARG CB  HB2  sing N N 22  
ARG CB  HB3  sing N N 23  
ARG CG  CD   sing N N 24  
ARG CG  HG2  sing N N 25  
ARG CG  HG3  sing N N 26  
ARG CD  NE   sing N N 27  
ARG CD  HD2  sing N N 28  
ARG CD  HD3  sing N N 29  
ARG NE  CZ   sing N N 30  
ARG NE  HE   sing N N 31  
ARG CZ  NH1  sing N N 32  
ARG CZ  NH2  doub N N 33  
ARG NH1 HH11 sing N N 34  
ARG NH1 HH12 sing N N 35  
ARG NH2 HH21 sing N N 36  
ARG NH2 HH22 sing N N 37  
ARG OXT HXT  sing N N 38  
ASN N   CA   sing N N 39  
ASN N   H    sing N N 40  
ASN N   H2   sing N N 41  
ASN CA  C    sing N N 42  
ASN CA  CB   sing N N 43  
ASN CA  HA   sing N N 44  
ASN C   O    doub N N 45  
ASN C   OXT  sing N N 46  
ASN CB  CG   sing N N 47  
ASN CB  HB2  sing N N 48  
ASN CB  HB3  sing N N 49  
ASN CG  OD1  doub N N 50  
ASN CG  ND2  sing N N 51  
ASN ND2 HD21 sing N N 52  
ASN ND2 HD22 sing N N 53  
ASN OXT HXT  sing N N 54  
ASP N   CA   sing N N 55  
ASP N   H    sing N N 56  
ASP N   H2   sing N N 57  
ASP CA  C    sing N N 58  
ASP CA  CB   sing N N 59  
ASP CA  HA   sing N N 60  
ASP C   O    doub N N 61  
ASP C   OXT  sing N N 62  
ASP CB  CG   sing N N 63  
ASP CB  HB2  sing N N 64  
ASP CB  HB3  sing N N 65  
ASP CG  OD1  doub N N 66  
ASP CG  OD2  sing N N 67  
ASP OD2 HD2  sing N N 68  
ASP OXT HXT  sing N N 69  
CYS N   CA   sing N N 70  
CYS N   H    sing N N 71  
CYS N   H2   sing N N 72  
CYS CA  C    sing N N 73  
CYS CA  CB   sing N N 74  
CYS CA  HA   sing N N 75  
CYS C   O    doub N N 76  
CYS C   OXT  sing N N 77  
CYS CB  SG   sing N N 78  
CYS CB  HB2  sing N N 79  
CYS CB  HB3  sing N N 80  
CYS SG  HG   sing N N 81  
CYS OXT HXT  sing N N 82  
GLN N   CA   sing N N 83  
GLN N   H    sing N N 84  
GLN N   H2   sing N N 85  
GLN CA  C    sing N N 86  
GLN CA  CB   sing N N 87  
GLN CA  HA   sing N N 88  
GLN C   O    doub N N 89  
GLN C   OXT  sing N N 90  
GLN CB  CG   sing N N 91  
GLN CB  HB2  sing N N 92  
GLN CB  HB3  sing N N 93  
GLN CG  CD   sing N N 94  
GLN CG  HG2  sing N N 95  
GLN CG  HG3  sing N N 96  
GLN CD  OE1  doub N N 97  
GLN CD  NE2  sing N N 98  
GLN NE2 HE21 sing N N 99  
GLN NE2 HE22 sing N N 100 
GLN OXT HXT  sing N N 101 
GLU N   CA   sing N N 102 
GLU N   H    sing N N 103 
GLU N   H2   sing N N 104 
GLU CA  C    sing N N 105 
GLU CA  CB   sing N N 106 
GLU CA  HA   sing N N 107 
GLU C   O    doub N N 108 
GLU C   OXT  sing N N 109 
GLU CB  CG   sing N N 110 
GLU CB  HB2  sing N N 111 
GLU CB  HB3  sing N N 112 
GLU CG  CD   sing N N 113 
GLU CG  HG2  sing N N 114 
GLU CG  HG3  sing N N 115 
GLU CD  OE1  doub N N 116 
GLU CD  OE2  sing N N 117 
GLU OE2 HE2  sing N N 118 
GLU OXT HXT  sing N N 119 
GLY N   CA   sing N N 120 
GLY N   H    sing N N 121 
GLY N   H2   sing N N 122 
GLY CA  C    sing N N 123 
GLY CA  HA2  sing N N 124 
GLY CA  HA3  sing N N 125 
GLY C   O    doub N N 126 
GLY C   OXT  sing N N 127 
GLY OXT HXT  sing N N 128 
HIS N   CA   sing N N 129 
HIS N   H    sing N N 130 
HIS N   H2   sing N N 131 
HIS CA  C    sing N N 132 
HIS CA  CB   sing N N 133 
HIS CA  HA   sing N N 134 
HIS C   O    doub N N 135 
HIS C   OXT  sing N N 136 
HIS CB  CG   sing N N 137 
HIS CB  HB2  sing N N 138 
HIS CB  HB3  sing N N 139 
HIS CG  ND1  sing Y N 140 
HIS CG  CD2  doub Y N 141 
HIS ND1 CE1  doub Y N 142 
HIS ND1 HD1  sing N N 143 
HIS CD2 NE2  sing Y N 144 
HIS CD2 HD2  sing N N 145 
HIS CE1 NE2  sing Y N 146 
HIS CE1 HE1  sing N N 147 
HIS NE2 HE2  sing N N 148 
HIS OXT HXT  sing N N 149 
HOH O   H1   sing N N 150 
HOH O   H2   sing N N 151 
ILE N   CA   sing N N 152 
ILE N   H    sing N N 153 
ILE N   H2   sing N N 154 
ILE CA  C    sing N N 155 
ILE CA  CB   sing N N 156 
ILE CA  HA   sing N N 157 
ILE C   O    doub N N 158 
ILE C   OXT  sing N N 159 
ILE CB  CG1  sing N N 160 
ILE CB  CG2  sing N N 161 
ILE CB  HB   sing N N 162 
ILE CG1 CD1  sing N N 163 
ILE CG1 HG12 sing N N 164 
ILE CG1 HG13 sing N N 165 
ILE CG2 HG21 sing N N 166 
ILE CG2 HG22 sing N N 167 
ILE CG2 HG23 sing N N 168 
ILE CD1 HD11 sing N N 169 
ILE CD1 HD12 sing N N 170 
ILE CD1 HD13 sing N N 171 
ILE OXT HXT  sing N N 172 
LEU N   CA   sing N N 173 
LEU N   H    sing N N 174 
LEU N   H2   sing N N 175 
LEU CA  C    sing N N 176 
LEU CA  CB   sing N N 177 
LEU CA  HA   sing N N 178 
LEU C   O    doub N N 179 
LEU C   OXT  sing N N 180 
LEU CB  CG   sing N N 181 
LEU CB  HB2  sing N N 182 
LEU CB  HB3  sing N N 183 
LEU CG  CD1  sing N N 184 
LEU CG  CD2  sing N N 185 
LEU CG  HG   sing N N 186 
LEU CD1 HD11 sing N N 187 
LEU CD1 HD12 sing N N 188 
LEU CD1 HD13 sing N N 189 
LEU CD2 HD21 sing N N 190 
LEU CD2 HD22 sing N N 191 
LEU CD2 HD23 sing N N 192 
LEU OXT HXT  sing N N 193 
LYS N   CA   sing N N 194 
LYS N   H    sing N N 195 
LYS N   H2   sing N N 196 
LYS CA  C    sing N N 197 
LYS CA  CB   sing N N 198 
LYS CA  HA   sing N N 199 
LYS C   O    doub N N 200 
LYS C   OXT  sing N N 201 
LYS CB  CG   sing N N 202 
LYS CB  HB2  sing N N 203 
LYS CB  HB3  sing N N 204 
LYS CG  CD   sing N N 205 
LYS CG  HG2  sing N N 206 
LYS CG  HG3  sing N N 207 
LYS CD  CE   sing N N 208 
LYS CD  HD2  sing N N 209 
LYS CD  HD3  sing N N 210 
LYS CE  NZ   sing N N 211 
LYS CE  HE2  sing N N 212 
LYS CE  HE3  sing N N 213 
LYS NZ  HZ1  sing N N 214 
LYS NZ  HZ2  sing N N 215 
LYS NZ  HZ3  sing N N 216 
LYS OXT HXT  sing N N 217 
MET N   CA   sing N N 218 
MET N   H    sing N N 219 
MET N   H2   sing N N 220 
MET CA  C    sing N N 221 
MET CA  CB   sing N N 222 
MET CA  HA   sing N N 223 
MET C   O    doub N N 224 
MET C   OXT  sing N N 225 
MET CB  CG   sing N N 226 
MET CB  HB2  sing N N 227 
MET CB  HB3  sing N N 228 
MET CG  SD   sing N N 229 
MET CG  HG2  sing N N 230 
MET CG  HG3  sing N N 231 
MET SD  CE   sing N N 232 
MET CE  HE1  sing N N 233 
MET CE  HE2  sing N N 234 
MET CE  HE3  sing N N 235 
MET OXT HXT  sing N N 236 
PHE N   CA   sing N N 237 
PHE N   H    sing N N 238 
PHE N   H2   sing N N 239 
PHE CA  C    sing N N 240 
PHE CA  CB   sing N N 241 
PHE CA  HA   sing N N 242 
PHE C   O    doub N N 243 
PHE C   OXT  sing N N 244 
PHE CB  CG   sing N N 245 
PHE CB  HB2  sing N N 246 
PHE CB  HB3  sing N N 247 
PHE CG  CD1  doub Y N 248 
PHE CG  CD2  sing Y N 249 
PHE CD1 CE1  sing Y N 250 
PHE CD1 HD1  sing N N 251 
PHE CD2 CE2  doub Y N 252 
PHE CD2 HD2  sing N N 253 
PHE CE1 CZ   doub Y N 254 
PHE CE1 HE1  sing N N 255 
PHE CE2 CZ   sing Y N 256 
PHE CE2 HE2  sing N N 257 
PHE CZ  HZ   sing N N 258 
PHE OXT HXT  sing N N 259 
PRO N   CA   sing N N 260 
PRO N   CD   sing N N 261 
PRO N   H    sing N N 262 
PRO CA  C    sing N N 263 
PRO CA  CB   sing N N 264 
PRO CA  HA   sing N N 265 
PRO C   O    doub N N 266 
PRO C   OXT  sing N N 267 
PRO CB  CG   sing N N 268 
PRO CB  HB2  sing N N 269 
PRO CB  HB3  sing N N 270 
PRO CG  CD   sing N N 271 
PRO CG  HG2  sing N N 272 
PRO CG  HG3  sing N N 273 
PRO CD  HD2  sing N N 274 
PRO CD  HD3  sing N N 275 
PRO OXT HXT  sing N N 276 
SER N   CA   sing N N 277 
SER N   H    sing N N 278 
SER N   H2   sing N N 279 
SER CA  C    sing N N 280 
SER CA  CB   sing N N 281 
SER CA  HA   sing N N 282 
SER C   O    doub N N 283 
SER C   OXT  sing N N 284 
SER CB  OG   sing N N 285 
SER CB  HB2  sing N N 286 
SER CB  HB3  sing N N 287 
SER OG  HG   sing N N 288 
SER OXT HXT  sing N N 289 
SO4 S   O1   doub N N 290 
SO4 S   O2   doub N N 291 
SO4 S   O3   sing N N 292 
SO4 S   O4   sing N N 293 
THR N   CA   sing N N 294 
THR N   H    sing N N 295 
THR N   H2   sing N N 296 
THR CA  C    sing N N 297 
THR CA  CB   sing N N 298 
THR CA  HA   sing N N 299 
THR C   O    doub N N 300 
THR C   OXT  sing N N 301 
THR CB  OG1  sing N N 302 
THR CB  CG2  sing N N 303 
THR CB  HB   sing N N 304 
THR OG1 HG1  sing N N 305 
THR CG2 HG21 sing N N 306 
THR CG2 HG22 sing N N 307 
THR CG2 HG23 sing N N 308 
THR OXT HXT  sing N N 309 
TYR N   CA   sing N N 310 
TYR N   H    sing N N 311 
TYR N   H2   sing N N 312 
TYR CA  C    sing N N 313 
TYR CA  CB   sing N N 314 
TYR CA  HA   sing N N 315 
TYR C   O    doub N N 316 
TYR C   OXT  sing N N 317 
TYR CB  CG   sing N N 318 
TYR CB  HB2  sing N N 319 
TYR CB  HB3  sing N N 320 
TYR CG  CD1  doub Y N 321 
TYR CG  CD2  sing Y N 322 
TYR CD1 CE1  sing Y N 323 
TYR CD1 HD1  sing N N 324 
TYR CD2 CE2  doub Y N 325 
TYR CD2 HD2  sing N N 326 
TYR CE1 CZ   doub Y N 327 
TYR CE1 HE1  sing N N 328 
TYR CE2 CZ   sing Y N 329 
TYR CE2 HE2  sing N N 330 
TYR CZ  OH   sing N N 331 
TYR OH  HH   sing N N 332 
TYR OXT HXT  sing N N 333 
VAL N   CA   sing N N 334 
VAL N   H    sing N N 335 
VAL N   H2   sing N N 336 
VAL CA  C    sing N N 337 
VAL CA  CB   sing N N 338 
VAL CA  HA   sing N N 339 
VAL C   O    doub N N 340 
VAL C   OXT  sing N N 341 
VAL CB  CG1  sing N N 342 
VAL CB  CG2  sing N N 343 
VAL CB  HB   sing N N 344 
VAL CG1 HG11 sing N N 345 
VAL CG1 HG12 sing N N 346 
VAL CG1 HG13 sing N N 347 
VAL CG2 HG21 sing N N 348 
VAL CG2 HG22 sing N N 349 
VAL CG2 HG23 sing N N 350 
VAL OXT HXT  sing N N 351 
# 
_pdbx_initial_refinement_model.id               1 
_pdbx_initial_refinement_model.entity_id_list   ? 
_pdbx_initial_refinement_model.type             'experimental model' 
_pdbx_initial_refinement_model.source_name      PDB 
_pdbx_initial_refinement_model.accession_code   5ME8 
_pdbx_initial_refinement_model.details          ? 
# 
_atom_sites.entry_id                    5MTO 
_atom_sites.fract_transf_matrix[1][1]   0.00556223 
_atom_sites.fract_transf_matrix[1][2]   -0.00465703 
_atom_sites.fract_transf_matrix[1][3]   0.00380656 
_atom_sites.fract_transf_matrix[2][1]   -0.00014243 
_atom_sites.fract_transf_matrix[2][2]   -0.00813849 
_atom_sites.fract_transf_matrix[2][3]   -0.00093271 
_atom_sites.fract_transf_matrix[3][1]   0.00658226 
_atom_sites.fract_transf_matrix[3][2]   0.00086570 
_atom_sites.fract_transf_matrix[3][3]   -0.00855901 
_atom_sites.fract_transf_vector[1]      -0.288595 
_atom_sites.fract_transf_vector[2]      0.220317 
_atom_sites.fract_transf_vector[3]      -0.137840 
# 
loop_
_atom_type.symbol 
C  
N  
NA 
O  
S  
# 
loop_
_atom_site.group_PDB 
_atom_site.id 
_atom_site.type_symbol 
_atom_site.label_atom_id 
_atom_site.label_alt_id 
_atom_site.label_comp_id 
_atom_site.label_asym_id 
_atom_site.label_entity_id 
_atom_site.label_seq_id 
_atom_site.pdbx_PDB_ins_code 
_atom_site.Cartn_x 
_atom_site.Cartn_y 
_atom_site.Cartn_z 
_atom_site.occupancy 
_atom_site.B_iso_or_equiv 
_atom_site.pdbx_formal_charge 
_atom_site.auth_seq_id 
_atom_site.auth_comp_id 
_atom_site.auth_asym_id 
_atom_site.auth_atom_id 
_atom_site.pdbx_PDB_model_num 
ATOM   1    N  N   . GLY A 1 1   ? 22.786  -16.495 -11.790 1.00 88.70  ? -1  GLY A N   1 
ATOM   2    C  CA  . GLY A 1 1   ? 21.828  -15.731 -12.644 1.00 88.83  ? -1  GLY A CA  1 
ATOM   3    C  C   . GLY A 1 1   ? 20.741  -16.590 -13.273 1.00 89.68  ? -1  GLY A C   1 
ATOM   4    O  O   . GLY A 1 1   ? 20.490  -17.720 -12.847 1.00 88.88  ? -1  GLY A O   1 
ATOM   5    N  N   . ALA A 1 2   ? 20.104  -16.040 -14.303 1.00 90.26  ? 0   ALA A N   1 
ATOM   6    C  CA  . ALA A 1 2   ? 19.021  -16.712 -15.019 1.00 91.37  ? 0   ALA A CA  1 
ATOM   7    C  C   . ALA A 1 2   ? 19.458  -17.995 -15.734 1.00 94.19  ? 0   ALA A C   1 
ATOM   8    O  O   . ALA A 1 2   ? 18.798  -19.024 -15.587 1.00 99.08  ? 0   ALA A O   1 
ATOM   9    C  CB  . ALA A 1 2   ? 18.384  -15.755 -16.019 1.00 92.73  ? 0   ALA A CB  1 
ATOM   10   N  N   . MET A 1 3   ? 20.551  -17.927 -16.504 1.00 95.28  ? 1   MET A N   1 
ATOM   11   C  CA  . MET A 1 3   ? 21.029  -19.069 -17.314 1.00 94.02  ? 1   MET A CA  1 
ATOM   12   C  C   . MET A 1 3   ? 21.358  -20.265 -16.443 1.00 88.95  ? 1   MET A C   1 
ATOM   13   O  O   . MET A 1 3   ? 20.904  -21.378 -16.715 1.00 84.28  ? 1   MET A O   1 
ATOM   14   C  CB  . MET A 1 3   ? 22.270  -18.709 -18.139 1.00 99.97  ? 1   MET A CB  1 
ATOM   15   C  CG  . MET A 1 3   ? 21.977  -17.946 -19.416 1.00 107.31 ? 1   MET A CG  1 
ATOM   16   S  SD  . MET A 1 3   ? 23.445  -17.107 -20.043 1.00 121.12 ? 1   MET A SD  1 
ATOM   17   C  CE  . MET A 1 3   ? 23.280  -15.485 -19.285 1.00 119.15 ? 1   MET A CE  1 
ATOM   18   N  N   . ALA A 1 4   ? 22.151  -20.021 -15.402 1.00 84.92  ? 2   ALA A N   1 
ATOM   19   C  CA  . ALA A 1 4   ? 22.475  -21.035 -14.400 1.00 85.64  ? 2   ALA A CA  1 
ATOM   20   C  C   . ALA A 1 4   ? 21.194  -21.668 -13.869 1.00 86.05  ? 2   ALA A C   1 
ATOM   21   O  O   . ALA A 1 4   ? 21.034  -22.894 -13.902 1.00 84.76  ? 2   ALA A O   1 
ATOM   22   C  CB  . ALA A 1 4   ? 23.275  -20.423 -13.254 1.00 83.49  ? 2   ALA A CB  1 
ATOM   23   N  N   . THR A 1 5   ? 20.280  -20.806 -13.421 1.00 85.84  ? 3   THR A N   1 
ATOM   24   C  CA  . THR A 1 5   ? 18.993  -21.219 -12.870 1.00 84.12  ? 3   THR A CA  1 
ATOM   25   C  C   . THR A 1 5   ? 18.160  -22.022 -13.880 1.00 82.53  ? 3   THR A C   1 
ATOM   26   O  O   . THR A 1 5   ? 17.551  -23.020 -13.507 1.00 83.52  ? 3   THR A O   1 
ATOM   27   C  CB  . THR A 1 5   ? 18.215  -19.999 -12.332 1.00 85.58  ? 3   THR A CB  1 
ATOM   28   O  OG1 . THR A 1 5   ? 18.996  -19.353 -11.319 1.00 86.36  ? 3   THR A OG1 1 
ATOM   29   C  CG2 . THR A 1 5   ? 16.879  -20.410 -11.731 1.00 88.24  ? 3   THR A CG2 1 
ATOM   30   N  N   . ALA A 1 6   ? 18.163  -21.607 -15.145 1.00 83.14  ? 4   ALA A N   1 
ATOM   31   C  CA  . ALA A 1 6   ? 17.488  -22.357 -16.217 1.00 87.22  ? 4   ALA A CA  1 
ATOM   32   C  C   . ALA A 1 6   ? 18.024  -23.784 -16.341 1.00 91.95  ? 4   ALA A C   1 
ATOM   33   O  O   . ALA A 1 6   ? 17.246  -24.742 -16.408 1.00 93.88  ? 4   ALA A O   1 
ATOM   34   C  CB  . ALA A 1 6   ? 17.621  -21.633 -17.552 1.00 86.89  ? 4   ALA A CB  1 
ATOM   35   N  N   . MET A 1 7   ? 19.350  -23.917 -16.355 1.00 96.98  ? 5   MET A N   1 
ATOM   36   C  CA  . MET A 1 7   ? 20.003  -25.229 -16.420 1.00 96.43  ? 5   MET A CA  1 
ATOM   37   C  C   . MET A 1 7   ? 19.764  -26.070 -15.155 1.00 98.14  ? 5   MET A C   1 
ATOM   38   O  O   . MET A 1 7   ? 19.689  -27.300 -15.238 1.00 100.29 ? 5   MET A O   1 
ATOM   39   C  CB  . MET A 1 7   ? 21.514  -25.088 -16.666 1.00 94.29  ? 5   MET A CB  1 
ATOM   40   C  CG  . MET A 1 7   ? 21.940  -24.350 -17.936 1.00 92.11  ? 5   MET A CG  1 
ATOM   41   S  SD  . MET A 1 7   ? 20.914  -24.512 -19.414 1.00 92.13  ? 5   MET A SD  1 
ATOM   42   C  CE  . MET A 1 7   ? 20.935  -26.282 -19.703 1.00 97.14  ? 5   MET A CE  1 
ATOM   43   N  N   . TYR A 1 8   ? 19.652  -25.413 -13.999 1.00 97.27  ? 6   TYR A N   1 
ATOM   44   C  CA  . TYR A 1 8   ? 19.326  -26.097 -12.743 1.00 98.14  ? 6   TYR A CA  1 
ATOM   45   C  C   . TYR A 1 8   ? 17.950  -26.740 -12.820 1.00 100.31 ? 6   TYR A C   1 
ATOM   46   O  O   . TYR A 1 8   ? 17.790  -27.898 -12.451 1.00 106.34 ? 6   TYR A O   1 
ATOM   47   C  CB  . TYR A 1 8   ? 19.371  -25.124 -11.568 1.00 101.10 ? 6   TYR A CB  1 
ATOM   48   C  CG  . TYR A 1 8   ? 19.359  -25.776 -10.200 1.00 104.20 ? 6   TYR A CG  1 
ATOM   49   C  CD1 . TYR A 1 8   ? 20.538  -26.221 -9.611  1.00 106.50 ? 6   TYR A CD1 1 
ATOM   50   C  CD2 . TYR A 1 8   ? 18.172  -25.918 -9.478  1.00 106.39 ? 6   TYR A CD2 1 
ATOM   51   C  CE1 . TYR A 1 8   ? 20.542  -26.804 -8.349  1.00 108.61 ? 6   TYR A CE1 1 
ATOM   52   C  CE2 . TYR A 1 8   ? 18.163  -26.500 -8.212  1.00 106.66 ? 6   TYR A CE2 1 
ATOM   53   C  CZ  . TYR A 1 8   ? 19.352  -26.939 -7.648  1.00 109.28 ? 6   TYR A CZ  1 
ATOM   54   O  OH  . TYR A 1 8   ? 19.354  -27.523 -6.396  1.00 109.31 ? 6   TYR A OH  1 
ATOM   55   N  N   . LEU A 1 9   ? 16.969  -25.988 -13.314 1.00 100.71 ? 7   LEU A N   1 
ATOM   56   C  CA  . LEU A 1 9   ? 15.605  -26.502 -13.496 1.00 103.51 ? 7   LEU A CA  1 
ATOM   57   C  C   . LEU A 1 9   ? 15.516  -27.571 -14.582 1.00 104.15 ? 7   LEU A C   1 
ATOM   58   O  O   . LEU A 1 9   ? 14.694  -28.485 -14.485 1.00 105.86 ? 7   LEU A O   1 
ATOM   59   C  CB  . LEU A 1 9   ? 14.633  -25.367 -13.835 1.00 104.93 ? 7   LEU A CB  1 
ATOM   60   C  CG  . LEU A 1 9   ? 14.458  -24.275 -12.776 1.00 103.87 ? 7   LEU A CG  1 
ATOM   61   C  CD1 . LEU A 1 9   ? 13.664  -23.108 -13.353 1.00 101.98 ? 7   LEU A CD1 1 
ATOM   62   C  CD2 . LEU A 1 9   ? 13.806  -24.831 -11.518 1.00 101.77 ? 7   LEU A CD2 1 
ATOM   63   N  N   . GLU A 1 10  ? 16.347  -27.444 -15.616 1.00 106.56 ? 8   GLU A N   1 
ATOM   64   C  CA  . GLU A 1 10  ? 16.436  -28.454 -16.671 1.00 110.03 ? 8   GLU A CA  1 
ATOM   65   C  C   . GLU A 1 10  ? 16.931  -29.802 -16.132 1.00 111.61 ? 8   GLU A C   1 
ATOM   66   O  O   . GLU A 1 10  ? 16.466  -30.852 -16.580 1.00 111.88 ? 8   GLU A O   1 
ATOM   67   C  CB  . GLU A 1 10  ? 17.342  -27.961 -17.811 1.00 111.57 ? 8   GLU A CB  1 
ATOM   68   C  CG  . GLU A 1 10  ? 17.344  -28.819 -19.076 1.00 114.70 ? 8   GLU A CG  1 
ATOM   69   C  CD  . GLU A 1 10  ? 16.022  -28.814 -19.837 1.00 116.85 ? 8   GLU A CD  1 
ATOM   70   O  OE1 . GLU A 1 10  ? 15.071  -28.112 -19.433 1.00 120.08 ? 8   GLU A OE1 1 
ATOM   71   O  OE2 . GLU A 1 10  ? 15.933  -29.524 -20.859 1.00 115.54 ? 8   GLU A OE2 1 
ATOM   72   N  N   . HIS A 1 11  ? 17.855  -29.768 -15.171 1.00 113.47 ? 9   HIS A N   1 
ATOM   73   C  CA  . HIS A 1 11  ? 18.366  -30.983 -14.521 1.00 116.67 ? 9   HIS A CA  1 
ATOM   74   C  C   . HIS A 1 11  ? 17.273  -31.755 -13.771 1.00 115.22 ? 9   HIS A C   1 
ATOM   75   O  O   . HIS A 1 11  ? 17.242  -32.985 -13.820 1.00 114.61 ? 9   HIS A O   1 
ATOM   76   C  CB  . HIS A 1 11  ? 19.521  -30.640 -13.570 1.00 120.75 ? 9   HIS A CB  1 
ATOM   77   C  CG  . HIS A 1 11  ? 20.092  -31.825 -12.852 1.00 126.21 ? 9   HIS A CG  1 
ATOM   78   N  ND1 . HIS A 1 11  ? 19.741  -32.150 -11.558 1.00 128.72 ? 9   HIS A ND1 1 
ATOM   79   C  CD2 . HIS A 1 11  ? 20.983  -32.765 -13.247 1.00 125.46 ? 9   HIS A CD2 1 
ATOM   80   C  CE1 . HIS A 1 11  ? 20.393  -33.237 -11.186 1.00 127.44 ? 9   HIS A CE1 1 
ATOM   81   N  NE2 . HIS A 1 11  ? 21.154  -33.631 -12.193 1.00 129.72 ? 9   HIS A NE2 1 
ATOM   82   N  N   . TYR A 1 12  ? 16.381  -31.029 -13.092 1.00 114.51 ? 10  TYR A N   1 
ATOM   83   C  CA  . TYR A 1 12  ? 15.264  -31.630 -12.347 1.00 112.92 ? 10  TYR A CA  1 
ATOM   84   C  C   . TYR A 1 12  ? 13.946  -31.724 -13.143 1.00 117.41 ? 10  TYR A C   1 
ATOM   85   O  O   . TYR A 1 12  ? 12.911  -32.039 -12.556 1.00 117.95 ? 10  TYR A O   1 
ATOM   86   C  CB  . TYR A 1 12  ? 15.004  -30.836 -11.057 1.00 108.02 ? 10  TYR A CB  1 
ATOM   87   C  CG  . TYR A 1 12  ? 16.087  -30.935 -10.006 1.00 104.21 ? 10  TYR A CG  1 
ATOM   88   C  CD1 . TYR A 1 12  ? 17.072  -29.958 -9.901  1.00 103.70 ? 10  TYR A CD1 1 
ATOM   89   C  CD2 . TYR A 1 12  ? 16.109  -31.988 -9.091  1.00 102.17 ? 10  TYR A CD2 1 
ATOM   90   C  CE1 . TYR A 1 12  ? 18.060  -30.033 -8.928  1.00 103.07 ? 10  TYR A CE1 1 
ATOM   91   C  CE2 . TYR A 1 12  ? 17.092  -32.072 -8.110  1.00 102.24 ? 10  TYR A CE2 1 
ATOM   92   C  CZ  . TYR A 1 12  ? 18.068  -31.092 -8.033  1.00 102.57 ? 10  TYR A CZ  1 
ATOM   93   O  OH  . TYR A 1 12  ? 19.051  -31.163 -7.069  1.00 98.27  ? 10  TYR A OH  1 
ATOM   94   N  N   . LEU A 1 13  ? 13.980  -31.488 -14.460 1.00 125.67 ? 11  LEU A N   1 
ATOM   95   C  CA  . LEU A 1 13  ? 12.765  -31.379 -15.293 1.00 137.52 ? 11  LEU A CA  1 
ATOM   96   C  C   . LEU A 1 13  ? 11.664  -32.371 -14.911 1.00 147.23 ? 11  LEU A C   1 
ATOM   97   O  O   . LEU A 1 13  ? 10.511  -31.975 -14.715 1.00 153.01 ? 11  LEU A O   1 
ATOM   98   C  CB  . LEU A 1 13  ? 13.116  -31.543 -16.783 1.00 143.56 ? 11  LEU A CB  1 
ATOM   99   C  CG  . LEU A 1 13  ? 11.984  -31.527 -17.827 1.00 145.71 ? 11  LEU A CG  1 
ATOM   100  C  CD1 . LEU A 1 13  ? 11.093  -30.297 -17.684 1.00 144.60 ? 11  LEU A CD1 1 
ATOM   101  C  CD2 . LEU A 1 13  ? 12.558  -31.611 -19.235 1.00 144.23 ? 11  LEU A CD2 1 
ATOM   102  N  N   . ASP A 1 14  ? 12.036  -33.646 -14.797 1.00 153.03 ? 12  ASP A N   1 
ATOM   103  C  CA  . ASP A 1 14  ? 11.103  -34.704 -14.393 1.00 154.44 ? 12  ASP A CA  1 
ATOM   104  C  C   . ASP A 1 14  ? 10.886  -34.702 -12.886 1.00 149.95 ? 12  ASP A C   1 
ATOM   105  O  O   . ASP A 1 14  ? 9.757   -34.536 -12.418 1.00 147.14 ? 12  ASP A O   1 
ATOM   106  C  CB  . ASP A 1 14  ? 11.613  -36.084 -14.833 1.00 156.37 ? 12  ASP A CB  1 
ATOM   107  C  CG  . ASP A 1 14  ? 11.698  -36.231 -16.346 1.00 157.36 ? 12  ASP A CG  1 
ATOM   108  O  OD1 . ASP A 1 14  ? 11.355  -35.275 -17.077 1.00 153.10 ? 12  ASP A OD1 1 
ATOM   109  O  OD2 . ASP A 1 14  ? 12.113  -37.316 -16.803 1.00 157.00 ? 12  ASP A OD2 1 
ATOM   110  N  N   . SER A 1 15  ? 11.973  -34.878 -12.136 1.00 148.04 ? 13  SER A N   1 
ATOM   111  C  CA  . SER A 1 15  ? 11.910  -35.039 -10.679 1.00 147.84 ? 13  SER A CA  1 
ATOM   112  C  C   . SER A 1 15  ? 11.993  -33.698 -9.935  1.00 146.39 ? 13  SER A C   1 
ATOM   113  O  O   . SER A 1 15  ? 12.979  -33.421 -9.251  1.00 142.24 ? 13  SER A O   1 
ATOM   114  C  CB  . SER A 1 15  ? 13.019  -35.987 -10.208 1.00 145.12 ? 13  SER A CB  1 
ATOM   115  O  OG  . SER A 1 15  ? 12.917  -37.247 -10.845 1.00 142.17 ? 13  SER A OG  1 
ATOM   116  N  N   . ILE A 1 16  ? 10.944  -32.882 -10.062 1.00 146.87 ? 14  ILE A N   1 
ATOM   117  C  CA  . ILE A 1 16  ? 10.875  -31.564 -9.396  1.00 146.41 ? 14  ILE A CA  1 
ATOM   118  C  C   . ILE A 1 16  ? 10.589  -31.703 -7.881  1.00 147.84 ? 14  ILE A C   1 
ATOM   119  O  O   . ILE A 1 16  ? 10.900  -30.790 -7.106  1.00 142.93 ? 14  ILE A O   1 
ATOM   120  C  CB  . ILE A 1 16  ? 9.856   -30.614 -10.096 1.00 144.27 ? 14  ILE A CB  1 
ATOM   121  C  CG1 . ILE A 1 16  ? 10.260  -30.391 -11.565 1.00 142.87 ? 14  ILE A CG1 1 
ATOM   122  C  CG2 . ILE A 1 16  ? 9.764   -29.266 -9.377  1.00 140.75 ? 14  ILE A CG2 1 
ATOM   123  C  CD1 . ILE A 1 16  ? 9.238   -29.647 -12.401 1.00 140.66 ? 14  ILE A CD1 1 
ATOM   124  N  N   . GLU A 1 17  ? 10.020  -32.837 -7.461  1.00 145.57 ? 15  GLU A N   1 
ATOM   125  C  CA  . GLU A 1 17  ? 9.882   -33.165 -6.025  1.00 139.32 ? 15  GLU A CA  1 
ATOM   126  C  C   . GLU A 1 17  ? 11.226  -33.322 -5.276  1.00 132.68 ? 15  GLU A C   1 
ATOM   127  O  O   . GLU A 1 17  ? 11.272  -33.176 -4.053  1.00 124.92 ? 15  GLU A O   1 
ATOM   128  C  CB  . GLU A 1 17  ? 8.987   -34.403 -5.802  1.00 142.33 ? 15  GLU A CB  1 
ATOM   129  C  CG  . GLU A 1 17  ? 9.533   -35.752 -6.287  1.00 144.28 ? 15  GLU A CG  1 
ATOM   130  C  CD  . GLU A 1 17  ? 9.146   -36.117 -7.715  1.00 145.39 ? 15  GLU A CD  1 
ATOM   131  O  OE1 . GLU A 1 17  ? 8.035   -35.757 -8.166  1.00 150.61 ? 15  GLU A OE1 1 
ATOM   132  O  OE2 . GLU A 1 17  ? 9.958   -36.782 -8.393  1.00 142.62 ? 15  GLU A OE2 1 
ATOM   133  N  N   . ASN A 1 18  ? 12.300  -33.628 -6.008  1.00 128.57 ? 16  ASN A N   1 
ATOM   134  C  CA  . ASN A 1 18  ? 13.660  -33.667 -5.444  1.00 126.98 ? 16  ASN A CA  1 
ATOM   135  C  C   . ASN A 1 18  ? 14.218  -32.274 -5.106  1.00 120.03 ? 16  ASN A C   1 
ATOM   136  O  O   . ASN A 1 18  ? 15.091  -32.150 -4.244  1.00 120.35 ? 16  ASN A O   1 
ATOM   137  C  CB  . ASN A 1 18  ? 14.643  -34.341 -6.420  1.00 132.20 ? 16  ASN A CB  1 
ATOM   138  C  CG  . ASN A 1 18  ? 14.287  -35.786 -6.735  1.00 131.42 ? 16  ASN A CG  1 
ATOM   139  O  OD1 . ASN A 1 18  ? 13.322  -36.340 -6.207  1.00 134.06 ? 16  ASN A OD1 1 
ATOM   140  N  ND2 . ASN A 1 18  ? 15.076  -36.403 -7.612  1.00 129.17 ? 16  ASN A ND2 1 
ATOM   141  N  N   . LEU A 1 19  ? 13.721  -31.247 -5.800  1.00 110.41 ? 17  LEU A N   1 
ATOM   142  C  CA  . LEU A 1 19  ? 14.269  -29.881 -5.760  1.00 103.45 ? 17  LEU A CA  1 
ATOM   143  C  C   . LEU A 1 19  ? 14.170  -29.281 -4.356  1.00 98.16  ? 17  LEU A C   1 
ATOM   144  O  O   . LEU A 1 19  ? 13.074  -29.236 -3.810  1.00 106.15 ? 17  LEU A O   1 
ATOM   145  C  CB  . LEU A 1 19  ? 13.499  -29.009 -6.760  1.00 104.48 ? 17  LEU A CB  1 
ATOM   146  C  CG  . LEU A 1 19  ? 14.074  -27.668 -7.219  1.00 106.26 ? 17  LEU A CG  1 
ATOM   147  C  CD1 . LEU A 1 19  ? 13.534  -27.323 -8.604  1.00 104.55 ? 17  LEU A CD1 1 
ATOM   148  C  CD2 . LEU A 1 19  ? 13.772  -26.550 -6.232  1.00 110.60 ? 17  LEU A CD2 1 
ATOM   149  N  N   . PRO A 1 20  ? 15.300  -28.810 -3.772  1.00 96.99  ? 18  PRO A N   1 
ATOM   150  C  CA  . PRO A 1 20  ? 15.341  -28.393 -2.346  1.00 101.09 ? 18  PRO A CA  1 
ATOM   151  C  C   . PRO A 1 20  ? 14.219  -27.445 -1.906  1.00 106.72 ? 18  PRO A C   1 
ATOM   152  O  O   . PRO A 1 20  ? 13.735  -26.639 -2.705  1.00 110.18 ? 18  PRO A O   1 
ATOM   153  C  CB  . PRO A 1 20  ? 16.699  -27.691 -2.210  1.00 97.22  ? 18  PRO A CB  1 
ATOM   154  C  CG  . PRO A 1 20  ? 17.524  -28.219 -3.321  1.00 96.43  ? 18  PRO A CG  1 
ATOM   155  C  CD  . PRO A 1 20  ? 16.599  -28.597 -4.438  1.00 96.77  ? 18  PRO A CD  1 
ATOM   156  N  N   . SER A 1 21  ? 13.823  -27.541 -0.641  1.00 112.83 ? 19  SER A N   1 
ATOM   157  C  CA  . SER A 1 21  ? 12.657  -26.807 -0.140  1.00 116.62 ? 19  SER A CA  1 
ATOM   158  C  C   . SER A 1 21  ? 12.879  -25.297 -0.113  1.00 114.34 ? 19  SER A C   1 
ATOM   159  O  O   . SER A 1 21  ? 12.018  -24.548 -0.581  1.00 110.19 ? 19  SER A O   1 
ATOM   160  C  CB  . SER A 1 21  ? 12.250  -27.305 1.250   1.00 122.42 ? 19  SER A CB  1 
ATOM   161  O  OG  . SER A 1 21  ? 11.732  -28.622 1.171   1.00 129.30 ? 19  SER A OG  1 
ATOM   162  N  N   . GLU A 1 22  ? 14.028  -24.864 0.419   1.00 112.54 ? 20  GLU A N   1 
ATOM   163  C  CA  . GLU A 1 22  ? 14.416  -23.436 0.418   1.00 111.03 ? 20  GLU A CA  1 
ATOM   164  C  C   . GLU A 1 22  ? 14.292  -22.797 -0.974  1.00 106.26 ? 20  GLU A C   1 
ATOM   165  O  O   . GLU A 1 22  ? 13.859  -21.649 -1.107  1.00 101.66 ? 20  GLU A O   1 
ATOM   166  C  CB  . GLU A 1 22  ? 15.842  -23.232 0.973   1.00 114.62 ? 20  GLU A CB  1 
ATOM   167  C  CG  . GLU A 1 22  ? 16.977  -23.936 0.215   1.00 118.44 ? 20  GLU A CG  1 
ATOM   168  C  CD  . GLU A 1 22  ? 18.379  -23.476 0.626   1.00 118.57 ? 20  GLU A CD  1 
ATOM   169  O  OE1 . GLU A 1 22  ? 18.533  -22.796 1.665   1.00 121.20 ? 20  GLU A OE1 1 
ATOM   170  O  OE2 . GLU A 1 22  ? 19.344  -23.802 -0.099  1.00 112.49 ? 20  GLU A OE2 1 
ATOM   171  N  N   . LEU A 1 23  ? 14.648  -23.574 -1.995  1.00 101.42 ? 21  LEU A N   1 
ATOM   172  C  CA  . LEU A 1 23  ? 14.659  -23.116 -3.377  1.00 99.18  ? 21  LEU A CA  1 
ATOM   173  C  C   . LEU A 1 23  ? 13.283  -23.172 -4.028  1.00 93.84  ? 21  LEU A C   1 
ATOM   174  O  O   . LEU A 1 23  ? 12.968  -22.333 -4.862  1.00 98.64  ? 21  LEU A O   1 
ATOM   175  C  CB  . LEU A 1 23  ? 15.650  -23.947 -4.199  1.00 101.98 ? 21  LEU A CB  1 
ATOM   176  C  CG  . LEU A 1 23  ? 16.581  -23.167 -5.122  1.00 104.22 ? 21  LEU A CG  1 
ATOM   177  C  CD1 . LEU A 1 23  ? 17.521  -22.286 -4.308  1.00 102.38 ? 21  LEU A CD1 1 
ATOM   178  C  CD2 . LEU A 1 23  ? 17.357  -24.149 -5.987  1.00 106.42 ? 21  LEU A CD2 1 
ATOM   179  N  N   . GLN A 1 24  ? 12.473  -24.160 -3.667  1.00 92.32  ? 22  GLN A N   1 
ATOM   180  C  CA  . GLN A 1 24  ? 11.113  -24.270 -4.211  1.00 93.16  ? 22  GLN A CA  1 
ATOM   181  C  C   . GLN A 1 24  ? 10.197  -23.186 -3.639  1.00 90.33  ? 22  GLN A C   1 
ATOM   182  O  O   . GLN A 1 24  ? 9.356   -22.637 -4.355  1.00 85.00  ? 22  GLN A O   1 
ATOM   183  C  CB  . GLN A 1 24  ? 10.542  -25.657 -3.941  1.00 93.63  ? 22  GLN A CB  1 
ATOM   184  C  CG  . GLN A 1 24  ? 9.307   -25.982 -4.760  1.00 92.73  ? 22  GLN A CG  1 
ATOM   185  C  CD  . GLN A 1 24  ? 9.094   -27.470 -4.932  1.00 98.36  ? 22  GLN A CD  1 
ATOM   186  O  OE1 . GLN A 1 24  ? 9.705   -28.289 -4.238  1.00 100.31 ? 22  GLN A OE1 1 
ATOM   187  N  NE2 . GLN A 1 24  ? 8.223   -27.833 -5.867  1.00 106.77 ? 22  GLN A NE2 1 
ATOM   188  N  N   . ARG A 1 25  ? 10.364  -22.914 -2.344  1.00 90.14  ? 23  ARG A N   1 
ATOM   189  C  CA  . ARG A 1 25  ? 9.802   -21.730 -1.680  1.00 90.03  ? 23  ARG A CA  1 
ATOM   190  C  C   . ARG A 1 25  ? 10.149  -20.473 -2.487  1.00 86.54  ? 23  ARG A C   1 
ATOM   191  O  O   . ARG A 1 25  ? 9.260   -19.840 -3.066  1.00 84.29  ? 23  ARG A O   1 
ATOM   192  C  CB  . ARG A 1 25  ? 10.330  -21.648 -0.227  1.00 94.51  ? 23  ARG A CB  1 
ATOM   193  C  CG  . ARG A 1 25  ? 10.183  -20.321 0.528   1.00 97.44  ? 23  ARG A CG  1 
ATOM   194  C  CD  . ARG A 1 25  ? 8.990   -20.260 1.476   1.00 101.22 ? 23  ARG A CD  1 
ATOM   195  N  NE  . ARG A 1 25  ? 7.724   -20.053 0.764   1.00 104.24 ? 23  ARG A NE  1 
ATOM   196  C  CZ  . ARG A 1 25  ? 6.642   -19.427 1.246   1.00 103.99 ? 23  ARG A CZ  1 
ATOM   197  N  NH1 . ARG A 1 25  ? 6.616   -18.901 2.474   1.00 105.62 ? 23  ARG A NH1 1 
ATOM   198  N  NH2 . ARG A 1 25  ? 5.561   -19.313 0.477   1.00 103.79 ? 23  ARG A NH2 1 
ATOM   199  N  N   . ASN A 1 26  ? 11.442  -20.152 -2.556  1.00 83.81  ? 24  ASN A N   1 
ATOM   200  C  CA  . ASN A 1 26  ? 11.912  -18.928 -3.223  1.00 81.41  ? 24  ASN A CA  1 
ATOM   201  C  C   . ASN A 1 26  ? 11.419  -18.764 -4.662  1.00 80.40  ? 24  ASN A C   1 
ATOM   202  O  O   . ASN A 1 26  ? 11.055  -17.659 -5.044  1.00 83.32  ? 24  ASN A O   1 
ATOM   203  C  CB  . ASN A 1 26  ? 13.448  -18.807 -3.176  1.00 79.61  ? 24  ASN A CB  1 
ATOM   204  C  CG  . ASN A 1 26  ? 13.952  -18.130 -1.913  1.00 80.56  ? 24  ASN A CG  1 
ATOM   205  O  OD1 . ASN A 1 26  ? 13.304  -18.168 -0.871  1.00 85.13  ? 24  ASN A OD1 1 
ATOM   206  N  ND2 . ASN A 1 26  ? 15.121  -17.506 -2.002  1.00 79.86  ? 24  ASN A ND2 1 
ATOM   207  N  N   . PHE A 1 27  ? 11.386  -19.841 -5.447  1.00 80.82  ? 25  PHE A N   1 
ATOM   208  C  CA  . PHE A 1 27  ? 10.894  -19.742 -6.833  1.00 86.66  ? 25  PHE A CA  1 
ATOM   209  C  C   . PHE A 1 27  ? 9.426   -19.339 -6.899  1.00 85.95  ? 25  PHE A C   1 
ATOM   210  O  O   . PHE A 1 27  ? 9.020   -18.709 -7.876  1.00 83.95  ? 25  PHE A O   1 
ATOM   211  C  CB  . PHE A 1 27  ? 11.095  -21.041 -7.648  1.00 89.71  ? 25  PHE A CB  1 
ATOM   212  C  CG  . PHE A 1 27  ? 12.539  -21.380 -7.946  1.00 91.50  ? 25  PHE A CG  1 
ATOM   213  C  CD1 . PHE A 1 27  ? 13.468  -20.394 -8.301  1.00 93.34  ? 25  PHE A CD1 1 
ATOM   214  C  CD2 . PHE A 1 27  ? 12.965  -22.704 -7.904  1.00 92.87  ? 25  PHE A CD2 1 
ATOM   215  C  CE1 . PHE A 1 27  ? 14.788  -20.722 -8.571  1.00 93.08  ? 25  PHE A CE1 1 
ATOM   216  C  CE2 . PHE A 1 27  ? 14.285  -23.035 -8.173  1.00 94.68  ? 25  PHE A CE2 1 
ATOM   217  C  CZ  . PHE A 1 27  ? 15.198  -22.044 -8.510  1.00 94.41  ? 25  PHE A CZ  1 
ATOM   218  N  N   . GLN A 1 28  ? 8.641   -19.699 -5.878  1.00 87.52  ? 26  GLN A N   1 
ATOM   219  C  CA  . GLN A 1 28  ? 7.243   -19.279 -5.817  1.00 90.47  ? 26  GLN A CA  1 
ATOM   220  C  C   . GLN A 1 28  ? 7.139   -17.831 -5.376  1.00 90.22  ? 26  GLN A C   1 
ATOM   221  O  O   . GLN A 1 28  ? 6.492   -17.027 -6.050  1.00 91.63  ? 26  GLN A O   1 
ATOM   222  C  CB  . GLN A 1 28  ? 6.402   -20.165 -4.902  1.00 92.79  ? 26  GLN A CB  1 
ATOM   223  C  CG  . GLN A 1 28  ? 4.945   -20.194 -5.350  1.00 99.44  ? 26  GLN A CG  1 
ATOM   224  C  CD  . GLN A 1 28  ? 3.984   -20.681 -4.289  1.00 110.44 ? 26  GLN A CD  1 
ATOM   225  O  OE1 . GLN A 1 28  ? 4.389   -21.171 -3.230  1.00 116.50 ? 26  GLN A OE1 1 
ATOM   226  N  NE2 . GLN A 1 28  ? 2.691   -20.549 -4.573  1.00 116.06 ? 26  GLN A NE2 1 
ATOM   227  N  N   . LEU A 1 29  ? 7.794   -17.497 -4.266  1.00 89.01  ? 27  LEU A N   1 
ATOM   228  C  CA  . LEU A 1 29  ? 7.822   -16.122 -3.765  1.00 89.05  ? 27  LEU A CA  1 
ATOM   229  C  C   . LEU A 1 29  ? 8.155   -15.115 -4.862  1.00 91.42  ? 27  LEU A C   1 
ATOM   230  O  O   . LEU A 1 29  ? 7.531   -14.058 -4.924  1.00 99.09  ? 27  LEU A O   1 
ATOM   231  C  CB  . LEU A 1 29  ? 8.820   -15.974 -2.615  1.00 89.55  ? 27  LEU A CB  1 
ATOM   232  C  CG  . LEU A 1 29  ? 8.444   -16.617 -1.277  1.00 91.15  ? 27  LEU A CG  1 
ATOM   233  C  CD1 . LEU A 1 29  ? 9.575   -16.425 -0.276  1.00 92.88  ? 27  LEU A CD1 1 
ATOM   234  C  CD2 . LEU A 1 29  ? 7.143   -16.048 -0.729  1.00 91.93  ? 27  LEU A CD2 1 
ATOM   235  N  N   . MET A 1 30  ? 9.115   -15.457 -5.724  1.00 95.05  ? 28  MET A N   1 
ATOM   236  C  CA  . MET A 1 30  ? 9.475   -14.625 -6.885  1.00 98.31  ? 28  MET A CA  1 
ATOM   237  C  C   . MET A 1 30  ? 8.307   -14.455 -7.859  1.00 93.39  ? 28  MET A C   1 
ATOM   238  O  O   . MET A 1 30  ? 8.099   -13.368 -8.381  1.00 95.92  ? 28  MET A O   1 
ATOM   239  C  CB  . MET A 1 30  ? 10.712  -15.191 -7.619  1.00 106.40 ? 28  MET A CB  1 
ATOM   240  C  CG  . MET A 1 30  ? 12.031  -15.011 -6.857  1.00 110.87 ? 28  MET A CG  1 
ATOM   241  S  SD  . MET A 1 30  ? 13.573  -15.312 -7.763  1.00 118.07 ? 28  MET A SD  1 
ATOM   242  C  CE  . MET A 1 30  ? 13.136  -16.659 -8.864  1.00 116.19 ? 28  MET A CE  1 
ATOM   243  N  N   . ARG A 1 31  ? 7.547   -15.521 -8.097  1.00 94.10  ? 29  ARG A N   1 
ATOM   244  C  CA  . ARG A 1 31  ? 6.361   -15.453 -8.964  1.00 97.88  ? 29  ARG A CA  1 
ATOM   245  C  C   . ARG A 1 31  ? 5.200   -14.693 -8.308  1.00 95.54  ? 29  ARG A C   1 
ATOM   246  O  O   . ARG A 1 31  ? 4.512   -13.917 -8.977  1.00 90.12  ? 29  ARG A O   1 
ATOM   247  C  CB  . ARG A 1 31  ? 5.924   -16.860 -9.412  1.00 101.47 ? 29  ARG A CB  1 
ATOM   248  C  CG  . ARG A 1 31  ? 6.902   -17.505 -10.393 1.00 109.40 ? 29  ARG A CG  1 
ATOM   249  C  CD  . ARG A 1 31  ? 6.442   -18.856 -10.940 1.00 112.70 ? 29  ARG A CD  1 
ATOM   250  N  NE  . ARG A 1 31  ? 6.767   -19.986 -10.056 1.00 114.64 ? 29  ARG A NE  1 
ATOM   251  C  CZ  . ARG A 1 31  ? 5.965   -20.521 -9.125  1.00 115.86 ? 29  ARG A CZ  1 
ATOM   252  N  NH1 . ARG A 1 31  ? 4.734   -20.053 -8.892  1.00 117.14 ? 29  ARG A NH1 1 
ATOM   253  N  NH2 . ARG A 1 31  ? 6.409   -21.544 -8.399  1.00 112.52 ? 29  ARG A NH2 1 
ATOM   254  N  N   . GLU A 1 32  ? 4.991   -14.925 -7.011  1.00 96.75  ? 30  GLU A N   1 
ATOM   255  C  CA  . GLU A 1 32  ? 3.983   -14.194 -6.216  1.00 95.60  ? 30  GLU A CA  1 
ATOM   256  C  C   . GLU A 1 32  ? 4.289   -12.700 -6.142  1.00 96.26  ? 30  GLU A C   1 
ATOM   257  O  O   . GLU A 1 32  ? 3.402   -11.873 -6.372  1.00 103.19 ? 30  GLU A O   1 
ATOM   258  C  CB  . GLU A 1 32  ? 3.889   -14.749 -4.785  1.00 92.35  ? 30  GLU A CB  1 
ATOM   259  C  CG  . GLU A 1 32  ? 3.175   -16.090 -4.669  1.00 91.50  ? 30  GLU A CG  1 
ATOM   260  C  CD  . GLU A 1 32  ? 3.185   -16.659 -3.254  1.00 93.31  ? 30  GLU A CD  1 
ATOM   261  O  OE1 . GLU A 1 32  ? 3.736   -16.004 -2.334  1.00 94.42  ? 30  GLU A OE1 1 
ATOM   262  O  OE2 . GLU A 1 32  ? 2.640   -17.773 -3.061  1.00 88.93  ? 30  GLU A OE2 1 
ATOM   263  N  N   . LEU A 1 33  ? 5.541   -12.375 -5.812  1.00 89.71  ? 31  LEU A N   1 
ATOM   264  C  CA  . LEU A 1 33  ? 6.013   -10.990 -5.736  1.00 85.24  ? 31  LEU A CA  1 
ATOM   265  C  C   . LEU A 1 33  ? 5.833   -10.242 -7.047  1.00 86.26  ? 31  LEU A C   1 
ATOM   266  O  O   . LEU A 1 33  ? 5.434   -9.082  -7.036  1.00 92.59  ? 31  LEU A O   1 
ATOM   267  C  CB  . LEU A 1 33  ? 7.488   -10.947 -5.338  1.00 84.62  ? 31  LEU A CB  1 
ATOM   268  C  CG  . LEU A 1 33  ? 8.154   -9.585  -5.136  1.00 84.75  ? 31  LEU A CG  1 
ATOM   269  C  CD1 . LEU A 1 33  ? 7.478   -8.793  -4.029  1.00 87.78  ? 31  LEU A CD1 1 
ATOM   270  C  CD2 . LEU A 1 33  ? 9.619   -9.787  -4.809  1.00 82.16  ? 31  LEU A CD2 1 
ATOM   271  N  N   . ASP A 1 34  ? 6.131   -10.904 -8.164  1.00 88.44  ? 32  ASP A N   1 
ATOM   272  C  CA  . ASP A 1 34  ? 5.932   -10.314 -9.498  1.00 90.34  ? 32  ASP A CA  1 
ATOM   273  C  C   . ASP A 1 34  ? 4.465   -9.973  -9.785  1.00 91.10  ? 32  ASP A C   1 
ATOM   274  O  O   . ASP A 1 34  ? 4.204   -9.008  -10.489 1.00 96.56  ? 32  ASP A O   1 
ATOM   275  C  CB  . ASP A 1 34  ? 6.469   -11.233 -10.616 1.00 90.52  ? 32  ASP A CB  1 
ATOM   276  C  CG  . ASP A 1 34  ? 7.991   -11.200 -10.754 1.00 90.83  ? 32  ASP A CG  1 
ATOM   277  O  OD1 . ASP A 1 34  ? 8.685   -10.483 -10.003 1.00 91.71  ? 32  ASP A OD1 1 
ATOM   278  O  OD2 . ASP A 1 34  ? 8.503   -11.914 -11.637 1.00 93.02  ? 32  ASP A OD2 1 
ATOM   279  N  N   . GLN A 1 35  ? 3.522   -10.760 -9.266  1.00 91.98  ? 33  GLN A N   1 
ATOM   280  C  CA  . GLN A 1 35  ? 2.092   -10.443 -9.415  1.00 99.44  ? 33  GLN A CA  1 
ATOM   281  C  C   . GLN A 1 35  ? 1.717   -9.224  -8.588  1.00 102.55 ? 33  GLN A C   1 
ATOM   282  O  O   . GLN A 1 35  ? 1.128   -8.274  -9.110  1.00 106.88 ? 33  GLN A O   1 
ATOM   283  C  CB  . GLN A 1 35  ? 1.186   -11.629 -9.035  1.00 105.26 ? 33  GLN A CB  1 
ATOM   284  C  CG  . GLN A 1 35  ? 0.780   -12.496 -10.219 1.00 108.83 ? 33  GLN A CG  1 
ATOM   285  C  CD  . GLN A 1 35  ? -0.205  -11.804 -11.148 1.00 106.51 ? 33  GLN A CD  1 
ATOM   286  O  OE1 . GLN A 1 35  ? -1.397  -11.727 -10.850 1.00 106.75 ? 33  GLN A OE1 1 
ATOM   287  N  NE2 . GLN A 1 35  ? 0.290   -11.298 -12.280 1.00 96.86  ? 33  GLN A NE2 1 
ATOM   288  N  N   . ARG A 1 36  ? 2.068   -9.256  -7.305  1.00 101.84 ? 34  ARG A N   1 
ATOM   289  C  CA  . ARG A 1 36  ? 1.824   -8.127  -6.407  1.00 99.74  ? 34  ARG A CA  1 
ATOM   290  C  C   . ARG A 1 36  ? 2.515   -6.843  -6.882  1.00 99.46  ? 34  ARG A C   1 
ATOM   291  O  O   . ARG A 1 36  ? 1.955   -5.758  -6.727  1.00 103.52 ? 34  ARG A O   1 
ATOM   292  C  CB  . ARG A 1 36  ? 2.216   -8.481  -4.966  1.00 100.55 ? 34  ARG A CB  1 
ATOM   293  C  CG  . ARG A 1 36  ? 1.282   -9.515  -4.350  1.00 106.56 ? 34  ARG A CG  1 
ATOM   294  C  CD  . ARG A 1 36  ? 1.479   -9.715  -2.852  1.00 108.11 ? 34  ARG A CD  1 
ATOM   295  N  NE  . ARG A 1 36  ? 2.520   -10.703 -2.562  1.00 106.50 ? 34  ARG A NE  1 
ATOM   296  C  CZ  . ARG A 1 36  ? 3.814   -10.446 -2.351  1.00 108.74 ? 34  ARG A CZ  1 
ATOM   297  N  NH1 . ARG A 1 36  ? 4.300   -9.201  -2.378  1.00 106.59 ? 34  ARG A NH1 1 
ATOM   298  N  NH2 . ARG A 1 36  ? 4.641   -11.460 -2.105  1.00 113.96 ? 34  ARG A NH2 1 
ATOM   299  N  N   . THR A 1 37  ? 3.704   -6.973  -7.477  1.00 97.43  ? 35  THR A N   1 
ATOM   300  C  CA  . THR A 1 37  ? 4.412   -5.835  -8.085  1.00 97.50  ? 35  THR A CA  1 
ATOM   301  C  C   . THR A 1 37  ? 3.702   -5.301  -9.329  1.00 98.88  ? 35  THR A C   1 
ATOM   302  O  O   . THR A 1 37  ? 3.635   -4.089  -9.534  1.00 96.94  ? 35  THR A O   1 
ATOM   303  C  CB  . THR A 1 37  ? 5.857   -6.204  -8.489  1.00 97.61  ? 35  THR A CB  1 
ATOM   304  O  OG1 . THR A 1 37  ? 6.560   -6.740  -7.363  1.00 95.91  ? 35  THR A OG1 1 
ATOM   305  C  CG2 . THR A 1 37  ? 6.611   -4.976  -9.011  1.00 100.88 ? 35  THR A CG2 1 
ATOM   306  N  N   . GLU A 1 38  ? 3.197   -6.208  -10.160 1.00 103.61 ? 36  GLU A N   1 
ATOM   307  C  CA  . GLU A 1 38  ? 2.537   -5.834  -11.414 1.00 105.95 ? 36  GLU A CA  1 
ATOM   308  C  C   . GLU A 1 38  ? 1.144   -5.259  -11.164 1.00 97.39  ? 36  GLU A C   1 
ATOM   309  O  O   . GLU A 1 38  ? 0.679   -4.423  -11.933 1.00 95.90  ? 36  GLU A O   1 
ATOM   310  C  CB  . GLU A 1 38  ? 2.463   -7.028  -12.389 1.00 114.73 ? 36  GLU A CB  1 
ATOM   311  C  CG  . GLU A 1 38  ? 2.700   -6.671  -13.856 1.00 121.27 ? 36  GLU A CG  1 
ATOM   312  C  CD  . GLU A 1 38  ? 4.118   -6.176  -14.151 1.00 124.26 ? 36  GLU A CD  1 
ATOM   313  O  OE1 . GLU A 1 38  ? 5.056   -6.481  -13.380 1.00 124.79 ? 36  GLU A OE1 1 
ATOM   314  O  OE2 . GLU A 1 38  ? 4.295   -5.473  -15.171 1.00 122.63 ? 36  GLU A OE2 1 
ATOM   315  N  N   . ASP A 1 39  ? 0.487   -5.707  -10.097 1.00 96.14  ? 37  ASP A N   1 
ATOM   316  C  CA  . ASP A 1 39  ? -0.807  -5.142  -9.693  1.00 99.84  ? 37  ASP A CA  1 
ATOM   317  C  C   . ASP A 1 39  ? -0.675  -3.714  -9.146  1.00 99.50  ? 37  ASP A C   1 
ATOM   318  O  O   . ASP A 1 39  ? -1.419  -2.829  -9.566  1.00 107.59 ? 37  ASP A O   1 
ATOM   319  C  CB  . ASP A 1 39  ? -1.519  -6.047  -8.674  1.00 97.95  ? 37  ASP A CB  1 
ATOM   320  C  CG  . ASP A 1 39  ? -1.978  -7.378  -9.278  1.00 94.97  ? 37  ASP A CG  1 
ATOM   321  O  OD1 . ASP A 1 39  ? -1.863  -7.570  -10.512 1.00 92.70  ? 37  ASP A OD1 1 
ATOM   322  O  OD2 . ASP A 1 39  ? -2.456  -8.236  -8.508  1.00 89.46  ? 37  ASP A OD2 1 
ATOM   323  N  N   . LYS A 1 40  ? 0.267   -3.485  -8.231  1.00 94.47  ? 38  LYS A N   1 
ATOM   324  C  CA  . LYS A 1 40  ? 0.478   -2.136  -7.675  1.00 91.55  ? 38  LYS A CA  1 
ATOM   325  C  C   . LYS A 1 40  ? 0.827   -1.088  -8.734  1.00 91.70  ? 38  LYS A C   1 
ATOM   326  O  O   . LYS A 1 40  ? 0.378   0.047   -8.630  1.00 94.09  ? 38  LYS A O   1 
ATOM   327  C  CB  . LYS A 1 40  ? 1.543   -2.120  -6.565  1.00 91.76  ? 38  LYS A CB  1 
ATOM   328  C  CG  . LYS A 1 40  ? 0.983   -2.179  -5.150  1.00 92.98  ? 38  LYS A CG  1 
ATOM   329  C  CD  . LYS A 1 40  ? 0.329   -0.870  -4.733  1.00 92.68  ? 38  LYS A CD  1 
ATOM   330  C  CE  . LYS A 1 40  ? -0.117  -0.890  -3.276  1.00 93.35  ? 38  LYS A CE  1 
ATOM   331  N  NZ  . LYS A 1 40  ? -1.274  -1.792  -3.037  1.00 94.22  ? 38  LYS A NZ  1 
ATOM   332  N  N   . LYS A 1 41  ? 1.620   -1.457  -9.739  1.00 92.81  ? 39  LYS A N   1 
ATOM   333  C  CA  . LYS A 1 41  ? 1.962   -0.523  -10.820 1.00 96.34  ? 39  LYS A CA  1 
ATOM   334  C  C   . LYS A 1 41  ? 0.741   -0.143  -11.649 1.00 95.97  ? 39  LYS A C   1 
ATOM   335  O  O   . LYS A 1 41  ? 0.648   0.991   -12.121 1.00 98.30  ? 39  LYS A O   1 
ATOM   336  C  CB  . LYS A 1 41  ? 3.066   -1.083  -11.726 1.00 104.11 ? 39  LYS A CB  1 
ATOM   337  C  CG  . LYS A 1 41  ? 4.450   -1.035  -11.092 1.00 112.92 ? 39  LYS A CG  1 
ATOM   338  C  CD  . LYS A 1 41  ? 5.568   -1.308  -12.090 1.00 117.14 ? 39  LYS A CD  1 
ATOM   339  C  CE  . LYS A 1 41  ? 6.927   -0.938  -11.509 1.00 120.52 ? 39  LYS A CE  1 
ATOM   340  N  NZ  . LYS A 1 41  ? 8.052   -1.172  -12.459 1.00 121.04 ? 39  LYS A NZ  1 
ATOM   341  N  N   . ALA A 1 42  ? -0.183  -1.087  -11.814 1.00 95.57  ? 40  ALA A N   1 
ATOM   342  C  CA  . ALA A 1 42  ? -1.445  -0.844  -12.523 1.00 101.38 ? 40  ALA A CA  1 
ATOM   343  C  C   . ALA A 1 42  ? -2.394  0.025   -11.703 1.00 101.21 ? 40  ALA A C   1 
ATOM   344  O  O   . ALA A 1 42  ? -3.027  0.942   -12.233 1.00 103.80 ? 40  ALA A O   1 
ATOM   345  C  CB  . ALA A 1 42  ? -2.122  -2.165  -12.863 1.00 106.11 ? 40  ALA A CB  1 
ATOM   346  N  N   . GLU A 1 43  ? -2.498  -0.299  -10.415 1.00 97.07  ? 41  GLU A N   1 
ATOM   347  C  CA  . GLU A 1 43  ? -3.280  0.474   -9.448  1.00 90.70  ? 41  GLU A CA  1 
ATOM   348  C  C   . GLU A 1 43  ? -2.846  1.948   -9.434  1.00 87.21  ? 41  GLU A C   1 
ATOM   349  O  O   . GLU A 1 43  ? -3.684  2.842   -9.490  1.00 89.30  ? 41  GLU A O   1 
ATOM   350  C  CB  . GLU A 1 43  ? -3.134  -0.145  -8.052  1.00 90.09  ? 41  GLU A CB  1 
ATOM   351  C  CG  . GLU A 1 43  ? -4.145  0.334   -7.023  1.00 94.15  ? 41  GLU A CG  1 
ATOM   352  C  CD  . GLU A 1 43  ? -3.891  -0.216  -5.624  1.00 95.05  ? 41  GLU A CD  1 
ATOM   353  O  OE1 . GLU A 1 43  ? -3.099  -1.174  -5.467  1.00 91.76  ? 41  GLU A OE1 1 
ATOM   354  O  OE2 . GLU A 1 43  ? -4.500  0.318   -4.674  1.00 96.67  ? 41  GLU A OE2 1 
ATOM   355  N  N   . ILE A 1 44  ? -1.539  2.186   -9.391  1.00 85.34  ? 42  ILE A N   1 
ATOM   356  C  CA  . ILE A 1 44  ? -0.981  3.548   -9.401  1.00 86.71  ? 42  ILE A CA  1 
ATOM   357  C  C   . ILE A 1 44  ? -1.357  4.324   -10.669 1.00 90.04  ? 42  ILE A C   1 
ATOM   358  O  O   . ILE A 1 44  ? -1.657  5.517   -10.593 1.00 92.34  ? 42  ILE A O   1 
ATOM   359  C  CB  . ILE A 1 44  ? 0.556   3.531   -9.205  1.00 83.91  ? 42  ILE A CB  1 
ATOM   360  C  CG1 . ILE A 1 44  ? 0.889   3.108   -7.773  1.00 86.92  ? 42  ILE A CG1 1 
ATOM   361  C  CG2 . ILE A 1 44  ? 1.182   4.898   -9.462  1.00 83.90  ? 42  ILE A CG2 1 
ATOM   362  C  CD1 . ILE A 1 44  ? 2.303   2.604   -7.583  1.00 91.13  ? 42  ILE A CD1 1 
ATOM   363  N  N   . ASP A 1 45  ? -1.338  3.653   -11.821 1.00 93.75  ? 43  ASP A N   1 
ATOM   364  C  CA  . ASP A 1 45  ? -1.745  4.280   -13.085 1.00 94.92  ? 43  ASP A CA  1 
ATOM   365  C  C   . ASP A 1 45  ? -3.208  4.725   -13.060 1.00 89.31  ? 43  ASP A C   1 
ATOM   366  O  O   . ASP A 1 45  ? -3.530  5.801   -13.566 1.00 89.09  ? 43  ASP A O   1 
ATOM   367  C  CB  . ASP A 1 45  ? -1.520  3.340   -14.283 1.00 100.34 ? 43  ASP A CB  1 
ATOM   368  C  CG  . ASP A 1 45  ? -0.050  3.159   -14.641 1.00 102.55 ? 43  ASP A CG  1 
ATOM   369  O  OD1 . ASP A 1 45  ? 0.760   4.085   -14.426 1.00 102.73 ? 43  ASP A OD1 1 
ATOM   370  O  OD2 . ASP A 1 45  ? 0.290   2.078   -15.169 1.00 107.25 ? 43  ASP A OD2 1 
ATOM   371  N  N   . ILE A 1 46  ? -4.077  3.901   -12.474 1.00 84.51  ? 44  ILE A N   1 
ATOM   372  C  CA  . ILE A 1 46  ? -5.506  4.228   -12.352 1.00 86.61  ? 44  ILE A CA  1 
ATOM   373  C  C   . ILE A 1 46  ? -5.705  5.393   -11.381 1.00 87.30  ? 44  ILE A C   1 
ATOM   374  O  O   . ILE A 1 46  ? -6.349  6.385   -11.729 1.00 91.00  ? 44  ILE A O   1 
ATOM   375  C  CB  . ILE A 1 46  ? -6.353  2.999   -11.923 1.00 86.20  ? 44  ILE A CB  1 
ATOM   376  C  CG1 . ILE A 1 46  ? -6.393  1.972   -13.064 1.00 87.07  ? 44  ILE A CG1 1 
ATOM   377  C  CG2 . ILE A 1 46  ? -7.777  3.405   -11.535 1.00 83.44  ? 44  ILE A CG2 1 
ATOM   378  C  CD1 . ILE A 1 46  ? -6.878  0.597   -12.655 1.00 87.29  ? 44  ILE A CD1 1 
ATOM   379  N  N   . LEU A 1 47  ? -5.146  5.269   -10.179 1.00 85.53  ? 45  LEU A N   1 
ATOM   380  C  CA  . LEU A 1 47  ? -5.252  6.319   -9.156  1.00 83.55  ? 45  LEU A CA  1 
ATOM   381  C  C   . LEU A 1 47  ? -4.741  7.680   -9.649  1.00 84.53  ? 45  LEU A C   1 
ATOM   382  O  O   . LEU A 1 47  ? -5.355  8.715   -9.365  1.00 89.17  ? 45  LEU A O   1 
ATOM   383  C  CB  . LEU A 1 47  ? -4.510  5.910   -7.876  1.00 79.77  ? 45  LEU A CB  1 
ATOM   384  C  CG  . LEU A 1 47  ? -5.098  4.759   -7.055  1.00 77.54  ? 45  LEU A CG  1 
ATOM   385  C  CD1 . LEU A 1 47  ? -4.197  4.460   -5.867  1.00 76.08  ? 45  LEU A CD1 1 
ATOM   386  C  CD2 . LEU A 1 47  ? -6.516  5.057   -6.588  1.00 78.24  ? 45  LEU A CD2 1 
ATOM   387  N  N   . ALA A 1 48  ? -3.628  7.666   -10.381 1.00 82.90  ? 46  ALA A N   1 
ATOM   388  C  CA  . ALA A 1 48  ? -3.088  8.873   -11.014 1.00 84.48  ? 46  ALA A CA  1 
ATOM   389  C  C   . ALA A 1 48  ? -4.020  9.437   -12.084 1.00 86.45  ? 46  ALA A C   1 
ATOM   390  O  O   . ALA A 1 48  ? -4.092  10.655  -12.258 1.00 88.96  ? 46  ALA A O   1 
ATOM   391  C  CB  . ALA A 1 48  ? -1.721  8.597   -11.618 1.00 84.10  ? 46  ALA A CB  1 
ATOM   392  N  N   . ALA A 1 49  ? -4.710  8.551   -12.805 1.00 86.53  ? 47  ALA A N   1 
ATOM   393  C  CA  . ALA A 1 49  ? -5.706  8.957   -13.807 1.00 86.36  ? 47  ALA A CA  1 
ATOM   394  C  C   . ALA A 1 49  ? -6.882  9.671   -13.149 1.00 81.79  ? 47  ALA A C   1 
ATOM   395  O  O   . ALA A 1 49  ? -7.283  10.749  -13.588 1.00 80.33  ? 47  ALA A O   1 
ATOM   396  C  CB  . ALA A 1 49  ? -6.195  7.754   -14.611 1.00 87.98  ? 47  ALA A CB  1 
ATOM   397  N  N   . GLU A 1 50  ? -7.419  9.061   -12.096 1.00 79.15  ? 48  GLU A N   1 
ATOM   398  C  CA  . GLU A 1 50  ? -8.448  9.691   -11.265 1.00 79.17  ? 48  GLU A CA  1 
ATOM   399  C  C   . GLU A 1 50  ? -8.012  11.077  -10.793 1.00 78.95  ? 48  GLU A C   1 
ATOM   400  O  O   . GLU A 1 50  ? -8.783  12.033  -10.894 1.00 79.22  ? 48  GLU A O   1 
ATOM   401  C  CB  . GLU A 1 50  ? -8.755  8.825   -10.047 1.00 79.45  ? 48  GLU A CB  1 
ATOM   402  C  CG  . GLU A 1 50  ? -9.920  9.313   -9.202  1.00 79.98  ? 48  GLU A CG  1 
ATOM   403  C  CD  . GLU A 1 50  ? -10.050 8.557   -7.897  1.00 82.48  ? 48  GLU A CD  1 
ATOM   404  O  OE1 . GLU A 1 50  ? -11.203 8.288   -7.499  1.00 81.26  ? 48  GLU A OE1 1 
ATOM   405  O  OE2 . GLU A 1 50  ? -9.006  8.238   -7.273  1.00 85.43  ? 48  GLU A OE2 1 
ATOM   406  N  N   . TYR A 1 51  ? -6.784  11.180  -10.284 1.00 77.71  ? 49  TYR A N   1 
ATOM   407  C  CA  . TYR A 1 51  ? -6.292  12.451  -9.756  1.00 78.32  ? 49  TYR A CA  1 
ATOM   408  C  C   . TYR A 1 51  ? -6.118  13.505  -10.844 1.00 81.94  ? 49  TYR A C   1 
ATOM   409  O  O   . TYR A 1 51  ? -6.537  14.639  -10.658 1.00 88.40  ? 49  TYR A O   1 
ATOM   410  C  CB  . TYR A 1 51  ? -4.992  12.280  -8.970  1.00 75.91  ? 49  TYR A CB  1 
ATOM   411  C  CG  . TYR A 1 51  ? -4.567  13.546  -8.249  1.00 74.91  ? 49  TYR A CG  1 
ATOM   412  C  CD1 . TYR A 1 51  ? -5.078  13.878  -6.987  1.00 74.98  ? 49  TYR A CD1 1 
ATOM   413  C  CD2 . TYR A 1 51  ? -3.663  14.423  -8.833  1.00 75.32  ? 49  TYR A CD2 1 
ATOM   414  C  CE1 . TYR A 1 51  ? -4.687  15.048  -6.335  1.00 74.17  ? 49  TYR A CE1 1 
ATOM   415  C  CE2 . TYR A 1 51  ? -3.265  15.587  -8.190  1.00 76.92  ? 49  TYR A CE2 1 
ATOM   416  C  CZ  . TYR A 1 51  ? -3.775  15.899  -6.948  1.00 74.71  ? 49  TYR A CZ  1 
ATOM   417  O  OH  . TYR A 1 51  ? -3.349  17.061  -6.353  1.00 72.24  ? 49  TYR A OH  1 
ATOM   418  N  N   . ILE A 1 52  ? -5.513  13.136  -11.970 1.00 86.81  ? 50  ILE A N   1 
ATOM   419  C  CA  . ILE A 1 52  ? -5.328  14.078  -13.090 1.00 87.77  ? 50  ILE A CA  1 
ATOM   420  C  C   . ILE A 1 52  ? -6.681  14.568  -13.629 1.00 85.54  ? 50  ILE A C   1 
ATOM   421  O  O   . ILE A 1 52  ? -6.860  15.770  -13.854 1.00 87.78  ? 50  ILE A O   1 
ATOM   422  C  CB  . ILE A 1 52  ? -4.462  13.466  -14.226 1.00 89.18  ? 50  ILE A CB  1 
ATOM   423  C  CG1 . ILE A 1 52  ? -3.016  13.284  -13.748 1.00 90.71  ? 50  ILE A CG1 1 
ATOM   424  C  CG2 . ILE A 1 52  ? -4.472  14.340  -15.480 1.00 87.79  ? 50  ILE A CG2 1 
ATOM   425  C  CD1 . ILE A 1 52  ? -2.250  12.223  -14.512 1.00 92.83  ? 50  ILE A CD1 1 
ATOM   426  N  N   . SER A 1 53  ? -7.626  13.646  -13.804 1.00 80.79  ? 51  SER A N   1 
ATOM   427  C  CA  . SER A 1 53  ? -8.921  13.976  -14.403 1.00 82.08  ? 51  SER A CA  1 
ATOM   428  C  C   . SER A 1 53  ? -9.870  14.783  -13.510 1.00 82.13  ? 51  SER A C   1 
ATOM   429  O  O   . SER A 1 53  ? -10.770 15.441  -14.041 1.00 87.15  ? 51  SER A O   1 
ATOM   430  C  CB  . SER A 1 53  ? -9.634  12.706  -14.882 1.00 83.80  ? 51  SER A CB  1 
ATOM   431  O  OG  . SER A 1 53  ? -9.989  11.861  -13.800 1.00 85.54  ? 51  SER A OG  1 
ATOM   432  N  N   . THR A 1 54  ? -9.684  14.738  -12.184 1.00 77.93  ? 52  THR A N   1 
ATOM   433  C  CA  . THR A 1 54  ? -10.614 15.396  -11.241 1.00 75.49  ? 52  THR A CA  1 
ATOM   434  C  C   . THR A 1 54  ? -9.997  16.383  -10.215 1.00 77.87  ? 52  THR A C   1 
ATOM   435  O  O   . THR A 1 54  ? -10.716 16.878  -9.344  1.00 78.45  ? 52  THR A O   1 
ATOM   436  C  CB  . THR A 1 54  ? -11.453 14.344  -10.481 1.00 70.47  ? 52  THR A CB  1 
ATOM   437  O  OG1 . THR A 1 54  ? -10.604 13.549  -9.646  1.00 68.16  ? 52  THR A OG1 1 
ATOM   438  C  CG2 . THR A 1 54  ? -12.190 13.445  -11.451 1.00 70.30  ? 52  THR A CG2 1 
ATOM   439  N  N   . VAL A 1 55  ? -8.707  16.701  -10.323 1.00 77.37  ? 53  VAL A N   1 
ATOM   440  C  CA  . VAL A 1 55  ? -8.054  17.575  -9.333  1.00 80.57  ? 53  VAL A CA  1 
ATOM   441  C  C   . VAL A 1 55  ? -8.689  18.974  -9.245  1.00 84.35  ? 53  VAL A C   1 
ATOM   442  O  O   . VAL A 1 55  ? -8.852  19.509  -8.146  1.00 81.92  ? 53  VAL A O   1 
ATOM   443  C  CB  . VAL A 1 55  ? -6.519  17.696  -9.567  1.00 81.61  ? 53  VAL A CB  1 
ATOM   444  C  CG1 . VAL A 1 55  ? -6.189  18.520  -10.809 1.00 83.18  ? 53  VAL A CG1 1 
ATOM   445  C  CG2 . VAL A 1 55  ? -5.823  18.275  -8.343  1.00 82.71  ? 53  VAL A CG2 1 
ATOM   446  N  N   . LYS A 1 56  ? -9.057  19.546  -10.393 1.00 90.83  ? 54  LYS A N   1 
ATOM   447  C  CA  . LYS A 1 56  ? -9.607  20.906  -10.455 1.00 93.58  ? 54  LYS A CA  1 
ATOM   448  C  C   . LYS A 1 56  ? -10.835 21.081  -9.568  1.00 89.81  ? 54  LYS A C   1 
ATOM   449  O  O   . LYS A 1 56  ? -10.981 22.109  -8.918  1.00 98.02  ? 54  LYS A O   1 
ATOM   450  C  CB  . LYS A 1 56  ? -9.954  21.303  -11.904 1.00 102.47 ? 54  LYS A CB  1 
ATOM   451  C  CG  . LYS A 1 56  ? -8.754  21.591  -12.804 1.00 109.95 ? 54  LYS A CG  1 
ATOM   452  C  CD  . LYS A 1 56  ? -8.420  23.079  -12.920 1.00 117.54 ? 54  LYS A CD  1 
ATOM   453  C  CE  . LYS A 1 56  ? -7.839  23.650  -11.630 1.00 123.36 ? 54  LYS A CE  1 
ATOM   454  N  NZ  . LYS A 1 56  ? -7.333  25.046  -11.778 1.00 123.35 ? 54  LYS A NZ  1 
ATOM   455  N  N   . THR A 1 57  ? -11.700 20.073  -9.529  1.00 83.92  ? 55  THR A N   1 
ATOM   456  C  CA  . THR A 1 57  ? -12.918 20.133  -8.727  1.00 81.61  ? 55  THR A CA  1 
ATOM   457  C  C   . THR A 1 57  ? -12.777 19.550  -7.310  1.00 78.64  ? 55  THR A C   1 
ATOM   458  O  O   . THR A 1 57  ? -13.776 19.408  -6.609  1.00 82.14  ? 55  THR A O   1 
ATOM   459  C  CB  . THR A 1 57  ? -14.069 19.419  -9.457  1.00 84.70  ? 55  THR A CB  1 
ATOM   460  O  OG1 . THR A 1 57  ? -13.723 18.048  -9.678  1.00 83.90  ? 55  THR A OG1 1 
ATOM   461  C  CG2 . THR A 1 57  ? -14.350 20.089  -10.794 1.00 87.91  ? 55  THR A CG2 1 
ATOM   462  N  N   . LEU A 1 58  ? -11.560 19.231  -6.873  1.00 76.51  ? 56  LEU A N   1 
ATOM   463  C  CA  . LEU A 1 58  ? -11.350 18.638  -5.553  1.00 78.07  ? 56  LEU A CA  1 
ATOM   464  C  C   . LEU A 1 58  ? -10.892 19.678  -4.542  1.00 77.50  ? 56  LEU A C   1 
ATOM   465  O  O   . LEU A 1 58  ? -9.962  20.441  -4.804  1.00 77.70  ? 56  LEU A O   1 
ATOM   466  C  CB  . LEU A 1 58  ? -10.316 17.509  -5.613  1.00 80.63  ? 56  LEU A CB  1 
ATOM   467  C  CG  . LEU A 1 58  ? -10.781 16.151  -6.144  1.00 80.43  ? 56  LEU A CG  1 
ATOM   468  C  CD1 . LEU A 1 58  ? -9.597  15.196  -6.167  1.00 81.33  ? 56  LEU A CD1 1 
ATOM   469  C  CD2 . LEU A 1 58  ? -11.936 15.573  -5.333  1.00 81.70  ? 56  LEU A CD2 1 
ATOM   470  N  N   . SER A 1 59  ? -11.537 19.678  -3.378  1.00 78.90  ? 57  SER A N   1 
ATOM   471  C  CA  . SER A 1 59  ? -11.136 20.522  -2.253  1.00 78.80  ? 57  SER A CA  1 
ATOM   472  C  C   . SER A 1 59  ? -9.783  20.078  -1.700  1.00 76.65  ? 57  SER A C   1 
ATOM   473  O  O   . SER A 1 59  ? -9.407  18.923  -1.863  1.00 82.89  ? 57  SER A O   1 
ATOM   474  C  CB  . SER A 1 59  ? -12.175 20.429  -1.139  1.00 81.26  ? 57  SER A CB  1 
ATOM   475  O  OG  . SER A 1 59  ? -12.387 19.073  -0.762  1.00 85.66  ? 57  SER A OG  1 
ATOM   476  N  N   . PRO A 1 60  ? -9.052  20.987  -1.034  1.00 75.61  ? 58  PRO A N   1 
ATOM   477  C  CA  . PRO A 1 60  ? -7.762  20.677  -0.403  1.00 76.16  ? 58  PRO A CA  1 
ATOM   478  C  C   . PRO A 1 60  ? -7.730  19.388  0.425   1.00 77.22  ? 58  PRO A C   1 
ATOM   479  O  O   . PRO A 1 60  ? -6.782  18.613  0.305   1.00 73.62  ? 58  PRO A O   1 
ATOM   480  C  CB  . PRO A 1 60  ? -7.532  21.882  0.503   1.00 76.67  ? 58  PRO A CB  1 
ATOM   481  C  CG  . PRO A 1 60  ? -8.180  23.004  -0.222  1.00 77.98  ? 58  PRO A CG  1 
ATOM   482  C  CD  . PRO A 1 60  ? -9.341  22.432  -0.984  1.00 77.30  ? 58  PRO A CD  1 
ATOM   483  N  N   . ASP A 1 61  ? -8.750  19.175  1.257   1.00 78.89  ? 59  ASP A N   1 
ATOM   484  C  CA  . ASP A 1 61  ? -8.849  17.944  2.059   1.00 78.96  ? 59  ASP A CA  1 
ATOM   485  C  C   . ASP A 1 61  ? -8.965  16.695  1.186   1.00 77.33  ? 59  ASP A C   1 
ATOM   486  O  O   . ASP A 1 61  ? -8.334  15.678  1.485   1.00 73.83  ? 59  ASP A O   1 
ATOM   487  C  CB  . ASP A 1 61  ? -10.014 17.994  3.072   1.00 78.48  ? 59  ASP A CB  1 
ATOM   488  C  CG  . ASP A 1 61  ? -11.365 18.246  2.418   1.00 79.93  ? 59  ASP A CG  1 
ATOM   489  O  OD1 . ASP A 1 61  ? -12.257 17.377  2.515   1.00 78.78  ? 59  ASP A OD1 1 
ATOM   490  O  OD2 . ASP A 1 61  ? -11.524 19.313  1.795   1.00 83.01  ? 59  ASP A OD2 1 
ATOM   491  N  N   . GLN A 1 62  ? -9.758  16.784  0.116   1.00 76.97  ? 60  GLN A N   1 
ATOM   492  C  CA  . GLN A 1 62  ? -9.940  15.667  -0.815  1.00 80.22  ? 60  GLN A CA  1 
ATOM   493  C  C   . GLN A 1 62  ? -8.695  15.438  -1.682  1.00 79.60  ? 60  GLN A C   1 
ATOM   494  O  O   . GLN A 1 62  ? -8.330  14.300  -1.954  1.00 78.28  ? 60  GLN A O   1 
ATOM   495  C  CB  . GLN A 1 62  ? -11.176 15.876  -1.700  1.00 84.91  ? 60  GLN A CB  1 
ATOM   496  C  CG  . GLN A 1 62  ? -12.510 15.627  -1.008  1.00 91.25  ? 60  GLN A CG  1 
ATOM   497  C  CD  . GLN A 1 62  ? -12.809 14.143  -0.787  1.00 98.22  ? 60  GLN A CD  1 
ATOM   498  O  OE1 . GLN A 1 62  ? -12.293 13.526  0.146   1.00 99.16  ? 60  GLN A OE1 1 
ATOM   499  N  NE2 . GLN A 1 62  ? -13.662 13.572  -1.637  1.00 99.94  ? 60  GLN A NE2 1 
ATOM   500  N  N   . ARG A 1 63  ? -8.043  16.516  -2.107  1.00 79.88  ? 61  ARG A N   1 
ATOM   501  C  CA  . ARG A 1 63  ? -6.760  16.414  -2.810  1.00 77.85  ? 61  ARG A CA  1 
ATOM   502  C  C   . ARG A 1 63  ? -5.712  15.633  -2.013  1.00 78.39  ? 61  ARG A C   1 
ATOM   503  O  O   . ARG A 1 63  ? -4.926  14.899  -2.597  1.00 85.03  ? 61  ARG A O   1 
ATOM   504  C  CB  . ARG A 1 63  ? -6.223  17.801  -3.166  1.00 76.46  ? 61  ARG A CB  1 
ATOM   505  C  CG  . ARG A 1 63  ? -7.003  18.469  -4.282  1.00 76.63  ? 61  ARG A CG  1 
ATOM   506  C  CD  . ARG A 1 63  ? -6.388  19.794  -4.700  1.00 76.61  ? 61  ARG A CD  1 
ATOM   507  N  NE  . ARG A 1 63  ? -7.079  20.344  -5.866  1.00 77.47  ? 61  ARG A NE  1 
ATOM   508  C  CZ  . ARG A 1 63  ? -6.766  21.486  -6.479  1.00 78.43  ? 61  ARG A CZ  1 
ATOM   509  N  NH1 . ARG A 1 63  ? -5.759  22.244  -6.052  1.00 78.49  ? 61  ARG A NH1 1 
ATOM   510  N  NH2 . ARG A 1 63  ? -7.470  21.877  -7.538  1.00 80.96  ? 61  ARG A NH2 1 
ATOM   511  N  N   . VAL A 1 64  ? -5.714  15.785  -0.691  1.00 78.82  ? 62  VAL A N   1 
ATOM   512  C  CA  . VAL A 1 64  ? -4.802  15.041  0.185   1.00 78.93  ? 62  VAL A CA  1 
ATOM   513  C  C   . VAL A 1 64  ? -5.235  13.575  0.346   1.00 80.16  ? 62  VAL A C   1 
ATOM   514  O  O   . VAL A 1 64  ? -4.379  12.694  0.389   1.00 84.92  ? 62  VAL A O   1 
ATOM   515  C  CB  . VAL A 1 64  ? -4.632  15.748  1.557   1.00 79.36  ? 62  VAL A CB  1 
ATOM   516  C  CG1 . VAL A 1 64  ? -3.846  14.895  2.549   1.00 79.95  ? 62  VAL A CG1 1 
ATOM   517  C  CG2 . VAL A 1 64  ? -3.925  17.085  1.369   1.00 79.75  ? 62  VAL A CG2 1 
ATOM   518  N  N   . GLU A 1 65  ? -6.538  13.307  0.432   1.00 81.56  ? 63  GLU A N   1 
ATOM   519  C  CA  . GLU A 1 65  ? -7.034  11.920  0.512   1.00 85.86  ? 63  GLU A CA  1 
ATOM   520  C  C   . GLU A 1 65  ? -6.498  11.073  -0.634  1.00 85.94  ? 63  GLU A C   1 
ATOM   521  O  O   . GLU A 1 65  ? -6.009  9.967   -0.417  1.00 89.34  ? 63  GLU A O   1 
ATOM   522  C  CB  . GLU A 1 65  ? -8.562  11.868  0.479   1.00 90.83  ? 63  GLU A CB  1 
ATOM   523  C  CG  . GLU A 1 65  ? -9.237  12.415  1.727   1.00 99.56  ? 63  GLU A CG  1 
ATOM   524  C  CD  . GLU A 1 65  ? -9.521  11.359  2.781   1.00 101.60 ? 63  GLU A CD  1 
ATOM   525  O  OE1 . GLU A 1 65  ? -10.169 10.340  2.460   1.00 102.04 ? 63  GLU A OE1 1 
ATOM   526  O  OE2 . GLU A 1 65  ? -9.113  11.567  3.943   1.00 100.59 ? 63  GLU A OE2 1 
ATOM   527  N  N   . ARG A 1 66  ? -6.582  11.616  -1.846  1.00 85.09  ? 64  ARG A N   1 
ATOM   528  C  CA  . ARG A 1 66  ? -6.106  10.935  -3.054  1.00 84.31  ? 64  ARG A CA  1 
ATOM   529  C  C   . ARG A 1 66  ? -4.600  10.737  -2.995  1.00 83.25  ? 64  ARG A C   1 
ATOM   530  O  O   . ARG A 1 66  ? -4.091  9.652   -3.280  1.00 89.03  ? 64  ARG A O   1 
ATOM   531  C  CB  . ARG A 1 66  ? -6.432  11.750  -4.312  1.00 81.58  ? 64  ARG A CB  1 
ATOM   532  C  CG  . ARG A 1 66  ? -7.896  12.073  -4.539  1.00 77.11  ? 64  ARG A CG  1 
ATOM   533  C  CD  . ARG A 1 66  ? -8.765  10.842  -4.670  1.00 77.16  ? 64  ARG A CD  1 
ATOM   534  N  NE  . ARG A 1 66  ? -10.141 11.241  -4.938  1.00 77.59  ? 64  ARG A NE  1 
ATOM   535  C  CZ  . ARG A 1 66  ? -10.998 11.699  -4.025  1.00 81.90  ? 64  ARG A CZ  1 
ATOM   536  N  NH1 . ARG A 1 66  ? -10.651 11.813  -2.742  1.00 85.01  ? 64  ARG A NH1 1 
ATOM   537  N  NH2 . ARG A 1 66  ? -12.225 12.047  -4.398  1.00 84.16  ? 64  ARG A NH2 1 
ATOM   538  N  N   . LEU A 1 67  ? -3.908  11.811  -2.629  1.00 80.41  ? 65  LEU A N   1 
ATOM   539  C  CA  . LEU A 1 67  ? -2.450  11.829  -2.552  1.00 82.03  ? 65  LEU A CA  1 
ATOM   540  C  C   . LEU A 1 67  ? -1.920  10.803  -1.555  1.00 82.10  ? 65  LEU A C   1 
ATOM   541  O  O   . LEU A 1 67  ? -0.846  10.250  -1.762  1.00 83.98  ? 65  LEU A O   1 
ATOM   542  C  CB  . LEU A 1 67  ? -1.942  13.230  -2.167  1.00 84.31  ? 65  LEU A CB  1 
ATOM   543  C  CG  . LEU A 1 67  ? -0.940  13.877  -3.119  1.00 86.04  ? 65  LEU A CG  1 
ATOM   544  C  CD1 . LEU A 1 67  ? -1.558  14.097  -4.496  1.00 85.30  ? 65  LEU A CD1 1 
ATOM   545  C  CD2 . LEU A 1 67  ? -0.459  15.190  -2.517  1.00 86.83  ? 65  LEU A CD2 1 
ATOM   546  N  N   . GLN A 1 68  ? -2.661  10.575  -0.469  1.00 82.49  ? 66  GLN A N   1 
ATOM   547  C  CA  . GLN A 1 68  ? -2.329  9.515   0.488   1.00 81.44  ? 66  GLN A CA  1 
ATOM   548  C  C   . GLN A 1 68  ? -2.237  8.158   -0.200  1.00 81.44  ? 66  GLN A C   1 
ATOM   549  O  O   . GLN A 1 68  ? -1.229  7.469   -0.073  1.00 82.45  ? 66  GLN A O   1 
ATOM   550  C  CB  . GLN A 1 68  ? -3.365  9.427   1.618   1.00 79.99  ? 66  GLN A CB  1 
ATOM   551  C  CG  . GLN A 1 68  ? -3.021  10.197  2.876   1.00 77.09  ? 66  GLN A CG  1 
ATOM   552  C  CD  . GLN A 1 68  ? -4.061  9.971   3.955   1.00 74.44  ? 66  GLN A CD  1 
ATOM   553  O  OE1 . GLN A 1 68  ? -5.248  10.228  3.748   1.00 72.73  ? 66  GLN A OE1 1 
ATOM   554  N  NE2 . GLN A 1 68  ? -3.627  9.468   5.102   1.00 73.14  ? 66  GLN A NE2 1 
ATOM   555  N  N   . LYS A 1 69  ? -3.290  7.789   -0.930  1.00 80.65  ? 67  LYS A N   1 
ATOM   556  C  CA  . LYS A 1 69  ? -3.366  6.469   -1.556  1.00 82.18  ? 67  LYS A CA  1 
ATOM   557  C  C   . LYS A 1 69  ? -2.256  6.270   -2.596  1.00 80.76  ? 67  LYS A C   1 
ATOM   558  O  O   . LYS A 1 69  ? -1.656  5.197   -2.658  1.00 84.65  ? 67  LYS A O   1 
ATOM   559  C  CB  . LYS A 1 69  ? -4.743  6.226   -2.187  1.00 88.29  ? 67  LYS A CB  1 
ATOM   560  C  CG  . LYS A 1 69  ? -5.923  6.363   -1.223  1.00 97.98  ? 67  LYS A CG  1 
ATOM   561  C  CD  . LYS A 1 69  ? -7.133  5.480   -1.565  1.00 106.94 ? 67  LYS A CD  1 
ATOM   562  C  CE  . LYS A 1 69  ? -7.597  5.545   -3.028  1.00 114.51 ? 67  LYS A CE  1 
ATOM   563  N  NZ  . LYS A 1 69  ? -7.934  6.901   -3.565  1.00 114.13 ? 67  LYS A NZ  1 
ATOM   564  N  N   . ILE A 1 70  ? -1.965  7.315   -3.371  1.00 75.90  ? 68  ILE A N   1 
ATOM   565  C  CA  . ILE A 1 70  ? -0.962  7.251   -4.435  1.00 74.86  ? 68  ILE A CA  1 
ATOM   566  C  C   . ILE A 1 70  ? 0.448   7.144   -3.849  1.00 76.83  ? 68  ILE A C   1 
ATOM   567  O  O   . ILE A 1 70  ? 1.225   6.301   -4.277  1.00 82.48  ? 68  ILE A O   1 
ATOM   568  C  CB  . ILE A 1 70  ? -1.057  8.467   -5.385  1.00 76.46  ? 68  ILE A CB  1 
ATOM   569  C  CG1 . ILE A 1 70  ? -2.417  8.480   -6.093  1.00 78.78  ? 68  ILE A CG1 1 
ATOM   570  C  CG2 . ILE A 1 70  ? 0.056   8.438   -6.431  1.00 76.07  ? 68  ILE A CG2 1 
ATOM   571  C  CD1 . ILE A 1 70  ? -2.733  9.773   -6.815  1.00 79.62  ? 68  ILE A CD1 1 
ATOM   572  N  N   . GLN A 1 71  ? 0.772   8.013   -2.894  1.00 79.78  ? 69  GLN A N   1 
ATOM   573  C  CA  . GLN A 1 71  ? 2.005   7.908   -2.092  1.00 81.58  ? 69  GLN A CA  1 
ATOM   574  C  C   . GLN A 1 71  ? 2.274   6.493   -1.589  1.00 82.23  ? 69  GLN A C   1 
ATOM   575  O  O   . GLN A 1 71  ? 3.356   5.946   -1.794  1.00 87.72  ? 69  GLN A O   1 
ATOM   576  C  CB  . GLN A 1 71  ? 1.899   8.778   -0.842  1.00 84.39  ? 69  GLN A CB  1 
ATOM   577  C  CG  . GLN A 1 71  ? 2.257   10.236  -1.001  1.00 85.55  ? 69  GLN A CG  1 
ATOM   578  C  CD  . GLN A 1 71  ? 2.229   10.961  0.328   1.00 86.87  ? 69  GLN A CD  1 
ATOM   579  O  OE1 . GLN A 1 71  ? 2.973   11.909  0.536   1.00 93.74  ? 69  GLN A OE1 1 
ATOM   580  N  NE2 . GLN A 1 71  ? 1.384   10.501  1.245   1.00 89.49  ? 69  GLN A NE2 1 
ATOM   581  N  N   . ASN A 1 72  ? 1.279   5.931   -0.906  1.00 78.22  ? 70  ASN A N   1 
ATOM   582  C  CA  . ASN A 1 72  ? 1.422   4.653   -0.223  1.00 79.67  ? 70  ASN A CA  1 
ATOM   583  C  C   . ASN A 1 72  ? 1.642   3.524   -1.220  1.00 82.14  ? 70  ASN A C   1 
ATOM   584  O  O   . ASN A 1 72  ? 2.432   2.615   -0.964  1.00 89.61  ? 70  ASN A O   1 
ATOM   585  C  CB  . ASN A 1 72  ? 0.186   4.354   0.636   1.00 81.86  ? 70  ASN A CB  1 
ATOM   586  C  CG  . ASN A 1 72  ? 0.003   5.342   1.783   1.00 80.61  ? 70  ASN A CG  1 
ATOM   587  O  OD1 . ASN A 1 72  ? 0.964   5.914   2.303   1.00 79.32  ? 70  ASN A OD1 1 
ATOM   588  N  ND2 . ASN A 1 72  ? -1.250  5.544   2.182   1.00 75.79  ? 70  ASN A ND2 1 
ATOM   589  N  N   . ALA A 1 73  ? 0.941   3.590   -2.350  1.00 80.51  ? 71  ALA A N   1 
ATOM   590  C  CA  . ALA A 1 73  ? 1.157   2.659   -3.461  1.00 78.17  ? 71  ALA A CA  1 
ATOM   591  C  C   . ALA A 1 73  ? 2.533   2.840   -4.102  1.00 76.35  ? 71  ALA A C   1 
ATOM   592  O  O   . ALA A 1 73  ? 3.217   1.863   -4.387  1.00 82.01  ? 71  ALA A O   1 
ATOM   593  C  CB  . ALA A 1 73  ? 0.063   2.815   -4.507  1.00 76.15  ? 71  ALA A CB  1 
ATOM   594  N  N   . TYR A 1 74  ? 2.934   4.087   -4.315  1.00 76.41  ? 72  TYR A N   1 
ATOM   595  C  CA  . TYR A 1 74  ? 4.260   4.397   -4.847  1.00 78.65  ? 72  TYR A CA  1 
ATOM   596  C  C   . TYR A 1 74  ? 5.373   3.921   -3.893  1.00 79.77  ? 72  TYR A C   1 
ATOM   597  O  O   . TYR A 1 74  ? 6.405   3.429   -4.347  1.00 81.96  ? 72  TYR A O   1 
ATOM   598  C  CB  . TYR A 1 74  ? 4.373   5.899   -5.124  1.00 81.45  ? 72  TYR A CB  1 
ATOM   599  C  CG  . TYR A 1 74  ? 5.515   6.312   -6.030  1.00 84.14  ? 72  TYR A CG  1 
ATOM   600  C  CD1 . TYR A 1 74  ? 6.796   6.553   -5.510  1.00 83.98  ? 72  TYR A CD1 1 
ATOM   601  C  CD2 . TYR A 1 74  ? 5.313   6.495   -7.403  1.00 83.15  ? 72  TYR A CD2 1 
ATOM   602  C  CE1 . TYR A 1 74  ? 7.845   6.940   -6.334  1.00 85.29  ? 72  TYR A CE1 1 
ATOM   603  C  CE2 . TYR A 1 74  ? 6.356   6.886   -8.235  1.00 85.27  ? 72  TYR A CE2 1 
ATOM   604  C  CZ  . TYR A 1 74  ? 7.619   7.108   -7.696  1.00 88.39  ? 72  TYR A CZ  1 
ATOM   605  O  OH  . TYR A 1 74  ? 8.657   7.499   -8.513  1.00 94.15  ? 72  TYR A OH  1 
ATOM   606  N  N   . SER A 1 75  ? 5.154   4.051   -2.584  1.00 82.16  ? 73  SER A N   1 
ATOM   607  C  CA  . SER A 1 75  ? 6.070   3.485   -1.575  1.00 86.39  ? 73  SER A CA  1 
ATOM   608  C  C   . SER A 1 75  ? 6.133   1.960   -1.647  1.00 88.94  ? 73  SER A C   1 
ATOM   609  O  O   . SER A 1 75  ? 7.200   1.377   -1.469  1.00 94.38  ? 73  SER A O   1 
ATOM   610  C  CB  . SER A 1 75  ? 5.666   3.902   -0.152  1.00 88.59  ? 73  SER A CB  1 
ATOM   611  O  OG  . SER A 1 75  ? 5.966   5.264   0.104   1.00 89.92  ? 73  SER A OG  1 
ATOM   612  N  N   . LYS A 1 76  ? 4.987   1.330   -1.903  1.00 89.96  ? 74  LYS A N   1 
ATOM   613  C  CA  . LYS A 1 76  ? 4.886   -0.132  -1.979  1.00 90.31  ? 74  LYS A CA  1 
ATOM   614  C  C   . LYS A 1 76  ? 5.593   -0.731  -3.208  1.00 93.03  ? 74  LYS A C   1 
ATOM   615  O  O   . LYS A 1 76  ? 6.129   -1.829  -3.116  1.00 100.96 ? 74  LYS A O   1 
ATOM   616  C  CB  . LYS A 1 76  ? 3.417   -0.581  -1.960  1.00 90.60  ? 74  LYS A CB  1 
ATOM   617  C  CG  . LYS A 1 76  ? 3.150   -1.805  -1.099  1.00 93.25  ? 74  LYS A CG  1 
ATOM   618  C  CD  . LYS A 1 76  ? 2.771   -1.408  0.319   1.00 96.44  ? 74  LYS A CD  1 
ATOM   619  C  CE  . LYS A 1 76  ? 2.774   -2.600  1.261   1.00 99.64  ? 74  LYS A CE  1 
ATOM   620  N  NZ  . LYS A 1 76  ? 4.150   -2.927  1.734   1.00 101.32 ? 74  LYS A NZ  1 
ATOM   621  N  N   . CYS A 1 77  ? 5.578   -0.034  -4.348  1.00 92.34  ? 75  CYS A N   1 
ATOM   622  C  CA  . CYS A 1 77  ? 6.327   -0.480  -5.540  1.00 94.58  ? 75  CYS A CA  1 
ATOM   623  C  C   . CYS A 1 77  ? 7.827   -0.417  -5.300  1.00 97.27  ? 75  CYS A C   1 
ATOM   624  O  O   . CYS A 1 77  ? 8.535   -1.401  -5.496  1.00 100.53 ? 75  CYS A O   1 
ATOM   625  C  CB  . CYS A 1 77  ? 5.991   0.357   -6.778  1.00 97.79  ? 75  CYS A CB  1 
ATOM   626  S  SG  . CYS A 1 77  ? 4.603   -0.278  -7.731  1.00 101.47 ? 75  CYS A SG  1 
ATOM   627  N  N   . LYS A 1 78  ? 8.295   0.761   -4.897  1.00 101.90 ? 76  LYS A N   1 
ATOM   628  C  CA  . LYS A 1 78  ? 9.665   0.954   -4.414  1.00 106.62 ? 76  LYS A CA  1 
ATOM   629  C  C   . LYS A 1 78  ? 10.088  -0.215  -3.511  1.00 102.01 ? 76  LYS A C   1 
ATOM   630  O  O   . LYS A 1 78  ? 11.154  -0.796  -3.700  1.00 106.50 ? 76  LYS A O   1 
ATOM   631  C  CB  . LYS A 1 78  ? 9.768   2.315   -3.689  1.00 116.69 ? 76  LYS A CB  1 
ATOM   632  C  CG  . LYS A 1 78  ? 10.906  2.503   -2.685  1.00 126.03 ? 76  LYS A CG  1 
ATOM   633  C  CD  . LYS A 1 78  ? 12.289  2.419   -3.314  1.00 128.53 ? 76  LYS A CD  1 
ATOM   634  C  CE  . LYS A 1 78  ? 13.364  2.390   -2.238  1.00 129.54 ? 76  LYS A CE  1 
ATOM   635  N  NZ  . LYS A 1 78  ? 14.720  2.192   -2.816  1.00 132.53 ? 76  LYS A NZ  1 
ATOM   636  N  N   . GLU A 1 79  ? 9.222   -0.566  -2.564  1.00 96.30  ? 77  GLU A N   1 
ATOM   637  C  CA  . GLU A 1 79  ? 9.457   -1.672  -1.633  1.00 95.52  ? 77  GLU A CA  1 
ATOM   638  C  C   . GLU A 1 79  ? 9.497   -3.032  -2.333  1.00 94.56  ? 77  GLU A C   1 
ATOM   639  O  O   . GLU A 1 79  ? 10.401  -3.827  -2.092  1.00 99.30  ? 77  GLU A O   1 
ATOM   640  C  CB  . GLU A 1 79  ? 8.372   -1.673  -0.554  1.00 98.05  ? 77  GLU A CB  1 
ATOM   641  C  CG  . GLU A 1 79  ? 8.640   -2.579  0.638   1.00 100.52 ? 77  GLU A CG  1 
ATOM   642  C  CD  . GLU A 1 79  ? 7.665   -2.333  1.777   1.00 101.32 ? 77  GLU A CD  1 
ATOM   643  O  OE1 . GLU A 1 79  ? 7.524   -1.163  2.201   1.00 97.97  ? 77  GLU A OE1 1 
ATOM   644  O  OE2 . GLU A 1 79  ? 7.044   -3.311  2.250   1.00 99.28  ? 77  GLU A OE2 1 
ATOM   645  N  N   . TYR A 1 80  ? 8.516   -3.285  -3.194  1.00 92.25  ? 78  TYR A N   1 
ATOM   646  C  CA  . TYR A 1 80  ? 8.443   -4.534  -3.961  1.00 89.54  ? 78  TYR A CA  1 
ATOM   647  C  C   . TYR A 1 80  ? 9.579   -4.725  -4.980  1.00 94.16  ? 78  TYR A C   1 
ATOM   648  O  O   . TYR A 1 80  ? 9.906   -5.860  -5.334  1.00 98.16  ? 78  TYR A O   1 
ATOM   649  C  CB  . TYR A 1 80  ? 7.114   -4.623  -4.720  1.00 85.45  ? 78  TYR A CB  1 
ATOM   650  C  CG  . TYR A 1 80  ? 5.845   -4.794  -3.900  1.00 83.46  ? 78  TYR A CG  1 
ATOM   651  C  CD1 . TYR A 1 80  ? 5.856   -5.300  -2.591  1.00 82.86  ? 78  TYR A CD1 1 
ATOM   652  C  CD2 . TYR A 1 80  ? 4.607   -4.497  -4.473  1.00 81.02  ? 78  TYR A CD2 1 
ATOM   653  C  CE1 . TYR A 1 80  ? 4.670   -5.470  -1.885  1.00 82.76  ? 78  TYR A CE1 1 
ATOM   654  C  CE2 . TYR A 1 80  ? 3.423   -4.671  -3.776  1.00 78.51  ? 78  TYR A CE2 1 
ATOM   655  C  CZ  . TYR A 1 80  ? 3.458   -5.152  -2.488  1.00 80.59  ? 78  TYR A CZ  1 
ATOM   656  O  OH  . TYR A 1 80  ? 2.277   -5.306  -1.811  1.00 86.62  ? 78  TYR A OH  1 
ATOM   657  N  N   . SER A 1 81  ? 10.148  -3.629  -5.475  1.00 95.44  ? 79  SER A N   1 
ATOM   658  C  CA  . SER A 1 81  ? 11.282  -3.703  -6.394  1.00 96.08  ? 79  SER A CA  1 
ATOM   659  C  C   . SER A 1 81  ? 12.590  -3.954  -5.663  1.00 95.60  ? 79  SER A C   1 
ATOM   660  O  O   . SER A 1 81  ? 13.461  -4.629  -6.197  1.00 100.77 ? 79  SER A O   1 
ATOM   661  C  CB  . SER A 1 81  ? 11.377  -2.441  -7.242  1.00 98.40  ? 79  SER A CB  1 
ATOM   662  O  OG  . SER A 1 81  ? 10.281  -2.390  -8.137  1.00 102.94 ? 79  SER A OG  1 
ATOM   663  N  N   . ASP A 1 82  ? 12.737  -3.405  -4.458  1.00 98.44  ? 80  ASP A N   1 
ATOM   664  C  CA  . ASP A 1 82  ? 13.860  -3.759  -3.584  1.00 105.85 ? 80  ASP A CA  1 
ATOM   665  C  C   . ASP A 1 82  ? 13.768  -5.212  -3.147  1.00 109.53 ? 80  ASP A C   1 
ATOM   666  O  O   . ASP A 1 82  ? 14.787  -5.899  -3.077  1.00 122.79 ? 80  ASP A O   1 
ATOM   667  C  CB  . ASP A 1 82  ? 13.917  -2.863  -2.344  1.00 108.45 ? 80  ASP A CB  1 
ATOM   668  C  CG  . ASP A 1 82  ? 14.332  -1.443  -2.666  1.00 112.61 ? 80  ASP A CG  1 
ATOM   669  O  OD1 . ASP A 1 82  ? 14.567  -0.675  -1.710  1.00 116.98 ? 80  ASP A OD1 1 
ATOM   670  O  OD2 . ASP A 1 82  ? 14.421  -1.091  -3.864  1.00 113.64 ? 80  ASP A OD2 1 
ATOM   671  N  N   . ASP A 1 83  ? 12.551  -5.667  -2.851  1.00 106.65 ? 81  ASP A N   1 
ATOM   672  C  CA  . ASP A 1 83  ? 12.308  -7.068  -2.495  1.00 103.87 ? 81  ASP A CA  1 
ATOM   673  C  C   . ASP A 1 83  ? 12.666  -8.016  -3.642  1.00 102.09 ? 81  ASP A C   1 
ATOM   674  O  O   . ASP A 1 83  ? 13.308  -9.042  -3.411  1.00 101.05 ? 81  ASP A O   1 
ATOM   675  C  CB  . ASP A 1 83  ? 10.843  -7.292  -2.075  1.00 103.27 ? 81  ASP A CB  1 
ATOM   676  C  CG  . ASP A 1 83  ? 10.486  -6.611  -0.759  1.00 101.22 ? 81  ASP A CG  1 
ATOM   677  O  OD1 . ASP A 1 83  ? 9.292   -6.305  -0.562  1.00 102.27 ? 81  ASP A OD1 1 
ATOM   678  O  OD2 . ASP A 1 83  ? 11.385  -6.375  0.074   1.00 100.84 ? 81  ASP A OD2 1 
ATOM   679  N  N   . LYS A 1 84  ? 12.271  -7.663  -4.868  1.00 98.24  ? 82  LYS A N   1 
ATOM   680  C  CA  . LYS A 1 84  ? 12.526  -8.512  -6.042  1.00 97.94  ? 82  LYS A CA  1 
ATOM   681  C  C   . LYS A 1 84  ? 14.019  -8.640  -6.328  1.00 97.53  ? 82  LYS A C   1 
ATOM   682  O  O   . LYS A 1 84  ? 14.497  -9.729  -6.636  1.00 99.95  ? 82  LYS A O   1 
ATOM   683  C  CB  . LYS A 1 84  ? 11.796  -7.990  -7.287  1.00 100.96 ? 82  LYS A CB  1 
ATOM   684  C  CG  . LYS A 1 84  ? 11.547  -9.057  -8.347  1.00 106.74 ? 82  LYS A CG  1 
ATOM   685  C  CD  . LYS A 1 84  ? 11.196  -8.482  -9.717  1.00 114.20 ? 82  LYS A CD  1 
ATOM   686  C  CE  . LYS A 1 84  ? 9.906   -7.661  -9.706  1.00 122.40 ? 82  LYS A CE  1 
ATOM   687  N  NZ  . LYS A 1 84  ? 10.045  -6.244  -9.251  1.00 127.20 ? 82  LYS A NZ  1 
ATOM   688  N  N   . VAL A 1 85  ? 14.744  -7.530  -6.217  1.00 98.68  ? 83  VAL A N   1 
ATOM   689  C  CA  . VAL A 1 85  ? 16.194  -7.528  -6.419  1.00 101.51 ? 83  VAL A CA  1 
ATOM   690  C  C   . VAL A 1 85  ? 16.870  -8.443  -5.398  1.00 100.21 ? 83  VAL A C   1 
ATOM   691  O  O   . VAL A 1 85  ? 17.614  -9.346  -5.777  1.00 105.59 ? 83  VAL A O   1 
ATOM   692  C  CB  . VAL A 1 85  ? 16.781  -6.089  -6.373  1.00 102.14 ? 83  VAL A CB  1 
ATOM   693  C  CG1 . VAL A 1 85  ? 18.303  -6.093  -6.236  1.00 104.66 ? 83  VAL A CG1 1 
ATOM   694  C  CG2 . VAL A 1 85  ? 16.376  -5.319  -7.624  1.00 99.96  ? 83  VAL A CG2 1 
ATOM   695  N  N   . GLN A 1 86  ? 16.599  -8.219  -4.118  1.00 97.92  ? 84  GLN A N   1 
ATOM   696  C  CA  . GLN A 1 86  ? 17.222  -9.020  -3.066  1.00 99.07  ? 84  GLN A CA  1 
ATOM   697  C  C   . GLN A 1 86  ? 16.770  -10.484 -3.041  1.00 93.55  ? 84  GLN A C   1 
ATOM   698  O  O   . GLN A 1 86  ? 17.535  -11.343 -2.616  1.00 93.37  ? 84  GLN A O   1 
ATOM   699  C  CB  . GLN A 1 86  ? 17.030  -8.383  -1.688  1.00 104.78 ? 84  GLN A CB  1 
ATOM   700  C  CG  . GLN A 1 86  ? 17.985  -7.229  -1.412  1.00 111.98 ? 84  GLN A CG  1 
ATOM   701  C  CD  . GLN A 1 86  ? 18.352  -7.126  0.057   1.00 121.70 ? 84  GLN A CD  1 
ATOM   702  O  OE1 . GLN A 1 86  ? 19.532  -7.109  0.415   1.00 129.22 ? 84  GLN A OE1 1 
ATOM   703  N  NE2 . GLN A 1 86  ? 17.341  -7.080  0.919   1.00 123.48 ? 84  GLN A NE2 1 
ATOM   704  N  N   . LEU A 1 87  ? 15.550  -10.773 -3.489  1.00 91.10  ? 85  LEU A N   1 
ATOM   705  C  CA  . LEU A 1 87  ? 15.076  -12.162 -3.548  1.00 88.52  ? 85  LEU A CA  1 
ATOM   706  C  C   . LEU A 1 87  ? 15.766  -12.923 -4.675  1.00 86.91  ? 85  LEU A C   1 
ATOM   707  O  O   . LEU A 1 87  ? 16.194  -14.057 -4.477  1.00 89.61  ? 85  LEU A O   1 
ATOM   708  C  CB  . LEU A 1 87  ? 13.555  -12.233 -3.724  1.00 87.87  ? 85  LEU A CB  1 
ATOM   709  C  CG  . LEU A 1 87  ? 12.896  -13.614 -3.590  1.00 85.02  ? 85  LEU A CG  1 
ATOM   710  C  CD1 . LEU A 1 87  ? 13.124  -14.204 -2.205  1.00 84.03  ? 85  LEU A CD1 1 
ATOM   711  C  CD2 . LEU A 1 87  ? 11.408  -13.529 -3.885  1.00 83.90  ? 85  LEU A CD2 1 
ATOM   712  N  N   . ALA A 1 88  ? 15.867  -12.301 -5.849  1.00 88.27  ? 86  ALA A N   1 
ATOM   713  C  CA  . ALA A 1 88  ? 16.601  -12.890 -6.979  1.00 90.19  ? 86  ALA A CA  1 
ATOM   714  C  C   . ALA A 1 88  ? 18.085  -13.068 -6.663  1.00 90.65  ? 86  ALA A C   1 
ATOM   715  O  O   . ALA A 1 88  ? 18.686  -14.052 -7.074  1.00 95.91  ? 86  ALA A O   1 
ATOM   716  C  CB  . ALA A 1 88  ? 16.428  -12.049 -8.234  1.00 89.84  ? 86  ALA A CB  1 
ATOM   717  N  N   . MET A 1 89  ? 18.667  -12.123 -5.930  1.00 93.92  ? 87  MET A N   1 
ATOM   718  C  CA  . MET A 1 89  ? 20.053  -12.240 -5.490  1.00 98.20  ? 87  MET A CA  1 
ATOM   719  C  C   . MET A 1 89  ? 20.238  -13.453 -4.591  1.00 96.28  ? 87  MET A C   1 
ATOM   720  O  O   . MET A 1 89  ? 21.142  -14.252 -4.812  1.00 105.84 ? 87  MET A O   1 
ATOM   721  C  CB  . MET A 1 89  ? 20.489  -10.984 -4.743  1.00 105.47 ? 87  MET A CB  1 
ATOM   722  C  CG  . MET A 1 89  ? 21.968  -10.966 -4.393  1.00 111.87 ? 87  MET A CG  1 
ATOM   723  S  SD  . MET A 1 89  ? 22.577  -9.308  -4.041  1.00 129.70 ? 87  MET A SD  1 
ATOM   724  C  CE  . MET A 1 89  ? 22.414  -8.502  -5.640  1.00 125.06 ? 87  MET A CE  1 
ATOM   725  N  N   . GLN A 1 90  ? 19.378  -13.576 -3.583  1.00 92.83  ? 88  GLN A N   1 
ATOM   726  C  CA  . GLN A 1 90  ? 19.409  -14.713 -2.651  1.00 89.78  ? 88  GLN A CA  1 
ATOM   727  C  C   . GLN A 1 90  ? 19.108  -16.042 -3.341  1.00 80.99  ? 88  GLN A C   1 
ATOM   728  O  O   . GLN A 1 90  ? 19.764  -17.041 -3.061  1.00 74.36  ? 88  GLN A O   1 
ATOM   729  C  CB  . GLN A 1 90  ? 18.420  -14.505 -1.501  1.00 95.49  ? 88  GLN A CB  1 
ATOM   730  C  CG  . GLN A 1 90  ? 18.810  -13.393 -0.539  1.00 102.31 ? 88  GLN A CG  1 
ATOM   731  C  CD  . GLN A 1 90  ? 17.629  -12.862 0.254   1.00 109.59 ? 88  GLN A CD  1 
ATOM   732  O  OE1 . GLN A 1 90  ? 16.695  -13.602 0.562   1.00 115.44 ? 88  GLN A OE1 1 
ATOM   733  N  NE2 . GLN A 1 90  ? 17.667  -11.571 0.590   1.00 113.01 ? 88  GLN A NE2 1 
ATOM   734  N  N   . THR A 1 91  ? 18.117  -16.046 -4.229  1.00 77.11  ? 89  THR A N   1 
ATOM   735  C  CA  . THR A 1 91  ? 17.768  -17.242 -5.000  1.00 79.35  ? 89  THR A CA  1 
ATOM   736  C  C   . THR A 1 91  ? 18.901  -17.682 -5.923  1.00 80.41  ? 89  THR A C   1 
ATOM   737  O  O   . THR A 1 91  ? 19.157  -18.875 -6.053  1.00 82.53  ? 89  THR A O   1 
ATOM   738  C  CB  . THR A 1 91  ? 16.504  -17.018 -5.854  1.00 80.49  ? 89  THR A CB  1 
ATOM   739  O  OG1 . THR A 1 91  ? 15.427  -16.594 -5.010  1.00 84.80  ? 89  THR A OG1 1 
ATOM   740  C  CG2 . THR A 1 91  ? 16.096  -18.296 -6.598  1.00 80.41  ? 89  THR A CG2 1 
ATOM   741  N  N   . TYR A 1 92  ? 19.567  -16.724 -6.564  1.00 82.57  ? 90  TYR A N   1 
ATOM   742  C  CA  . TYR A 1 92  ? 20.678  -17.036 -7.467  1.00 83.22  ? 90  TYR A CA  1 
ATOM   743  C  C   . TYR A 1 92  ? 21.910  -17.544 -6.720  1.00 83.69  ? 90  TYR A C   1 
ATOM   744  O  O   . TYR A 1 92  ? 22.551  -18.489 -7.171  1.00 84.66  ? 90  TYR A O   1 
ATOM   745  C  CB  . TYR A 1 92  ? 21.037  -15.827 -8.348  1.00 81.84  ? 90  TYR A CB  1 
ATOM   746  C  CG  . TYR A 1 92  ? 20.018  -15.456 -9.424  1.00 79.73  ? 90  TYR A CG  1 
ATOM   747  C  CD1 . TYR A 1 92  ? 19.086  -16.386 -9.914  1.00 80.28  ? 90  TYR A CD1 1 
ATOM   748  C  CD2 . TYR A 1 92  ? 20.007  -14.174 -9.977  1.00 78.20  ? 90  TYR A CD2 1 
ATOM   749  C  CE1 . TYR A 1 92  ? 18.176  -16.042 -10.898 1.00 80.81  ? 90  TYR A CE1 1 
ATOM   750  C  CE2 . TYR A 1 92  ? 19.099  -13.827 -10.969 1.00 79.35  ? 90  TYR A CE2 1 
ATOM   751  C  CZ  . TYR A 1 92  ? 18.185  -14.767 -11.423 1.00 80.82  ? 90  TYR A CZ  1 
ATOM   752  O  OH  . TYR A 1 92  ? 17.269  -14.453 -12.401 1.00 81.70  ? 90  TYR A OH  1 
ATOM   753  N  N   . GLU A 1 93  ? 22.228  -16.922 -5.587  1.00 85.96  ? 91  GLU A N   1 
ATOM   754  C  CA  . GLU A 1 93  ? 23.328  -17.370 -4.735  1.00 90.39  ? 91  GLU A CA  1 
ATOM   755  C  C   . GLU A 1 93  ? 23.065  -18.754 -4.125  1.00 91.96  ? 91  GLU A C   1 
ATOM   756  O  O   . GLU A 1 93  ? 24.011  -19.485 -3.838  1.00 96.50  ? 91  GLU A O   1 
ATOM   757  C  CB  . GLU A 1 93  ? 23.609  -16.345 -3.630  1.00 95.39  ? 91  GLU A CB  1 
ATOM   758  C  CG  . GLU A 1 93  ? 24.822  -16.670 -2.764  1.00 103.30 ? 91  GLU A CG  1 
ATOM   759  C  CD  . GLU A 1 93  ? 25.219  -15.529 -1.845  1.00 112.43 ? 91  GLU A CD  1 
ATOM   760  O  OE1 . GLU A 1 93  ? 25.472  -14.415 -2.353  1.00 121.51 ? 91  GLU A OE1 1 
ATOM   761  O  OE2 . GLU A 1 93  ? 25.291  -15.748 -0.614  1.00 112.63 ? 91  GLU A OE2 1 
ATOM   762  N  N   . MET A 1 94  ? 21.795  -19.104 -3.916  1.00 93.14  ? 92  MET A N   1 
ATOM   763  C  CA  . MET A 1 94  ? 21.433  -20.460 -3.492  1.00 92.00  ? 92  MET A CA  1 
ATOM   764  C  C   . MET A 1 94  ? 21.662  -21.456 -4.623  1.00 87.08  ? 92  MET A C   1 
ATOM   765  O  O   . MET A 1 94  ? 22.295  -22.486 -4.416  1.00 94.62  ? 92  MET A O   1 
ATOM   766  C  CB  . MET A 1 94  ? 19.970  -20.553 -3.044  1.00 98.46  ? 92  MET A CB  1 
ATOM   767  C  CG  . MET A 1 94  ? 19.661  -20.025 -1.652  1.00 102.93 ? 92  MET A CG  1 
ATOM   768  S  SD  . MET A 1 94  ? 17.906  -20.242 -1.283  1.00 106.05 ? 92  MET A SD  1 
ATOM   769  C  CE  . MET A 1 94  ? 17.756  -19.268 0.215   1.00 106.90 ? 92  MET A CE  1 
ATOM   770  N  N   . VAL A 1 95  ? 21.147  -21.147 -5.812  1.00 81.98  ? 93  VAL A N   1 
ATOM   771  C  CA  . VAL A 1 95  ? 21.276  -22.037 -6.970  1.00 83.09  ? 93  VAL A CA  1 
ATOM   772  C  C   . VAL A 1 95  ? 22.755  -22.310 -7.269  1.00 87.80  ? 93  VAL A C   1 
ATOM   773  O  O   . VAL A 1 95  ? 23.132  -23.446 -7.542  1.00 92.22  ? 93  VAL A O   1 
ATOM   774  C  CB  . VAL A 1 95  ? 20.554  -21.472 -8.225  1.00 84.61  ? 93  VAL A CB  1 
ATOM   775  C  CG1 . VAL A 1 95  ? 20.890  -22.270 -9.479  1.00 85.80  ? 93  VAL A CG1 1 
ATOM   776  C  CG2 . VAL A 1 95  ? 19.043  -21.458 -8.028  1.00 86.02  ? 93  VAL A CG2 1 
ATOM   777  N  N   . ASP A 1 96  ? 23.587  -21.273 -7.198  1.00 92.35  ? 94  ASP A N   1 
ATOM   778  C  CA  . ASP A 1 96  ? 25.029  -21.427 -7.403  1.00 91.97  ? 94  ASP A CA  1 
ATOM   779  C  C   . ASP A 1 96  ? 25.630  -22.404 -6.389  1.00 92.05  ? 94  ASP A C   1 
ATOM   780  O  O   . ASP A 1 96  ? 26.352  -23.321 -6.775  1.00 95.28  ? 94  ASP A O   1 
ATOM   781  C  CB  . ASP A 1 96  ? 25.753  -20.067 -7.347  1.00 90.24  ? 94  ASP A CB  1 
ATOM   782  C  CG  . ASP A 1 96  ? 25.467  -19.180 -8.569  1.00 88.87  ? 94  ASP A CG  1 
ATOM   783  O  OD1 . ASP A 1 96  ? 24.801  -19.619 -9.542  1.00 84.36  ? 94  ASP A OD1 1 
ATOM   784  O  OD2 . ASP A 1 96  ? 25.920  -18.020 -8.544  1.00 88.79  ? 94  ASP A OD2 1 
ATOM   785  N  N   . LYS A 1 97  ? 25.308  -22.228 -5.109  1.00 93.11  ? 95  LYS A N   1 
ATOM   786  C  CA  . LYS A 1 97  ? 25.783  -23.155 -4.067  1.00 96.51  ? 95  LYS A CA  1 
ATOM   787  C  C   . LYS A 1 97  ? 25.352  -24.600 -4.308  1.00 91.08  ? 95  LYS A C   1 
ATOM   788  O  O   . LYS A 1 97  ? 26.128  -25.517 -4.060  1.00 94.66  ? 95  LYS A O   1 
ATOM   789  C  CB  . LYS A 1 97  ? 25.354  -22.726 -2.654  1.00 102.19 ? 95  LYS A CB  1 
ATOM   790  C  CG  . LYS A 1 97  ? 26.522  -22.466 -1.712  1.00 110.17 ? 95  LYS A CG  1 
ATOM   791  C  CD  . LYS A 1 97  ? 26.101  -22.583 -0.252  1.00 118.10 ? 95  LYS A CD  1 
ATOM   792  C  CE  . LYS A 1 97  ? 27.288  -22.416 0.687   1.00 121.71 ? 95  LYS A CE  1 
ATOM   793  N  NZ  . LYS A 1 97  ? 27.858  -21.039 0.647   1.00 123.49 ? 95  LYS A NZ  1 
ATOM   794  N  N   . HIS A 1 98  ? 24.127  -24.796 -4.781  1.00 86.20  ? 96  HIS A N   1 
ATOM   795  C  CA  . HIS A 1 98  ? 23.644  -26.135 -5.112  1.00 91.33  ? 96  HIS A CA  1 
ATOM   796  C  C   . HIS A 1 98  ? 24.298  -26.709 -6.375  1.00 92.60  ? 96  HIS A C   1 
ATOM   797  O  O   . HIS A 1 98  ? 24.481  -27.922 -6.463  1.00 95.19  ? 96  HIS A O   1 
ATOM   798  C  CB  . HIS A 1 98  ? 22.112  -26.168 -5.224  1.00 96.93  ? 96  HIS A CB  1 
ATOM   799  C  CG  . HIS A 1 98  ? 21.413  -26.211 -3.898  1.00 103.74 ? 96  HIS A CG  1 
ATOM   800  N  ND1 . HIS A 1 98  ? 21.037  -27.392 -3.295  1.00 106.05 ? 96  HIS A ND1 1 
ATOM   801  C  CD2 . HIS A 1 98  ? 21.027  -25.220 -3.057  1.00 106.20 ? 96  HIS A CD2 1 
ATOM   802  C  CE1 . HIS A 1 98  ? 20.449  -27.127 -2.141  1.00 108.05 ? 96  HIS A CE1 1 
ATOM   803  N  NE2 . HIS A 1 98  ? 20.429  -25.817 -1.973  1.00 106.74 ? 96  HIS A NE2 1 
ATOM   804  N  N   . ILE A 1 99  ? 24.648  -25.858 -7.343  1.00 96.36  ? 97  ILE A N   1 
ATOM   805  C  CA  . ILE A 1 99  ? 25.369  -26.300 -8.557  1.00 96.16  ? 97  ILE A CA  1 
ATOM   806  C  C   . ILE A 1 99  ? 26.776  -26.802 -8.204  1.00 94.83  ? 97  ILE A C   1 
ATOM   807  O  O   . ILE A 1 99  ? 27.199  -27.853 -8.690  1.00 90.23  ? 97  ILE A O   1 
ATOM   808  C  CB  . ILE A 1 99  ? 25.446  -25.184 -9.635  1.00 97.77  ? 97  ILE A CB  1 
ATOM   809  C  CG1 . ILE A 1 99  ? 24.051  -24.873 -10.200 1.00 99.41  ? 97  ILE A CG1 1 
ATOM   810  C  CG2 . ILE A 1 99  ? 26.360  -25.590 -10.792 1.00 96.93  ? 97  ILE A CG2 1 
ATOM   811  C  CD1 . ILE A 1 99  ? 23.906  -23.465 -10.735 1.00 99.62  ? 97  ILE A CD1 1 
ATOM   812  N  N   . ARG A 1 100 ? 27.480  -26.048 -7.355  1.00 97.04  ? 98  ARG A N   1 
ATOM   813  C  CA  . ARG A 1 100 ? 28.813  -26.432 -6.857  1.00 97.02  ? 98  ARG A CA  1 
ATOM   814  C  C   . ARG A 1 100 ? 28.880  -27.806 -6.171  1.00 99.60  ? 98  ARG A C   1 
ATOM   815  O  O   . ARG A 1 100 ? 29.934  -28.438 -6.185  1.00 106.15 ? 98  ARG A O   1 
ATOM   816  C  CB  . ARG A 1 100 ? 29.383  -25.366 -5.906  1.00 96.88  ? 98  ARG A CB  1 
ATOM   817  C  CG  . ARG A 1 100 ? 30.078  -24.209 -6.607  1.00 98.07  ? 98  ARG A CG  1 
ATOM   818  C  CD  . ARG A 1 100 ? 30.727  -23.247 -5.618  1.00 101.94 ? 98  ARG A CD  1 
ATOM   819  N  NE  . ARG A 1 100 ? 29.895  -22.061 -5.381  1.00 110.42 ? 98  ARG A NE  1 
ATOM   820  C  CZ  . ARG A 1 100 ? 30.138  -20.819 -5.821  1.00 115.72 ? 98  ARG A CZ  1 
ATOM   821  N  NH1 . ARG A 1 100 ? 31.219  -20.523 -6.539  1.00 117.74 ? 98  ARG A NH1 1 
ATOM   822  N  NH2 . ARG A 1 100 ? 29.283  -19.839 -5.527  1.00 118.74 ? 98  ARG A NH2 1 
ATOM   823  N  N   . ARG A 1 101 ? 27.783  -28.259 -5.564  1.00 99.00  ? 99  ARG A N   1 
ATOM   824  C  CA  . ARG A 1 101 ? 27.741  -29.596 -4.967  1.00 97.63  ? 99  ARG A CA  1 
ATOM   825  C  C   . ARG A 1 101 ? 27.549  -30.673 -6.019  1.00 95.82  ? 99  ARG A C   1 
ATOM   826  O  O   . ARG A 1 101 ? 28.232  -31.692 -5.982  1.00 103.83 ? 99  ARG A O   1 
ATOM   827  C  CB  . ARG A 1 101 ? 26.641  -29.707 -3.917  1.00 101.90 ? 99  ARG A CB  1 
ATOM   828  C  CG  . ARG A 1 101 ? 26.802  -28.736 -2.754  1.00 107.69 ? 99  ARG A CG  1 
ATOM   829  C  CD  . ARG A 1 101 ? 26.394  -29.346 -1.420  1.00 113.00 ? 99  ARG A CD  1 
ATOM   830  N  NE  . ARG A 1 101 ? 25.734  -28.374 -0.545  1.00 116.58 ? 99  ARG A NE  1 
ATOM   831  C  CZ  . ARG A 1 101 ? 24.438  -28.045 -0.588  1.00 115.53 ? 99  ARG A CZ  1 
ATOM   832  N  NH1 . ARG A 1 101 ? 23.607  -28.593 -1.477  1.00 113.33 ? 99  ARG A NH1 1 
ATOM   833  N  NH2 . ARG A 1 101 ? 23.964  -27.144 0.273   1.00 117.04 ? 99  ARG A NH2 1 
ATOM   834  N  N   . LEU A 1 102 ? 26.624  -30.447 -6.951  1.00 94.64  ? 100 LEU A N   1 
ATOM   835  C  CA  . LEU A 1 102 ? 26.296  -31.446 -7.974  1.00 98.42  ? 100 LEU A CA  1 
ATOM   836  C  C   . LEU A 1 102 ? 27.397  -31.581 -9.016  1.00 108.96 ? 100 LEU A C   1 
ATOM   837  O  O   . LEU A 1 102 ? 28.071  -32.611 -9.098  1.00 114.95 ? 100 LEU A O   1 
ATOM   838  C  CB  . LEU A 1 102 ? 24.977  -31.110 -8.685  1.00 96.17  ? 100 LEU A CB  1 
ATOM   839  C  CG  . LEU A 1 102 ? 23.684  -31.620 -8.053  1.00 96.47  ? 100 LEU A CG  1 
ATOM   840  C  CD1 . LEU A 1 102 ? 23.321  -30.832 -6.805  1.00 98.14  ? 100 LEU A CD1 1 
ATOM   841  C  CD2 . LEU A 1 102 ? 22.541  -31.572 -9.060  1.00 97.98  ? 100 LEU A CD2 1 
ATOM   842  N  N   . ASP A 1 103 ? 27.575  -30.519 -9.794  1.00 119.50 ? 101 ASP A N   1 
ATOM   843  C  CA  . ASP A 1 103 ? 28.353  -30.563 -11.031 1.00 124.28 ? 101 ASP A CA  1 
ATOM   844  C  C   . ASP A 1 103 ? 29.815  -30.194 -10.811 1.00 125.57 ? 101 ASP A C   1 
ATOM   845  O  O   . ASP A 1 103 ? 30.702  -30.858 -11.352 1.00 138.41 ? 101 ASP A O   1 
ATOM   846  C  CB  . ASP A 1 103 ? 27.716  -29.624 -12.066 1.00 126.33 ? 101 ASP A CB  1 
ATOM   847  C  CG  . ASP A 1 103 ? 28.106  -29.956 -13.501 1.00 128.83 ? 101 ASP A CG  1 
ATOM   848  O  OD1 . ASP A 1 103 ? 28.385  -31.133 -13.821 1.00 132.70 ? 101 ASP A OD1 1 
ATOM   849  O  OD2 . ASP A 1 103 ? 28.103  -29.018 -14.325 1.00 128.20 ? 101 ASP A OD2 1 
ATOM   850  N  N   . ALA A 1 104 ? 30.064  -29.151 -10.016 1.00 119.15 ? 102 ALA A N   1 
ATOM   851  C  CA  . ALA A 1 104 ? 31.423  -28.647 -9.777  1.00 119.45 ? 102 ALA A CA  1 
ATOM   852  C  C   . ALA A 1 104 ? 32.001  -29.083 -8.418  1.00 120.55 ? 102 ALA A C   1 
ATOM   853  O  O   . ALA A 1 104 ? 32.542  -28.261 -7.669  1.00 114.26 ? 102 ALA A O   1 
ATOM   854  C  CB  . ALA A 1 104 ? 31.446  -27.130 -9.918  1.00 116.96 ? 102 ALA A CB  1 
ATOM   855  N  N   . ASP A 1 105 ? 31.905  -30.381 -8.121  1.00 121.60 ? 103 ASP A N   1 
ATOM   856  C  CA  . ASP A 1 105 ? 32.501  -30.969 -6.912  1.00 120.42 ? 103 ASP A CA  1 
ATOM   857  C  C   . ASP A 1 105 ? 34.038  -31.021 -7.053  1.00 121.44 ? 103 ASP A C   1 
ATOM   858  O  O   . ASP A 1 105 ? 34.557  -31.049 -8.172  1.00 123.48 ? 103 ASP A O   1 
ATOM   859  C  CB  . ASP A 1 105 ? 31.919  -32.378 -6.686  1.00 119.13 ? 103 ASP A CB  1 
ATOM   860  C  CG  . ASP A 1 105 ? 32.272  -32.966 -5.319  1.00 118.30 ? 103 ASP A CG  1 
ATOM   861  O  OD1 . ASP A 1 105 ? 32.661  -34.153 -5.260  1.00 114.26 ? 103 ASP A OD1 1 
ATOM   862  O  OD2 . ASP A 1 105 ? 32.156  -32.251 -4.302  1.00 115.41 ? 103 ASP A OD2 1 
ATOM   863  N  N   . LEU A 1 106 ? 34.754  -31.023 -5.923  1.00 120.91 ? 104 LEU A N   1 
ATOM   864  C  CA  . LEU A 1 106 ? 36.230  -31.114 -5.898  1.00 121.27 ? 104 LEU A CA  1 
ATOM   865  C  C   . LEU A 1 106 ? 36.723  -32.565 -5.741  1.00 126.51 ? 104 LEU A C   1 
ATOM   866  O  O   . LEU A 1 106 ? 37.492  -32.882 -4.819  1.00 125.30 ? 104 LEU A O   1 
ATOM   867  C  CB  . LEU A 1 106 ? 36.801  -30.246 -4.766  1.00 118.92 ? 104 LEU A CB  1 
ATOM   868  C  CG  . LEU A 1 106 ? 36.557  -28.739 -4.817  1.00 115.30 ? 104 LEU A CG  1 
ATOM   869  C  CD1 . LEU A 1 106 ? 37.051  -28.094 -3.528  1.00 113.62 ? 104 LEU A CD1 1 
ATOM   870  C  CD2 . LEU A 1 106 ? 37.227  -28.106 -6.029  1.00 111.54 ? 104 LEU A CD2 1 
ATOM   871  N  N   . ALA A 1 107 ? 36.288  -33.434 -6.653  1.00 130.86 ? 105 ALA A N   1 
ATOM   872  C  CA  . ALA A 1 107 ? 36.634  -34.858 -6.623  1.00 129.86 ? 105 ALA A CA  1 
ATOM   873  C  C   . ALA A 1 107 ? 36.263  -35.527 -7.948  1.00 128.87 ? 105 ALA A C   1 
ATOM   874  O  O   . ALA A 1 107 ? 36.956  -35.360 -8.953  1.00 123.27 ? 105 ALA A O   1 
ATOM   875  C  CB  . ALA A 1 107 ? 35.941  -35.559 -5.457  1.00 130.09 ? 105 ALA A CB  1 
ATOM   876  O  OXT . ALA A 1 107 ? 35.261  -36.238 -8.052  1.00 131.75 ? 105 ALA A OXT 1 
ATOM   877  N  N   . GLY B 1 1   ? -5.351  22.037  -17.715 1.00 126.88 ? -1  GLY B N   1 
ATOM   878  C  CA  . GLY B 1 1   ? -3.915  21.913  -17.336 1.00 118.84 ? -1  GLY B CA  1 
ATOM   879  C  C   . GLY B 1 1   ? -3.532  20.564  -16.749 1.00 112.19 ? -1  GLY B C   1 
ATOM   880  O  O   . GLY B 1 1   ? -2.915  20.498  -15.685 1.00 109.30 ? -1  GLY B O   1 
ATOM   881  N  N   . ALA B 1 2   ? -3.898  19.492  -17.452 1.00 105.72 ? 0   ALA B N   1 
ATOM   882  C  CA  . ALA B 1 2   ? -3.518  18.121  -17.088 1.00 95.76  ? 0   ALA B CA  1 
ATOM   883  C  C   . ALA B 1 2   ? -2.008  17.899  -17.162 1.00 91.82  ? 0   ALA B C   1 
ATOM   884  O  O   . ALA B 1 2   ? -1.461  17.115  -16.392 1.00 89.09  ? 0   ALA B O   1 
ATOM   885  C  CB  . ALA B 1 2   ? -4.230  17.121  -17.984 1.00 93.43  ? 0   ALA B CB  1 
ATOM   886  N  N   . MET B 1 3   ? -1.348  18.581  -18.098 1.00 92.83  ? 1   MET B N   1 
ATOM   887  C  CA  . MET B 1 3   ? 0.115   18.549  -18.223 1.00 94.16  ? 1   MET B CA  1 
ATOM   888  C  C   . MET B 1 3   ? 0.831   18.932  -16.929 1.00 91.67  ? 1   MET B C   1 
ATOM   889  O  O   . MET B 1 3   ? 1.674   18.175  -16.445 1.00 92.75  ? 1   MET B O   1 
ATOM   890  C  CB  . MET B 1 3   ? 0.590   19.479  -19.349 1.00 96.39  ? 1   MET B CB  1 
ATOM   891  C  CG  . MET B 1 3   ? 0.320   18.955  -20.751 1.00 95.89  ? 1   MET B CG  1 
ATOM   892  S  SD  . MET B 1 3   ? 0.410   20.223  -22.031 1.00 93.84  ? 1   MET B SD  1 
ATOM   893  C  CE  . MET B 1 3   ? 1.976   21.012  -21.669 1.00 93.90  ? 1   MET B CE  1 
ATOM   894  N  N   . ALA B 1 4   ? 0.494   20.097  -16.376 1.00 88.00  ? 2   ALA B N   1 
ATOM   895  C  CA  . ALA B 1 4   ? 1.145   20.585  -15.152 1.00 85.49  ? 2   ALA B CA  1 
ATOM   896  C  C   . ALA B 1 4   ? 0.789   19.733  -13.934 1.00 83.83  ? 2   ALA B C   1 
ATOM   897  O  O   . ALA B 1 4   ? 1.663   19.434  -13.120 1.00 81.98  ? 2   ALA B O   1 
ATOM   898  C  CB  . ALA B 1 4   ? 0.807   22.042  -14.896 1.00 86.56  ? 2   ALA B CB  1 
ATOM   899  N  N   . THR B 1 5   ? -0.480  19.335  -13.817 1.00 81.52  ? 3   THR B N   1 
ATOM   900  C  CA  . THR B 1 5   ? -0.908  18.428  -12.743 1.00 83.47  ? 3   THR B CA  1 
ATOM   901  C  C   . THR B 1 5   ? 0.031   17.214  -12.693 1.00 86.21  ? 3   THR B C   1 
ATOM   902  O  O   . THR B 1 5   ? 0.661   16.941  -11.664 1.00 84.41  ? 3   THR B O   1 
ATOM   903  C  CB  . THR B 1 5   ? -2.371  17.945  -12.935 1.00 82.08  ? 3   THR B CB  1 
ATOM   904  O  OG1 . THR B 1 5   ? -3.263  19.064  -12.951 1.00 79.55  ? 3   THR B OG1 1 
ATOM   905  C  CG2 . THR B 1 5   ? -2.795  17.003  -11.815 1.00 80.78  ? 3   THR B CG2 1 
ATOM   906  N  N   . ALA B 1 6   ? 0.136   16.528  -13.832 1.00 86.27  ? 4   ALA B N   1 
ATOM   907  C  CA  . ALA B 1 6   ? 0.959   15.326  -13.966 1.00 80.96  ? 4   ALA B CA  1 
ATOM   908  C  C   . ALA B 1 6   ? 2.418   15.600  -13.646 1.00 77.62  ? 4   ALA B C   1 
ATOM   909  O  O   . ALA B 1 6   ? 3.034   14.856  -12.892 1.00 81.52  ? 4   ALA B O   1 
ATOM   910  C  CB  . ALA B 1 6   ? 0.839   14.761  -15.368 1.00 79.79  ? 4   ALA B CB  1 
ATOM   911  N  N   . MET B 1 7   ? 2.954   16.673  -14.216 1.00 75.33  ? 5   MET B N   1 
ATOM   912  C  CA  . MET B 1 7   ? 4.351   17.051  -14.007 1.00 78.28  ? 5   MET B CA  1 
ATOM   913  C  C   . MET B 1 7   ? 4.662   17.272  -12.531 1.00 80.01  ? 5   MET B C   1 
ATOM   914  O  O   . MET B 1 7   ? 5.689   16.800  -12.042 1.00 78.89  ? 5   MET B O   1 
ATOM   915  C  CB  . MET B 1 7   ? 4.684   18.319  -14.800 1.00 80.88  ? 5   MET B CB  1 
ATOM   916  C  CG  . MET B 1 7   ? 6.107   18.830  -14.619 1.00 83.36  ? 5   MET B CG  1 
ATOM   917  S  SD  . MET B 1 7   ? 6.292   20.483  -15.295 1.00 87.63  ? 5   MET B SD  1 
ATOM   918  C  CE  . MET B 1 7   ? 7.243   21.266  -13.997 1.00 86.56  ? 5   MET B CE  1 
ATOM   919  N  N   . TYR B 1 8   ? 3.781   18.001  -11.840 1.00 82.10  ? 6   TYR B N   1 
ATOM   920  C  CA  . TYR B 1 8   ? 3.965   18.307  -10.414 1.00 78.23  ? 6   TYR B CA  1 
ATOM   921  C  C   . TYR B 1 8   ? 3.803   17.049  -9.566  1.00 75.43  ? 6   TYR B C   1 
ATOM   922  O  O   . TYR B 1 8   ? 4.600   16.803  -8.651  1.00 73.51  ? 6   TYR B O   1 
ATOM   923  C  CB  . TYR B 1 8   ? 2.982   19.391  -9.943  1.00 79.55  ? 6   TYR B CB  1 
ATOM   924  C  CG  . TYR B 1 8   ? 3.287   20.796  -10.439 1.00 80.03  ? 6   TYR B CG  1 
ATOM   925  C  CD1 . TYR B 1 8   ? 4.517   21.404  -10.170 1.00 80.60  ? 6   TYR B CD1 1 
ATOM   926  C  CD2 . TYR B 1 8   ? 2.334   21.533  -11.150 1.00 81.41  ? 6   TYR B CD2 1 
ATOM   927  C  CE1 . TYR B 1 8   ? 4.794   22.689  -10.617 1.00 82.09  ? 6   TYR B CE1 1 
ATOM   928  C  CE2 . TYR B 1 8   ? 2.602   22.819  -11.598 1.00 83.25  ? 6   TYR B CE2 1 
ATOM   929  C  CZ  . TYR B 1 8   ? 3.832   23.392  -11.327 1.00 85.45  ? 6   TYR B CZ  1 
ATOM   930  O  OH  . TYR B 1 8   ? 4.098   24.670  -11.769 1.00 89.91  ? 6   TYR B OH  1 
ATOM   931  N  N   . LEU B 1 9   ? 2.777   16.258  -9.887  1.00 71.56  ? 7   LEU B N   1 
ATOM   932  C  CA  . LEU B 1 9   ? 2.529   14.974  -9.222  1.00 69.40  ? 7   LEU B CA  1 
ATOM   933  C  C   . LEU B 1 9   ? 3.749   14.061  -9.265  1.00 71.76  ? 7   LEU B C   1 
ATOM   934  O  O   . LEU B 1 9   ? 4.147   13.506  -8.242  1.00 70.63  ? 7   LEU B O   1 
ATOM   935  C  CB  . LEU B 1 9   ? 1.333   14.267  -9.862  1.00 65.43  ? 7   LEU B CB  1 
ATOM   936  C  CG  . LEU B 1 9   ? 0.909   12.920  -9.274  1.00 65.30  ? 7   LEU B CG  1 
ATOM   937  C  CD1 . LEU B 1 9   ? 0.862   12.930  -7.753  1.00 65.40  ? 7   LEU B CD1 1 
ATOM   938  C  CD2 . LEU B 1 9   ? -0.447  12.535  -9.840  1.00 66.77  ? 7   LEU B CD2 1 
ATOM   939  N  N   . GLU B 1 10  ? 4.340   13.928  -10.452 1.00 74.34  ? 8   GLU B N   1 
ATOM   940  C  CA  . GLU B 1 10  ? 5.539   13.113  -10.636 1.00 76.19  ? 8   GLU B CA  1 
ATOM   941  C  C   . GLU B 1 10  ? 6.704   13.617  -9.812  1.00 77.02  ? 8   GLU B C   1 
ATOM   942  O  O   . GLU B 1 10  ? 7.331   12.840  -9.085  1.00 78.09  ? 8   GLU B O   1 
ATOM   943  C  CB  . GLU B 1 10  ? 5.939   13.043  -12.108 1.00 78.88  ? 8   GLU B CB  1 
ATOM   944  C  CG  . GLU B 1 10  ? 5.044   12.108  -12.904 1.00 84.16  ? 8   GLU B CG  1 
ATOM   945  C  CD  . GLU B 1 10  ? 5.522   11.892  -14.321 1.00 86.27  ? 8   GLU B CD  1 
ATOM   946  O  OE1 . GLU B 1 10  ? 5.360   10.761  -14.820 1.00 88.54  ? 8   GLU B OE1 1 
ATOM   947  O  OE2 . GLU B 1 10  ? 6.042   12.848  -14.942 1.00 86.53  ? 8   GLU B OE2 1 
ATOM   948  N  N   . HIS B 1 11  ? 6.970   14.918  -9.917  1.00 76.79  ? 9   HIS B N   1 
ATOM   949  C  CA  . HIS B 1 11  ? 8.082   15.544  -9.196  1.00 76.82  ? 9   HIS B CA  1 
ATOM   950  C  C   . HIS B 1 11  ? 7.905   15.366  -7.695  1.00 73.12  ? 9   HIS B C   1 
ATOM   951  O  O   . HIS B 1 11  ? 8.881   15.142  -6.979  1.00 72.18  ? 9   HIS B O   1 
ATOM   952  C  CB  . HIS B 1 11  ? 8.198   17.035  -9.535  1.00 82.64  ? 9   HIS B CB  1 
ATOM   953  C  CG  . HIS B 1 11  ? 8.631   17.316  -10.944 1.00 85.71  ? 9   HIS B CG  1 
ATOM   954  N  ND1 . HIS B 1 11  ? 9.123   18.541  -11.338 1.00 87.07  ? 9   HIS B ND1 1 
ATOM   955  C  CD2 . HIS B 1 11  ? 8.649   16.533  -12.050 1.00 87.51  ? 9   HIS B CD2 1 
ATOM   956  C  CE1 . HIS B 1 11  ? 9.412   18.506  -12.625 1.00 88.18  ? 9   HIS B CE1 1 
ATOM   957  N  NE2 . HIS B 1 11  ? 9.130   17.298  -13.082 1.00 87.05  ? 9   HIS B NE2 1 
ATOM   958  N  N   . TYR B 1 12  ? 6.656   15.452  -7.234  1.00 73.04  ? 10  TYR B N   1 
ATOM   959  C  CA  . TYR B 1 12  ? 6.315   15.205  -5.830  1.00 73.56  ? 10  TYR B CA  1 
ATOM   960  C  C   . TYR B 1 12  ? 6.653   13.778  -5.418  1.00 73.92  ? 10  TYR B C   1 
ATOM   961  O  O   . TYR B 1 12  ? 7.368   13.565  -4.434  1.00 69.27  ? 10  TYR B O   1 
ATOM   962  C  CB  . TYR B 1 12  ? 4.827   15.481  -5.571  1.00 73.86  ? 10  TYR B CB  1 
ATOM   963  C  CG  . TYR B 1 12  ? 4.390   15.174  -4.151  1.00 76.17  ? 10  TYR B CG  1 
ATOM   964  C  CD1 . TYR B 1 12  ? 4.897   15.903  -3.076  1.00 77.15  ? 10  TYR B CD1 1 
ATOM   965  C  CD2 . TYR B 1 12  ? 3.475   14.149  -3.877  1.00 77.05  ? 10  TYR B CD2 1 
ATOM   966  C  CE1 . TYR B 1 12  ? 4.509   15.623  -1.771  1.00 76.36  ? 10  TYR B CE1 1 
ATOM   967  C  CE2 . TYR B 1 12  ? 3.078   13.866  -2.574  1.00 74.50  ? 10  TYR B CE2 1 
ATOM   968  C  CZ  . TYR B 1 12  ? 3.600   14.604  -1.530  1.00 74.55  ? 10  TYR B CZ  1 
ATOM   969  O  OH  . TYR B 1 12  ? 3.216   14.337  -0.243  1.00 75.35  ? 10  TYR B OH  1 
ATOM   970  N  N   . LEU B 1 13  ? 6.161   12.811  -6.193  1.00 75.06  ? 11  LEU B N   1 
ATOM   971  C  CA  . LEU B 1 13  ? 6.357   11.390  -5.884  1.00 73.70  ? 11  LEU B CA  1 
ATOM   972  C  C   . LEU B 1 13  ? 7.823   10.937  -5.902  1.00 75.15  ? 11  LEU B C   1 
ATOM   973  O  O   . LEU B 1 13  ? 8.171   9.972   -5.230  1.00 81.18  ? 11  LEU B O   1 
ATOM   974  C  CB  . LEU B 1 13  ? 5.512   10.515  -6.814  1.00 72.02  ? 11  LEU B CB  1 
ATOM   975  C  CG  . LEU B 1 13  ? 3.992   10.650  -6.663  1.00 73.10  ? 11  LEU B CG  1 
ATOM   976  C  CD1 . LEU B 1 13  ? 3.273   9.946   -7.804  1.00 72.51  ? 11  LEU B CD1 1 
ATOM   977  C  CD2 . LEU B 1 13  ? 3.495   10.125  -5.324  1.00 74.62  ? 11  LEU B CD2 1 
ATOM   978  N  N   . ASP B 1 14  ? 8.680   11.633  -6.646  1.00 75.90  ? 12  ASP B N   1 
ATOM   979  C  CA  . ASP B 1 14  ? 10.120  11.377  -6.582  1.00 80.95  ? 12  ASP B CA  1 
ATOM   980  C  C   . ASP B 1 14  ? 10.793  12.025  -5.361  1.00 84.34  ? 12  ASP B C   1 
ATOM   981  O  O   . ASP B 1 14  ? 12.001  11.868  -5.185  1.00 88.33  ? 12  ASP B O   1 
ATOM   982  C  CB  . ASP B 1 14  ? 10.812  11.843  -7.874  1.00 84.80  ? 12  ASP B CB  1 
ATOM   983  C  CG  . ASP B 1 14  ? 10.322  11.097  -9.122  1.00 90.38  ? 12  ASP B CG  1 
ATOM   984  O  OD1 . ASP B 1 14  ? 9.852   9.939   -9.019  1.00 92.39  ? 12  ASP B OD1 1 
ATOM   985  O  OD2 . ASP B 1 14  ? 10.417  11.678  -10.225 1.00 94.31  ? 12  ASP B OD2 1 
ATOM   986  N  N   . SER B 1 15  ? 10.026  12.734  -4.522  1.00 88.89  ? 13  SER B N   1 
ATOM   987  C  CA  . SER B 1 15  ? 10.547  13.404  -3.316  1.00 92.06  ? 13  SER B CA  1 
ATOM   988  C  C   . SER B 1 15  ? 10.103  12.782  -1.981  1.00 92.98  ? 13  SER B C   1 
ATOM   989  O  O   . SER B 1 15  ? 10.513  13.263  -0.920  1.00 93.53  ? 13  SER B O   1 
ATOM   990  C  CB  . SER B 1 15  ? 10.119  14.875  -3.333  1.00 91.78  ? 13  SER B CB  1 
ATOM   991  O  OG  . SER B 1 15  ? 8.718   15.010  -3.175  1.00 85.17  ? 13  SER B OG  1 
ATOM   992  N  N   . ILE B 1 16  ? 9.306   11.711  -2.037  1.00 93.42  ? 14  ILE B N   1 
ATOM   993  C  CA  . ILE B 1 16  ? 8.642   11.137  -0.853  1.00 91.76  ? 14  ILE B CA  1 
ATOM   994  C  C   . ILE B 1 16  ? 9.629   10.724  0.232   1.00 94.79  ? 14  ILE B C   1 
ATOM   995  O  O   . ILE B 1 16  ? 9.397   10.985  1.416   1.00 95.83  ? 14  ILE B O   1 
ATOM   996  C  CB  . ILE B 1 16  ? 7.778   9.898   -1.214  1.00 92.62  ? 14  ILE B CB  1 
ATOM   997  C  CG1 . ILE B 1 16  ? 6.665   10.259  -2.209  1.00 95.31  ? 14  ILE B CG1 1 
ATOM   998  C  CG2 . ILE B 1 16  ? 7.174   9.253   0.036   1.00 95.90  ? 14  ILE B CG2 1 
ATOM   999  C  CD1 . ILE B 1 16  ? 5.749   11.388  -1.776  1.00 97.91  ? 14  ILE B CD1 1 
ATOM   1000 N  N   . GLU B 1 17  ? 10.731  10.096  -0.175  1.00 99.19  ? 15  GLU B N   1 
ATOM   1001 C  CA  . GLU B 1 17  ? 11.699  9.544   0.776   1.00 102.34 ? 15  GLU B CA  1 
ATOM   1002 C  C   . GLU B 1 17  ? 12.457  10.599  1.601   1.00 102.02 ? 15  GLU B C   1 
ATOM   1003 O  O   . GLU B 1 17  ? 13.130  10.252  2.574   1.00 101.73 ? 15  GLU B O   1 
ATOM   1004 C  CB  . GLU B 1 17  ? 12.657  8.584   0.066   1.00 105.97 ? 15  GLU B CB  1 
ATOM   1005 C  CG  . GLU B 1 17  ? 11.942  7.355   -0.479  1.00 111.83 ? 15  GLU B CG  1 
ATOM   1006 C  CD  . GLU B 1 17  ? 12.888  6.266   -0.950  1.00 121.40 ? 15  GLU B CD  1 
ATOM   1007 O  OE1 . GLU B 1 17  ? 13.799  5.884   -0.183  1.00 126.35 ? 15  GLU B OE1 1 
ATOM   1008 O  OE2 . GLU B 1 17  ? 12.706  5.774   -2.087  1.00 127.15 ? 15  GLU B OE2 1 
ATOM   1009 N  N   . ASN B 1 18  ? 12.337  11.871  1.223   1.00 103.85 ? 16  ASN B N   1 
ATOM   1010 C  CA  . ASN B 1 18  ? 12.772  12.980  2.078   1.00 106.52 ? 16  ASN B CA  1 
ATOM   1011 C  C   . ASN B 1 18  ? 11.886  14.220  1.886   1.00 97.71  ? 16  ASN B C   1 
ATOM   1012 O  O   . ASN B 1 18  ? 12.243  15.174  1.188   1.00 92.95  ? 16  ASN B O   1 
ATOM   1013 C  CB  . ASN B 1 18  ? 14.265  13.292  1.868   1.00 111.90 ? 16  ASN B CB  1 
ATOM   1014 C  CG  . ASN B 1 18  ? 14.657  13.335  0.404   1.00 115.42 ? 16  ASN B CG  1 
ATOM   1015 O  OD1 . ASN B 1 18  ? 14.314  12.440  -0.373  1.00 116.77 ? 16  ASN B OD1 1 
ATOM   1016 N  ND2 . ASN B 1 18  ? 15.381  14.379  0.018   1.00 119.19 ? 16  ASN B ND2 1 
ATOM   1017 N  N   . LEU B 1 19  ? 10.714  14.170  2.513   1.00 91.56  ? 17  LEU B N   1 
ATOM   1018 C  CA  . LEU B 1 19  ? 9.836   15.329  2.637   1.00 88.08  ? 17  LEU B CA  1 
ATOM   1019 C  C   . LEU B 1 19  ? 10.295  16.158  3.831   1.00 87.55  ? 17  LEU B C   1 
ATOM   1020 O  O   . LEU B 1 19  ? 11.103  15.690  4.630   1.00 84.57  ? 17  LEU B O   1 
ATOM   1021 C  CB  . LEU B 1 19  ? 8.395   14.882  2.881   1.00 86.18  ? 17  LEU B CB  1 
ATOM   1022 C  CG  . LEU B 1 19  ? 7.738   13.995  1.826   1.00 84.00  ? 17  LEU B CG  1 
ATOM   1023 C  CD1 . LEU B 1 19  ? 6.492   13.335  2.388   1.00 82.75  ? 17  LEU B CD1 1 
ATOM   1024 C  CD2 . LEU B 1 19  ? 7.407   14.796  0.579   1.00 84.43  ? 17  LEU B CD2 1 
ATOM   1025 N  N   . PRO B 1 20  ? 9.772   17.393  3.964   1.00 91.23  ? 18  PRO B N   1 
ATOM   1026 C  CA  . PRO B 1 20  ? 9.930   18.172  5.195   1.00 92.89  ? 18  PRO B CA  1 
ATOM   1027 C  C   . PRO B 1 20  ? 9.484   17.409  6.446   1.00 96.84  ? 18  PRO B C   1 
ATOM   1028 O  O   . PRO B 1 20  ? 8.589   16.563  6.368   1.00 102.41 ? 18  PRO B O   1 
ATOM   1029 C  CB  . PRO B 1 20  ? 9.023   19.379  4.954   1.00 93.65  ? 18  PRO B CB  1 
ATOM   1030 C  CG  . PRO B 1 20  ? 9.060   19.578  3.477   1.00 93.37  ? 18  PRO B CG  1 
ATOM   1031 C  CD  . PRO B 1 20  ? 9.230   18.216  2.866   1.00 92.92  ? 18  PRO B CD  1 
ATOM   1032 N  N   . SER B 1 21  ? 10.106  17.713  7.583   1.00 100.54 ? 19  SER B N   1 
ATOM   1033 C  CA  . SER B 1 21  ? 9.885   16.950  8.814   1.00 100.92 ? 19  SER B CA  1 
ATOM   1034 C  C   . SER B 1 21  ? 8.433   17.016  9.281   1.00 98.96  ? 19  SER B C   1 
ATOM   1035 O  O   . SER B 1 21  ? 7.841   15.983  9.579   1.00 100.04 ? 19  SER B O   1 
ATOM   1036 C  CB  . SER B 1 21  ? 10.824  17.422  9.928   1.00 102.79 ? 19  SER B CB  1 
ATOM   1037 O  OG  . SER B 1 21  ? 10.582  18.776  10.257  1.00 107.13 ? 19  SER B OG  1 
ATOM   1038 N  N   . GLU B 1 22  ? 7.864   18.222  9.318   1.00 102.31 ? 20  GLU B N   1 
ATOM   1039 C  CA  . GLU B 1 22  ? 6.457   18.408  9.727   1.00 107.91 ? 20  GLU B CA  1 
ATOM   1040 C  C   . GLU B 1 22  ? 5.451   17.734  8.775   1.00 101.88 ? 20  GLU B C   1 
ATOM   1041 O  O   . GLU B 1 22  ? 4.350   17.365  9.191   1.00 103.61 ? 20  GLU B O   1 
ATOM   1042 C  CB  . GLU B 1 22  ? 6.109   19.905  9.939   1.00 115.20 ? 20  GLU B CB  1 
ATOM   1043 C  CG  . GLU B 1 22  ? 5.776   20.744  8.696   1.00 120.74 ? 20  GLU B CG  1 
ATOM   1044 C  CD  . GLU B 1 22  ? 6.987   21.324  7.971   1.00 126.99 ? 20  GLU B CD  1 
ATOM   1045 O  OE1 . GLU B 1 22  ? 8.136   20.896  8.227   1.00 132.89 ? 20  GLU B OE1 1 
ATOM   1046 O  OE2 . GLU B 1 22  ? 6.783   22.219  7.121   1.00 122.08 ? 20  GLU B OE2 1 
ATOM   1047 N  N   . LEU B 1 23  ? 5.832   17.588  7.507   1.00 94.87  ? 21  LEU B N   1 
ATOM   1048 C  CA  . LEU B 1 23  ? 4.983   16.946  6.510   1.00 91.01  ? 21  LEU B CA  1 
ATOM   1049 C  C   . LEU B 1 23  ? 4.918   15.434  6.720   1.00 90.89  ? 21  LEU B C   1 
ATOM   1050 O  O   . LEU B 1 23  ? 3.833   14.858  6.664   1.00 93.08  ? 21  LEU B O   1 
ATOM   1051 C  CB  . LEU B 1 23  ? 5.468   17.282  5.095   1.00 87.88  ? 21  LEU B CB  1 
ATOM   1052 C  CG  . LEU B 1 23  ? 4.571   16.945  3.898   1.00 85.65  ? 21  LEU B CG  1 
ATOM   1053 C  CD1 . LEU B 1 23  ? 3.098   17.204  4.168   1.00 84.61  ? 21  LEU B CD1 1 
ATOM   1054 C  CD2 . LEU B 1 23  ? 5.019   17.735  2.681   1.00 85.14  ? 21  LEU B CD2 1 
ATOM   1055 N  N   . GLN B 1 24  ? 6.063   14.795  6.965   1.00 89.61  ? 22  GLN B N   1 
ATOM   1056 C  CA  . GLN B 1 24  ? 6.082   13.366  7.327   1.00 93.09  ? 22  GLN B CA  1 
ATOM   1057 C  C   . GLN B 1 24  ? 5.224   13.112  8.562   1.00 91.14  ? 22  GLN B C   1 
ATOM   1058 O  O   . GLN B 1 24  ? 4.385   12.209  8.564   1.00 88.31  ? 22  GLN B O   1 
ATOM   1059 C  CB  . GLN B 1 24  ? 7.506   12.854  7.576   1.00 97.62  ? 22  GLN B CB  1 
ATOM   1060 C  CG  . GLN B 1 24  ? 8.264   12.506  6.305   1.00 104.43 ? 22  GLN B CG  1 
ATOM   1061 C  CD  . GLN B 1 24  ? 9.717   12.140  6.559   1.00 106.83 ? 22  GLN B CD  1 
ATOM   1062 O  OE1 . GLN B 1 24  ? 10.040  11.466  7.540   1.00 106.52 ? 22  GLN B OE1 1 
ATOM   1063 N  NE2 . GLN B 1 24  ? 10.602  12.577  5.666   1.00 105.19 ? 22  GLN B NE2 1 
ATOM   1064 N  N   . ARG B 1 25  ? 5.450   13.926  9.591   1.00 92.09  ? 23  ARG B N   1 
ATOM   1065 C  CA  . ARG B 1 25  ? 4.666   13.908  10.826  1.00 93.64  ? 23  ARG B CA  1 
ATOM   1066 C  C   . ARG B 1 25  ? 3.159   13.925  10.543  1.00 90.10  ? 23  ARG B C   1 
ATOM   1067 O  O   . ARG B 1 25  ? 2.424   13.045  10.997  1.00 87.69  ? 23  ARG B O   1 
ATOM   1068 C  CB  . ARG B 1 25  ? 5.076   15.092  11.722  1.00 100.73 ? 23  ARG B CB  1 
ATOM   1069 C  CG  . ARG B 1 25  ? 4.140   15.379  12.889  1.00 109.86 ? 23  ARG B CG  1 
ATOM   1070 C  CD  . ARG B 1 25  ? 4.829   16.120  14.027  1.00 114.63 ? 23  ARG B CD  1 
ATOM   1071 N  NE  . ARG B 1 25  ? 3.991   16.156  15.230  1.00 120.19 ? 23  ARG B NE  1 
ATOM   1072 C  CZ  . ARG B 1 25  ? 3.764   15.123  16.054  1.00 123.15 ? 23  ARG B CZ  1 
ATOM   1073 N  NH1 . ARG B 1 25  ? 4.302   13.918  15.835  1.00 123.38 ? 23  ARG B NH1 1 
ATOM   1074 N  NH2 . ARG B 1 25  ? 2.976   15.295  17.115  1.00 121.07 ? 23  ARG B NH2 1 
ATOM   1075 N  N   . ASN B 1 26  ? 2.713   14.915  9.777   1.00 84.45  ? 24  ASN B N   1 
ATOM   1076 C  CA  . ASN B 1 26  ? 1.293   15.025  9.429   1.00 83.21  ? 24  ASN B CA  1 
ATOM   1077 C  C   . ASN B 1 26  ? 0.761   13.785  8.703   1.00 82.97  ? 24  ASN B C   1 
ATOM   1078 O  O   . ASN B 1 26  ? -0.356  13.345  8.978   1.00 83.11  ? 24  ASN B O   1 
ATOM   1079 C  CB  . ASN B 1 26  ? 1.008   16.292  8.599   1.00 84.06  ? 24  ASN B CB  1 
ATOM   1080 C  CG  . ASN B 1 26  ? 0.435   17.428  9.427   1.00 83.34  ? 24  ASN B CG  1 
ATOM   1081 O  OD1 . ASN B 1 26  ? 0.701   17.539  10.625  1.00 88.56  ? 24  ASN B OD1 1 
ATOM   1082 N  ND2 . ASN B 1 26  ? -0.362  18.280  8.789   1.00 79.97  ? 24  ASN B ND2 1 
ATOM   1083 N  N   . PHE B 1 27  ? 1.551   13.225  7.788   1.00 83.27  ? 25  PHE B N   1 
ATOM   1084 C  CA  . PHE B 1 27  ? 1.147   12.004  7.078   1.00 80.38  ? 25  PHE B CA  1 
ATOM   1085 C  C   . PHE B 1 27  ? 1.065   10.812  8.010   1.00 82.74  ? 25  PHE B C   1 
ATOM   1086 O  O   . PHE B 1 27  ? 0.171   9.981   7.860   1.00 82.05  ? 25  PHE B O   1 
ATOM   1087 C  CB  . PHE B 1 27  ? 2.076   11.689  5.901   1.00 76.88  ? 25  PHE B CB  1 
ATOM   1088 C  CG  . PHE B 1 27  ? 1.734   12.447  4.651   1.00 74.90  ? 25  PHE B CG  1 
ATOM   1089 C  CD1 . PHE B 1 27  ? 0.488   12.286  4.052   1.00 74.16  ? 25  PHE B CD1 1 
ATOM   1090 C  CD2 . PHE B 1 27  ? 2.643   13.322  4.072   1.00 73.83  ? 25  PHE B CD2 1 
ATOM   1091 C  CE1 . PHE B 1 27  ? 0.152   12.987  2.907   1.00 72.20  ? 25  PHE B CE1 1 
ATOM   1092 C  CE2 . PHE B 1 27  ? 2.317   14.021  2.920   1.00 73.40  ? 25  PHE B CE2 1 
ATOM   1093 C  CZ  . PHE B 1 27  ? 1.069   13.853  2.338   1.00 73.38  ? 25  PHE B CZ  1 
ATOM   1094 N  N   . GLN B 1 28  ? 1.990   10.745  8.969   1.00 86.22  ? 26  GLN B N   1 
ATOM   1095 C  CA  . GLN B 1 28  ? 1.968   9.701   9.992   1.00 87.60  ? 26  GLN B CA  1 
ATOM   1096 C  C   . GLN B 1 28  ? 0.756   9.860   10.909  1.00 84.96  ? 26  GLN B C   1 
ATOM   1097 O  O   . GLN B 1 28  ? 0.071   8.879   11.190  1.00 90.51  ? 26  GLN B O   1 
ATOM   1098 C  CB  . GLN B 1 28  ? 3.282   9.685   10.802  1.00 88.37  ? 26  GLN B CB  1 
ATOM   1099 C  CG  . GLN B 1 28  ? 3.383   8.613   11.889  1.00 89.04  ? 26  GLN B CG  1 
ATOM   1100 C  CD  . GLN B 1 28  ? 3.103   7.201   11.386  1.00 91.46  ? 26  GLN B CD  1 
ATOM   1101 O  OE1 . GLN B 1 28  ? 3.422   6.854   10.249  1.00 94.23  ? 26  GLN B OE1 1 
ATOM   1102 N  NE2 . GLN B 1 28  ? 2.505   6.378   12.240  1.00 90.95  ? 26  GLN B NE2 1 
ATOM   1103 N  N   . LEU B 1 29  ? 0.475   11.085  11.353  1.00 80.67  ? 27  LEU B N   1 
ATOM   1104 C  CA  . LEU B 1 29  ? -0.714  11.330  12.178  1.00 82.97  ? 27  LEU B CA  1 
ATOM   1105 C  C   . LEU B 1 29  ? -2.010  10.970  11.440  1.00 82.88  ? 27  LEU B C   1 
ATOM   1106 O  O   . LEU B 1 29  ? -2.924  10.395  12.034  1.00 86.38  ? 27  LEU B O   1 
ATOM   1107 C  CB  . LEU B 1 29  ? -0.778  12.786  12.661  1.00 84.33  ? 27  LEU B CB  1 
ATOM   1108 C  CG  . LEU B 1 29  ? 0.315   13.346  13.585  1.00 84.81  ? 27  LEU B CG  1 
ATOM   1109 C  CD1 . LEU B 1 29  ? -0.268  14.478  14.417  1.00 84.57  ? 27  LEU B CD1 1 
ATOM   1110 C  CD2 . LEU B 1 29  ? 0.947   12.293  14.494  1.00 85.61  ? 27  LEU B CD2 1 
ATOM   1111 N  N   . MET B 1 30  ? -2.079  11.310  10.153  1.00 80.49  ? 28  MET B N   1 
ATOM   1112 C  CA  . MET B 1 30  ? -3.212  10.923  9.311   1.00 78.36  ? 28  MET B CA  1 
ATOM   1113 C  C   . MET B 1 30  ? -3.339  9.410   9.150   1.00 81.23  ? 28  MET B C   1 
ATOM   1114 O  O   . MET B 1 30  ? -4.451  8.898   9.112   1.00 84.72  ? 28  MET B O   1 
ATOM   1115 C  CB  . MET B 1 30  ? -3.134  11.592  7.932   1.00 76.74  ? 28  MET B CB  1 
ATOM   1116 C  CG  . MET B 1 30  ? -3.578  13.047  7.938   1.00 77.55  ? 28  MET B CG  1 
ATOM   1117 S  SD  . MET B 1 30  ? -3.874  13.741  6.304   1.00 75.45  ? 28  MET B SD  1 
ATOM   1118 C  CE  . MET B 1 30  ? -2.245  13.581  5.582   1.00 77.93  ? 28  MET B CE  1 
ATOM   1119 N  N   . ARG B 1 31  ? -2.215  8.699   9.056   1.00 85.70  ? 29  ARG B N   1 
ATOM   1120 C  CA  . ARG B 1 31  ? -2.233  7.234   8.949   1.00 88.94  ? 29  ARG B CA  1 
ATOM   1121 C  C   . ARG B 1 31  ? -2.799  6.599   10.226  1.00 89.70  ? 29  ARG B C   1 
ATOM   1122 O  O   . ARG B 1 31  ? -3.698  5.758   10.162  1.00 89.34  ? 29  ARG B O   1 
ATOM   1123 C  CB  . ARG B 1 31  ? -0.828  6.684   8.662   1.00 93.16  ? 29  ARG B CB  1 
ATOM   1124 C  CG  . ARG B 1 31  ? -0.835  5.256   8.132   1.00 100.58 ? 29  ARG B CG  1 
ATOM   1125 C  CD  . ARG B 1 31  ? 0.451   4.490   8.427   1.00 108.64 ? 29  ARG B CD  1 
ATOM   1126 N  NE  . ARG B 1 31  ? 1.527   4.781   7.476   1.00 116.44 ? 29  ARG B NE  1 
ATOM   1127 C  CZ  . ARG B 1 31  ? 1.590   4.344   6.214   1.00 121.01 ? 29  ARG B CZ  1 
ATOM   1128 N  NH1 . ARG B 1 31  ? 0.623   3.586   5.686   1.00 121.50 ? 29  ARG B NH1 1 
ATOM   1129 N  NH2 . ARG B 1 31  ? 2.633   4.682   5.456   1.00 122.57 ? 29  ARG B NH2 1 
ATOM   1130 N  N   . GLU B 1 32  ? -2.265  7.014   11.375  1.00 88.91  ? 30  GLU B N   1 
ATOM   1131 C  CA  . GLU B 1 32  ? -2.731  6.542   12.684  1.00 88.99  ? 30  GLU B CA  1 
ATOM   1132 C  C   . GLU B 1 32  ? -4.211  6.864   12.885  1.00 88.13  ? 30  GLU B C   1 
ATOM   1133 O  O   . GLU B 1 32  ? -4.978  6.026   13.365  1.00 89.98  ? 30  GLU B O   1 
ATOM   1134 C  CB  . GLU B 1 32  ? -1.897  7.167   13.812  1.00 92.16  ? 30  GLU B CB  1 
ATOM   1135 C  CG  . GLU B 1 32  ? -0.455  6.658   13.890  1.00 93.80  ? 30  GLU B CG  1 
ATOM   1136 C  CD  . GLU B 1 32  ? 0.466   7.534   14.743  1.00 96.30  ? 30  GLU B CD  1 
ATOM   1137 O  OE1 . GLU B 1 32  ? -0.029  8.394   15.507  1.00 100.22 ? 30  GLU B OE1 1 
ATOM   1138 O  OE2 . GLU B 1 32  ? 1.702   7.365   14.649  1.00 93.75  ? 30  GLU B OE2 1 
ATOM   1139 N  N   . LEU B 1 33  ? -4.600  8.078   12.506  1.00 88.02  ? 31  LEU B N   1 
ATOM   1140 C  CA  . LEU B 1 33  ? -5.997  8.514   12.563  1.00 85.93  ? 31  LEU B CA  1 
ATOM   1141 C  C   . LEU B 1 33  ? -6.889  7.728   11.596  1.00 80.98  ? 31  LEU B C   1 
ATOM   1142 O  O   . LEU B 1 33  ? -8.011  7.378   11.946  1.00 83.17  ? 31  LEU B O   1 
ATOM   1143 C  CB  . LEU B 1 33  ? -6.096  10.022  12.286  1.00 87.41  ? 31  LEU B CB  1 
ATOM   1144 C  CG  . LEU B 1 33  ? -7.470  10.705  12.313  1.00 89.05  ? 31  LEU B CG  1 
ATOM   1145 C  CD1 . LEU B 1 33  ? -8.212  10.473  13.621  1.00 89.43  ? 31  LEU B CD1 1 
ATOM   1146 C  CD2 . LEU B 1 33  ? -7.308  12.197  12.058  1.00 88.83  ? 31  LEU B CD2 1 
ATOM   1147 N  N   . ASP B 1 34  ? -6.395  7.457   10.391  1.00 79.85  ? 32  ASP B N   1 
ATOM   1148 C  CA  . ASP B 1 34  ? -7.112  6.610   9.430   1.00 84.12  ? 32  ASP B CA  1 
ATOM   1149 C  C   . ASP B 1 34  ? -7.371  5.208   9.980   1.00 88.35  ? 32  ASP B C   1 
ATOM   1150 O  O   . ASP B 1 34  ? -8.424  4.625   9.704   1.00 88.37  ? 32  ASP B O   1 
ATOM   1151 C  CB  . ASP B 1 34  ? -6.346  6.498   8.097   1.00 86.68  ? 32  ASP B CB  1 
ATOM   1152 C  CG  . ASP B 1 34  ? -6.490  7.735   7.217   1.00 85.90  ? 32  ASP B CG  1 
ATOM   1153 O  OD1 . ASP B 1 34  ? -7.476  8.487   7.384   1.00 87.63  ? 32  ASP B OD1 1 
ATOM   1154 O  OD2 . ASP B 1 34  ? -5.615  7.952   6.344   1.00 78.69  ? 32  ASP B OD2 1 
ATOM   1155 N  N   . GLN B 1 35  ? -6.421  4.683   10.759  1.00 92.19  ? 33  GLN B N   1 
ATOM   1156 C  CA  . GLN B 1 35  ? -6.565  3.372   11.405  1.00 93.27  ? 33  GLN B CA  1 
ATOM   1157 C  C   . GLN B 1 35  ? -7.701  3.363   12.423  1.00 93.61  ? 33  GLN B C   1 
ATOM   1158 O  O   . GLN B 1 35  ? -8.570  2.495   12.369  1.00 94.17  ? 33  GLN B O   1 
ATOM   1159 C  CB  . GLN B 1 35  ? -5.260  2.941   12.088  1.00 94.07  ? 33  GLN B CB  1 
ATOM   1160 C  CG  . GLN B 1 35  ? -5.191  1.456   12.396  1.00 94.17  ? 33  GLN B CG  1 
ATOM   1161 C  CD  . GLN B 1 35  ? -5.225  0.615   11.138  1.00 95.08  ? 33  GLN B CD  1 
ATOM   1162 O  OE1 . GLN B 1 35  ? -6.244  0.002   10.818  1.00 99.12  ? 33  GLN B OE1 1 
ATOM   1163 N  NE2 . GLN B 1 35  ? -4.125  0.616   10.394  1.00 90.34  ? 33  GLN B NE2 1 
ATOM   1164 N  N   . ARG B 1 36  ? -7.686  4.330   13.338  1.00 95.38  ? 34  ARG B N   1 
ATOM   1165 C  CA  . ARG B 1 36  ? -8.804  4.541   14.270  1.00 98.09  ? 34  ARG B CA  1 
ATOM   1166 C  C   . ARG B 1 36  ? -10.159 4.622   13.559  1.00 97.51  ? 34  ARG B C   1 
ATOM   1167 O  O   . ARG B 1 36  ? -11.155 4.114   14.072  1.00 101.72 ? 34  ARG B O   1 
ATOM   1168 C  CB  . ARG B 1 36  ? -8.583  5.794   15.140  1.00 100.64 ? 34  ARG B CB  1 
ATOM   1169 C  CG  . ARG B 1 36  ? -7.938  5.486   16.483  1.00 106.02 ? 34  ARG B CG  1 
ATOM   1170 C  CD  . ARG B 1 36  ? -7.589  6.731   17.285  1.00 106.05 ? 34  ARG B CD  1 
ATOM   1171 N  NE  . ARG B 1 36  ? -6.245  7.212   16.949  1.00 107.37 ? 34  ARG B NE  1 
ATOM   1172 C  CZ  . ARG B 1 36  ? -5.913  8.451   16.574  1.00 109.32 ? 34  ARG B CZ  1 
ATOM   1173 N  NH1 . ARG B 1 36  ? -6.816  9.434   16.489  1.00 109.95 ? 34  ARG B NH1 1 
ATOM   1174 N  NH2 . ARG B 1 36  ? -4.638  8.721   16.291  1.00 108.96 ? 34  ARG B NH2 1 
ATOM   1175 N  N   . THR B 1 37  ? -10.182 5.252   12.385  1.00 96.21  ? 35  THR B N   1 
ATOM   1176 C  CA  . THR B 1 37  ? -11.398 5.368   11.578  1.00 96.75  ? 35  THR B CA  1 
ATOM   1177 C  C   . THR B 1 37  ? -11.783 4.048   10.900  1.00 99.83  ? 35  THR B C   1 
ATOM   1178 O  O   . THR B 1 37  ? -12.969 3.708   10.858  1.00 102.79 ? 35  THR B O   1 
ATOM   1179 C  CB  . THR B 1 37  ? -11.265 6.464   10.499  1.00 94.17  ? 35  THR B CB  1 
ATOM   1180 O  OG1 . THR B 1 37  ? -10.588 7.603   11.044  1.00 92.82  ? 35  THR B OG1 1 
ATOM   1181 C  CG2 . THR B 1 37  ? -12.637 6.896   9.991   1.00 93.42  ? 35  THR B CG2 1 
ATOM   1182 N  N   . GLU B 1 38  ? -10.798 3.323   10.359  1.00 99.59  ? 36  GLU B N   1 
ATOM   1183 C  CA  . GLU B 1 38  ? -11.047 2.014   9.721   1.00 100.82 ? 36  GLU B CA  1 
ATOM   1184 C  C   . GLU B 1 38  ? -11.545 0.971   10.711  1.00 99.63  ? 36  GLU B C   1 
ATOM   1185 O  O   . GLU B 1 38  ? -12.423 0.173   10.378  1.00 98.33  ? 36  GLU B O   1 
ATOM   1186 C  CB  . GLU B 1 38  ? -9.788  1.470   9.039   1.00 108.54 ? 36  GLU B CB  1 
ATOM   1187 C  CG  . GLU B 1 38  ? -9.468  2.110   7.698   1.00 118.49 ? 36  GLU B CG  1 
ATOM   1188 C  CD  . GLU B 1 38  ? -8.094  1.724   7.171   1.00 126.96 ? 36  GLU B CD  1 
ATOM   1189 O  OE1 . GLU B 1 38  ? -7.589  0.632   7.524   1.00 131.92 ? 36  GLU B OE1 1 
ATOM   1190 O  OE2 . GLU B 1 38  ? -7.514  2.519   6.398   1.00 130.16 ? 36  GLU B OE2 1 
ATOM   1191 N  N   . ASP B 1 39  ? -10.967 0.977   11.914  1.00 99.34  ? 37  ASP B N   1 
ATOM   1192 C  CA  . ASP B 1 39  ? -11.342 0.041   12.977  1.00 95.45  ? 37  ASP B CA  1 
ATOM   1193 C  C   . ASP B 1 39  ? -12.778 0.280   13.447  1.00 94.24  ? 37  ASP B C   1 
ATOM   1194 O  O   . ASP B 1 39  ? -13.575 -0.659  13.487  1.00 95.54  ? 37  ASP B O   1 
ATOM   1195 C  CB  . ASP B 1 39  ? -10.355 0.116   14.160  1.00 95.37  ? 37  ASP B CB  1 
ATOM   1196 C  CG  . ASP B 1 39  ? -8.955  -0.449  13.820  1.00 95.45  ? 37  ASP B CG  1 
ATOM   1197 O  OD1 . ASP B 1 39  ? -8.758  -1.053  12.742  1.00 87.05  ? 37  ASP B OD1 1 
ATOM   1198 O  OD2 . ASP B 1 39  ? -8.036  -0.284  14.652  1.00 94.61  ? 37  ASP B OD2 1 
ATOM   1199 N  N   . LYS B 1 40  ? -13.110 1.531   13.774  1.00 94.43  ? 38  LYS B N   1 
ATOM   1200 C  CA  . LYS B 1 40  ? -14.496 1.896   14.149  1.00 95.22  ? 38  LYS B CA  1 
ATOM   1201 C  C   . LYS B 1 40  ? -15.528 1.595   13.059  1.00 94.68  ? 38  LYS B C   1 
ATOM   1202 O  O   . LYS B 1 40  ? -16.685 1.326   13.372  1.00 88.54  ? 38  LYS B O   1 
ATOM   1203 C  CB  . LYS B 1 40  ? -14.615 3.368   14.575  1.00 96.48  ? 38  LYS B CB  1 
ATOM   1204 C  CG  . LYS B 1 40  ? -14.708 3.575   16.078  1.00 98.47  ? 38  LYS B CG  1 
ATOM   1205 C  CD  . LYS B 1 40  ? -16.089 3.213   16.607  1.00 101.59 ? 38  LYS B CD  1 
ATOM   1206 C  CE  . LYS B 1 40  ? -16.210 3.461   18.108  1.00 105.60 ? 38  LYS B CE  1 
ATOM   1207 N  NZ  . LYS B 1 40  ? -15.247 2.680   18.933  1.00 106.04 ? 38  LYS B NZ  1 
ATOM   1208 N  N   . LYS B 1 41  ? -15.116 1.651   11.794  1.00 101.52 ? 39  LYS B N   1 
ATOM   1209 C  CA  . LYS B 1 41  ? -15.987 1.250   10.685  1.00 109.04 ? 39  LYS B CA  1 
ATOM   1210 C  C   . LYS B 1 41  ? -16.262 -0.257  10.716  1.00 108.42 ? 39  LYS B C   1 
ATOM   1211 O  O   . LYS B 1 41  ? -17.420 -0.676  10.658  1.00 111.81 ? 39  LYS B O   1 
ATOM   1212 C  CB  . LYS B 1 41  ? -15.407 1.675   9.321   1.00 114.77 ? 39  LYS B CB  1 
ATOM   1213 C  CG  . LYS B 1 41  ? -15.771 3.096   8.910   1.00 117.98 ? 39  LYS B CG  1 
ATOM   1214 C  CD  . LYS B 1 41  ? -17.200 3.182   8.378   1.00 123.10 ? 39  LYS B CD  1 
ATOM   1215 C  CE  . LYS B 1 41  ? -17.682 4.621   8.243   1.00 124.57 ? 39  LYS B CE  1 
ATOM   1216 N  NZ  . LYS B 1 41  ? -16.971 5.362   7.163   1.00 124.48 ? 39  LYS B NZ  1 
ATOM   1217 N  N   . ALA B 1 42  ? -15.202 -1.059  10.821  1.00 107.32 ? 40  ALA B N   1 
ATOM   1218 C  CA  . ALA B 1 42  ? -15.339 -2.518  10.949  1.00 107.67 ? 40  ALA B CA  1 
ATOM   1219 C  C   . ALA B 1 42  ? -16.113 -2.913  12.212  1.00 106.63 ? 40  ALA B C   1 
ATOM   1220 O  O   . ALA B 1 42  ? -16.875 -3.875  12.196  1.00 103.27 ? 40  ALA B O   1 
ATOM   1221 C  CB  . ALA B 1 42  ? -13.973 -3.192  10.931  1.00 105.99 ? 40  ALA B CB  1 
ATOM   1222 N  N   . GLU B 1 43  ? -15.916 -2.158  13.292  1.00 107.40 ? 41  GLU B N   1 
ATOM   1223 C  CA  . GLU B 1 43  ? -16.663 -2.354  14.536  1.00 107.76 ? 41  GLU B CA  1 
ATOM   1224 C  C   . GLU B 1 43  ? -18.161 -2.098  14.344  1.00 108.52 ? 41  GLU B C   1 
ATOM   1225 O  O   . GLU B 1 43  ? -18.987 -2.888  14.804  1.00 114.04 ? 41  GLU B O   1 
ATOM   1226 C  CB  . GLU B 1 43  ? -16.108 -1.443  15.637  1.00 106.83 ? 41  GLU B CB  1 
ATOM   1227 C  CG  . GLU B 1 43  ? -16.649 -1.720  17.032  1.00 110.04 ? 41  GLU B CG  1 
ATOM   1228 C  CD  . GLU B 1 43  ? -16.148 -0.726  18.069  1.00 113.48 ? 41  GLU B CD  1 
ATOM   1229 O  OE1 . GLU B 1 43  ? -14.990 -0.263  17.953  1.00 116.27 ? 41  GLU B OE1 1 
ATOM   1230 O  OE2 . GLU B 1 43  ? -16.915 -0.409  19.005  1.00 110.89 ? 41  GLU B OE2 1 
ATOM   1231 N  N   . ILE B 1 44  ? -18.503 -1.002  13.667  1.00 107.61 ? 42  ILE B N   1 
ATOM   1232 C  CA  . ILE B 1 44  ? -19.906 -0.670  13.369  1.00 104.29 ? 42  ILE B CA  1 
ATOM   1233 C  C   . ILE B 1 44  ? -20.549 -1.701  12.427  1.00 99.01  ? 42  ILE B C   1 
ATOM   1234 O  O   . ILE B 1 44  ? -21.729 -2.012  12.581  1.00 98.32  ? 42  ILE B O   1 
ATOM   1235 C  CB  . ILE B 1 44  ? -20.051 0.772   12.808  1.00 104.30 ? 42  ILE B CB  1 
ATOM   1236 C  CG1 . ILE B 1 44  ? -19.767 1.791   13.910  1.00 104.86 ? 42  ILE B CG1 1 
ATOM   1237 C  CG2 . ILE B 1 44  ? -21.455 1.041   12.265  1.00 105.83 ? 42  ILE B CG2 1 
ATOM   1238 C  CD1 . ILE B 1 44  ? -19.528 3.197   13.402  1.00 107.00 ? 42  ILE B CD1 1 
ATOM   1239 N  N   . ASP B 1 45  ? -19.783 -2.227  11.470  1.00 94.81  ? 43  ASP B N   1 
ATOM   1240 C  CA  . ASP B 1 45  ? -20.288 -3.267  10.564  1.00 98.21  ? 43  ASP B CA  1 
ATOM   1241 C  C   . ASP B 1 45  ? -20.836 -4.473  11.324  1.00 101.34 ? 43  ASP B C   1 
ATOM   1242 O  O   . ASP B 1 45  ? -21.887 -5.009  10.959  1.00 105.07 ? 43  ASP B O   1 
ATOM   1243 C  CB  . ASP B 1 45  ? -19.199 -3.741  9.587   1.00 98.79  ? 43  ASP B CB  1 
ATOM   1244 C  CG  . ASP B 1 45  ? -18.883 -2.717  8.506   1.00 98.46  ? 43  ASP B CG  1 
ATOM   1245 O  OD1 . ASP B 1 45  ? -19.801 -2.006  8.044   1.00 98.88  ? 43  ASP B OD1 1 
ATOM   1246 O  OD2 . ASP B 1 45  ? -17.704 -2.640  8.103   1.00 96.82  ? 43  ASP B OD2 1 
ATOM   1247 N  N   . ILE B 1 46  ? -20.129 -4.872  12.384  1.00 104.56 ? 44  ILE B N   1 
ATOM   1248 C  CA  . ILE B 1 46  ? -20.527 -6.010  13.225  1.00 100.89 ? 44  ILE B CA  1 
ATOM   1249 C  C   . ILE B 1 46  ? -21.820 -5.684  13.972  1.00 95.78  ? 44  ILE B C   1 
ATOM   1250 O  O   . ILE B 1 46  ? -22.819 -6.378  13.801  1.00 94.27  ? 44  ILE B O   1 
ATOM   1251 C  CB  . ILE B 1 46  ? -19.427 -6.410  14.251  1.00 101.88 ? 44  ILE B CB  1 
ATOM   1252 C  CG1 . ILE B 1 46  ? -18.096 -6.781  13.556  1.00 98.34  ? 44  ILE B CG1 1 
ATOM   1253 C  CG2 . ILE B 1 46  ? -19.908 -7.548  15.153  1.00 107.25 ? 44  ILE B CG2 1 
ATOM   1254 C  CD1 . ILE B 1 46  ? -18.195 -7.808  12.446  1.00 98.26  ? 44  ILE B CD1 1 
ATOM   1255 N  N   . LEU B 1 47  ? -21.799 -4.622  14.776  1.00 94.81  ? 45  LEU B N   1 
ATOM   1256 C  CA  . LEU B 1 47  ? -22.978 -4.215  15.565  1.00 99.56  ? 45  LEU B CA  1 
ATOM   1257 C  C   . LEU B 1 47  ? -24.237 -4.076  14.709  1.00 98.99  ? 45  LEU B C   1 
ATOM   1258 O  O   . LEU B 1 47  ? -25.329 -4.440  15.141  1.00 99.29  ? 45  LEU B O   1 
ATOM   1259 C  CB  . LEU B 1 47  ? -22.737 -2.892  16.308  1.00 101.74 ? 45  LEU B CB  1 
ATOM   1260 C  CG  . LEU B 1 47  ? -21.506 -2.717  17.208  1.00 104.74 ? 45  LEU B CG  1 
ATOM   1261 C  CD1 . LEU B 1 47  ? -21.801 -1.667  18.274  1.00 107.81 ? 45  LEU B CD1 1 
ATOM   1262 C  CD2 . LEU B 1 47  ? -21.051 -4.023  17.851  1.00 104.89 ? 45  LEU B CD2 1 
ATOM   1263 N  N   . ALA B 1 48  ? -24.067 -3.548  13.499  1.00 101.69 ? 46  ALA B N   1 
ATOM   1264 C  CA  . ALA B 1 48  ? -25.147 -3.471  12.524  1.00 103.09 ? 46  ALA B CA  1 
ATOM   1265 C  C   . ALA B 1 48  ? -25.604 -4.865  12.107  1.00 103.50 ? 46  ALA B C   1 
ATOM   1266 O  O   . ALA B 1 48  ? -26.734 -5.251  12.402  1.00 107.64 ? 46  ALA B O   1 
ATOM   1267 C  CB  . ALA B 1 48  ? -24.715 -2.666  11.306  1.00 106.30 ? 46  ALA B CB  1 
ATOM   1268 N  N   . ALA B 1 49  ? -24.718 -5.621  11.453  1.00 99.94  ? 47  ALA B N   1 
ATOM   1269 C  CA  . ALA B 1 49  ? -25.056 -6.951  10.917  1.00 99.49  ? 47  ALA B CA  1 
ATOM   1270 C  C   . ALA B 1 49  ? -25.613 -7.902  11.986  1.00 104.87 ? 47  ALA B C   1 
ATOM   1271 O  O   . ALA B 1 49  ? -26.582 -8.628  11.741  1.00 106.35 ? 47  ALA B O   1 
ATOM   1272 C  CB  . ALA B 1 49  ? -23.845 -7.570  10.238  1.00 95.59  ? 47  ALA B CB  1 
ATOM   1273 N  N   . GLU B 1 50  ? -24.999 -7.871  13.169  1.00 108.67 ? 48  GLU B N   1 
ATOM   1274 C  CA  . GLU B 1 50  ? -25.439 -8.660  14.325  1.00 108.69 ? 48  GLU B CA  1 
ATOM   1275 C  C   . GLU B 1 50  ? -26.865 -8.278  14.758  1.00 106.26 ? 48  GLU B C   1 
ATOM   1276 O  O   . GLU B 1 50  ? -27.692 -9.156  15.003  1.00 112.53 ? 48  GLU B O   1 
ATOM   1277 C  CB  . GLU B 1 50  ? -24.435 -8.492  15.481  1.00 111.84 ? 48  GLU B CB  1 
ATOM   1278 C  CG  . GLU B 1 50  ? -24.573 -9.480  16.637  1.00 114.00 ? 48  GLU B CG  1 
ATOM   1279 C  CD  . GLU B 1 50  ? -25.497 -9.013  17.752  1.00 116.44 ? 48  GLU B CD  1 
ATOM   1280 O  OE1 . GLU B 1 50  ? -25.527 -7.801  18.062  1.00 115.72 ? 48  GLU B OE1 1 
ATOM   1281 O  OE2 . GLU B 1 50  ? -26.190 -9.871  18.337  1.00 118.24 ? 48  GLU B OE2 1 
ATOM   1282 N  N   . TYR B 1 51  ? -27.148 -6.978  14.833  1.00 98.94  ? 49  TYR B N   1 
ATOM   1283 C  CA  . TYR B 1 51  ? -28.499 -6.485  15.147  1.00 98.13  ? 49  TYR B CA  1 
ATOM   1284 C  C   . TYR B 1 51  ? -29.547 -6.876  14.096  1.00 101.51 ? 49  TYR B C   1 
ATOM   1285 O  O   . TYR B 1 51  ? -30.692 -7.152  14.450  1.00 99.28  ? 49  TYR B O   1 
ATOM   1286 C  CB  . TYR B 1 51  ? -28.477 -4.962  15.325  1.00 93.91  ? 49  TYR B CB  1 
ATOM   1287 C  CG  . TYR B 1 51  ? -29.830 -4.284  15.454  1.00 89.91  ? 49  TYR B CG  1 
ATOM   1288 C  CD1 . TYR B 1 51  ? -30.342 -3.937  16.700  1.00 90.59  ? 49  TYR B CD1 1 
ATOM   1289 C  CD2 . TYR B 1 51  ? -30.576 -3.951  14.323  1.00 90.35  ? 49  TYR B CD2 1 
ATOM   1290 C  CE1 . TYR B 1 51  ? -31.570 -3.293  16.822  1.00 92.95  ? 49  TYR B CE1 1 
ATOM   1291 C  CE2 . TYR B 1 51  ? -31.805 -3.313  14.431  1.00 92.05  ? 49  TYR B CE2 1 
ATOM   1292 C  CZ  . TYR B 1 51  ? -32.300 -2.986  15.678  1.00 94.15  ? 49  TYR B CZ  1 
ATOM   1293 O  OH  . TYR B 1 51  ? -33.519 -2.354  15.773  1.00 94.22  ? 49  TYR B OH  1 
ATOM   1294 N  N   . ILE B 1 52  ? -29.160 -6.871  12.820  1.00 109.17 ? 50  ILE B N   1 
ATOM   1295 C  CA  . ILE B 1 52  ? -30.072 -7.203  11.710  1.00 115.83 ? 50  ILE B CA  1 
ATOM   1296 C  C   . ILE B 1 52  ? -30.524 -8.662  11.789  1.00 122.68 ? 50  ILE B C   1 
ATOM   1297 O  O   . ILE B 1 52  ? -31.725 -8.942  11.727  1.00 125.86 ? 50  ILE B O   1 
ATOM   1298 C  CB  . ILE B 1 52  ? -29.426 -6.935  10.319  1.00 115.58 ? 50  ILE B CB  1 
ATOM   1299 C  CG1 . ILE B 1 52  ? -29.237 -5.432  10.089  1.00 116.31 ? 50  ILE B CG1 1 
ATOM   1300 C  CG2 . ILE B 1 52  ? -30.273 -7.503  9.181   1.00 114.40 ? 50  ILE B CG2 1 
ATOM   1301 C  CD1 . ILE B 1 52  ? -28.239 -5.094  8.996   1.00 115.53 ? 50  ILE B CD1 1 
ATOM   1302 N  N   . SER B 1 53  ? -29.560 -9.577  11.912  1.00 126.68 ? 51  SER B N   1 
ATOM   1303 C  CA  . SER B 1 53  ? -29.847 -11.019 11.929  1.00 127.70 ? 51  SER B CA  1 
ATOM   1304 C  C   . SER B 1 53  ? -30.600 -11.450 13.191  1.00 125.96 ? 51  SER B C   1 
ATOM   1305 O  O   . SER B 1 53  ? -31.554 -12.229 13.109  1.00 128.35 ? 51  SER B O   1 
ATOM   1306 C  CB  . SER B 1 53  ? -28.560 -11.837 11.788  1.00 125.42 ? 51  SER B CB  1 
ATOM   1307 O  OG  . SER B 1 53  ? -27.793 -11.786 12.977  1.00 127.71 ? 51  SER B OG  1 
ATOM   1308 N  N   . THR B 1 54  ? -30.178 -10.927 14.343  1.00 118.93 ? 52  THR B N   1 
ATOM   1309 C  CA  . THR B 1 54  ? -30.781 -11.266 15.632  1.00 117.54 ? 52  THR B CA  1 
ATOM   1310 C  C   . THR B 1 54  ? -31.781 -10.195 16.085  1.00 117.45 ? 52  THR B C   1 
ATOM   1311 O  O   . THR B 1 54  ? -31.767 -9.778  17.245  1.00 111.06 ? 52  THR B O   1 
ATOM   1312 C  CB  . THR B 1 54  ? -29.690 -11.455 16.709  1.00 116.14 ? 52  THR B CB  1 
ATOM   1313 O  OG1 . THR B 1 54  ? -29.091 -10.191 17.022  1.00 112.50 ? 52  THR B OG1 1 
ATOM   1314 C  CG2 . THR B 1 54  ? -28.611 -12.433 16.226  1.00 113.90 ? 52  THR B CG2 1 
ATOM   1315 N  N   . VAL B 1 55  ? -32.656 -9.773  15.173  1.00 125.78 ? 53  VAL B N   1 
ATOM   1316 C  CA  . VAL B 1 55  ? -33.587 -8.666  15.435  1.00 139.03 ? 53  VAL B CA  1 
ATOM   1317 C  C   . VAL B 1 55  ? -34.859 -9.136  16.150  1.00 143.51 ? 53  VAL B C   1 
ATOM   1318 O  O   . VAL B 1 55  ? -35.327 -8.479  17.086  1.00 140.61 ? 53  VAL B O   1 
ATOM   1319 C  CB  . VAL B 1 55  ? -33.930 -7.860  14.144  1.00 141.23 ? 53  VAL B CB  1 
ATOM   1320 C  CG1 . VAL B 1 55  ? -34.855 -8.622  13.193  1.00 138.42 ? 53  VAL B CG1 1 
ATOM   1321 C  CG2 . VAL B 1 55  ? -34.530 -6.504  14.505  1.00 139.50 ? 53  VAL B CG2 1 
ATOM   1322 N  N   . LYS B 1 56  ? -35.397 -10.277 15.714  1.00 148.67 ? 54  LYS B N   1 
ATOM   1323 C  CA  . LYS B 1 56  ? -36.643 -10.822 16.267  1.00 150.48 ? 54  LYS B CA  1 
ATOM   1324 C  C   . LYS B 1 56  ? -36.512 -11.284 17.717  1.00 151.91 ? 54  LYS B C   1 
ATOM   1325 O  O   . LYS B 1 56  ? -37.503 -11.297 18.450  1.00 154.65 ? 54  LYS B O   1 
ATOM   1326 C  CB  . LYS B 1 56  ? -37.152 -11.987 15.404  1.00 151.07 ? 54  LYS B CB  1 
ATOM   1327 C  CG  . LYS B 1 56  ? -37.684 -11.565 14.044  1.00 151.86 ? 54  LYS B CG  1 
ATOM   1328 C  CD  . LYS B 1 56  ? -39.086 -10.972 14.150  1.00 154.34 ? 54  LYS B CD  1 
ATOM   1329 C  CE  . LYS B 1 56  ? -40.168 -12.040 14.174  1.00 153.36 ? 54  LYS B CE  1 
ATOM   1330 N  NZ  . LYS B 1 56  ? -40.517 -12.492 12.801  1.00 153.45 ? 54  LYS B NZ  1 
ATOM   1331 N  N   . THR B 1 57  ? -35.294 -11.633 18.132  1.00 149.03 ? 55  THR B N   1 
ATOM   1332 C  CA  . THR B 1 57  ? -35.030 -12.202 19.457  1.00 145.33 ? 55  THR B CA  1 
ATOM   1333 C  C   . THR B 1 57  ? -34.746 -11.114 20.524  1.00 142.49 ? 55  THR B C   1 
ATOM   1334 O  O   . THR B 1 57  ? -33.891 -11.301 21.397  1.00 135.00 ? 55  THR B O   1 
ATOM   1335 C  CB  . THR B 1 57  ? -33.851 -13.212 19.367  1.00 144.65 ? 55  THR B CB  1 
ATOM   1336 O  OG1 . THR B 1 57  ? -32.624 -12.518 19.107  1.00 148.80 ? 55  THR B OG1 1 
ATOM   1337 C  CG2 . THR B 1 57  ? -34.083 -14.233 18.245  1.00 136.99 ? 55  THR B CG2 1 
ATOM   1338 N  N   . LEU B 1 58  ? -35.496 -10.006 20.474  1.00 140.34 ? 56  LEU B N   1 
ATOM   1339 C  CA  . LEU B 1 58  ? -35.174 -8.795  21.237  1.00 142.76 ? 56  LEU B CA  1 
ATOM   1340 C  C   . LEU B 1 58  ? -36.416 -8.103  21.792  1.00 135.96 ? 56  LEU B C   1 
ATOM   1341 O  O   . LEU B 1 58  ? -37.386 -7.892  21.065  1.00 124.69 ? 56  LEU B O   1 
ATOM   1342 C  CB  . LEU B 1 58  ? -34.433 -7.791  20.346  1.00 151.15 ? 56  LEU B CB  1 
ATOM   1343 C  CG  . LEU B 1 58  ? -33.095 -8.179  19.711  1.00 151.39 ? 56  LEU B CG  1 
ATOM   1344 C  CD1 . LEU B 1 58  ? -32.652 -7.090  18.745  1.00 149.15 ? 56  LEU B CD1 1 
ATOM   1345 C  CD2 . LEU B 1 58  ? -32.019 -8.425  20.761  1.00 150.39 ? 56  LEU B CD2 1 
ATOM   1346 N  N   . SER B 1 59  ? -36.361 -7.733  23.072  1.00 138.53 ? 57  SER B N   1 
ATOM   1347 C  CA  . SER B 1 59  ? -37.396 -6.915  23.724  1.00 146.37 ? 57  SER B CA  1 
ATOM   1348 C  C   . SER B 1 59  ? -37.253 -5.425  23.350  1.00 158.29 ? 57  SER B C   1 
ATOM   1349 O  O   . SER B 1 59  ? -36.299 -5.058  22.658  1.00 164.24 ? 57  SER B O   1 
ATOM   1350 C  CB  . SER B 1 59  ? -37.302 -7.096  25.245  1.00 143.31 ? 57  SER B CB  1 
ATOM   1351 O  OG  . SER B 1 59  ? -36.001 -6.794  25.717  1.00 139.65 ? 57  SER B OG  1 
ATOM   1352 N  N   . PRO B 1 60  ? -38.210 -4.564  23.782  1.00 170.64 ? 58  PRO B N   1 
ATOM   1353 C  CA  . PRO B 1 60  ? -38.074 -3.102  23.608  1.00 170.94 ? 58  PRO B CA  1 
ATOM   1354 C  C   . PRO B 1 60  ? -36.817 -2.459  24.221  1.00 168.33 ? 58  PRO B C   1 
ATOM   1355 O  O   . PRO B 1 60  ? -36.242 -1.560  23.607  1.00 170.47 ? 58  PRO B O   1 
ATOM   1356 C  CB  . PRO B 1 60  ? -39.335 -2.558  24.285  1.00 169.80 ? 58  PRO B CB  1 
ATOM   1357 C  CG  . PRO B 1 60  ? -40.348 -3.622  24.055  1.00 170.22 ? 58  PRO B CG  1 
ATOM   1358 C  CD  . PRO B 1 60  ? -39.594 -4.924  24.156  1.00 171.29 ? 58  PRO B CD  1 
ATOM   1359 N  N   . ASP B 1 61  ? -36.409 -2.905  25.410  1.00 167.51 ? 59  ASP B N   1 
ATOM   1360 C  CA  . ASP B 1 61  ? -35.165 -2.422  26.042  1.00 167.17 ? 59  ASP B CA  1 
ATOM   1361 C  C   . ASP B 1 61  ? -33.892 -2.957  25.356  1.00 166.88 ? 59  ASP B C   1 
ATOM   1362 O  O   . ASP B 1 61  ? -32.880 -2.254  25.301  1.00 170.93 ? 59  ASP B O   1 
ATOM   1363 C  CB  . ASP B 1 61  ? -35.146 -2.727  27.554  1.00 168.12 ? 59  ASP B CB  1 
ATOM   1364 C  CG  . ASP B 1 61  ? -34.948 -4.210  27.869  1.00 169.83 ? 59  ASP B CG  1 
ATOM   1365 O  OD1 . ASP B 1 61  ? -33.796 -4.695  27.810  1.00 170.11 ? 59  ASP B OD1 1 
ATOM   1366 O  OD2 . ASP B 1 61  ? -35.944 -4.887  28.194  1.00 170.72 ? 59  ASP B OD2 1 
ATOM   1367 N  N   . GLN B 1 62  ? -33.944 -4.197  24.860  1.00 162.06 ? 60  GLN B N   1 
ATOM   1368 C  CA  . GLN B 1 62  ? -32.820 -4.807  24.126  1.00 156.73 ? 60  GLN B CA  1 
ATOM   1369 C  C   . GLN B 1 62  ? -32.600 -4.199  22.732  1.00 157.19 ? 60  GLN B C   1 
ATOM   1370 O  O   . GLN B 1 62  ? -31.486 -4.249  22.208  1.00 155.53 ? 60  GLN B O   1 
ATOM   1371 C  CB  . GLN B 1 62  ? -33.006 -6.323  23.995  1.00 152.29 ? 60  GLN B CB  1 
ATOM   1372 C  CG  . GLN B 1 62  ? -32.796 -7.100  25.288  1.00 146.50 ? 60  GLN B CG  1 
ATOM   1373 C  CD  . GLN B 1 62  ? -33.010 -8.595  25.111  1.00 138.81 ? 60  GLN B CD  1 
ATOM   1374 O  OE1 . GLN B 1 62  ? -33.991 -9.027  24.503  1.00 131.49 ? 60  GLN B OE1 1 
ATOM   1375 N  NE2 . GLN B 1 62  ? -32.090 -9.392  25.643  1.00 126.74 ? 60  GLN B NE2 1 
ATOM   1376 N  N   . ARG B 1 63  ? -33.661 -3.659  22.128  1.00 156.63 ? 61  ARG B N   1 
ATOM   1377 C  CA  . ARG B 1 63  ? -33.540 -2.886  20.882  1.00 151.77 ? 61  ARG B CA  1 
ATOM   1378 C  C   . ARG B 1 63  ? -32.923 -1.519  21.160  1.00 144.05 ? 61  ARG B C   1 
ATOM   1379 O  O   . ARG B 1 63  ? -31.940 -1.139  20.526  1.00 148.57 ? 61  ARG B O   1 
ATOM   1380 C  CB  . ARG B 1 63  ? -34.897 -2.718  20.174  1.00 154.08 ? 61  ARG B CB  1 
ATOM   1381 C  CG  . ARG B 1 63  ? -35.138 -3.719  19.052  1.00 158.32 ? 61  ARG B CG  1 
ATOM   1382 C  CD  . ARG B 1 63  ? -36.344 -3.338  18.201  1.00 163.28 ? 61  ARG B CD  1 
ATOM   1383 N  NE  . ARG B 1 63  ? -36.155 -3.667  16.785  1.00 166.88 ? 61  ARG B NE  1 
ATOM   1384 C  CZ  . ARG B 1 63  ? -36.965 -3.283  15.793  1.00 164.30 ? 61  ARG B CZ  1 
ATOM   1385 N  NH1 . ARG B 1 63  ? -38.055 -2.553  16.029  1.00 161.43 ? 61  ARG B NH1 1 
ATOM   1386 N  NH2 . ARG B 1 63  ? -36.683 -3.639  14.541  1.00 164.00 ? 61  ARG B NH2 1 
ATOM   1387 N  N   . VAL B 1 64  ? -33.503 -0.798  22.118  1.00 134.44 ? 62  VAL B N   1 
ATOM   1388 C  CA  . VAL B 1 64  ? -33.002 0.518   22.550  1.00 131.14 ? 62  VAL B CA  1 
ATOM   1389 C  C   . VAL B 1 64  ? -31.573 0.428   23.140  1.00 128.69 ? 62  VAL B C   1 
ATOM   1390 O  O   . VAL B 1 64  ? -30.834 1.412   23.120  1.00 133.31 ? 62  VAL B O   1 
ATOM   1391 C  CB  . VAL B 1 64  ? -34.008 1.205   23.524  1.00 130.96 ? 62  VAL B CB  1 
ATOM   1392 C  CG1 . VAL B 1 64  ? -33.430 2.462   24.174  1.00 132.96 ? 62  VAL B CG1 1 
ATOM   1393 C  CG2 . VAL B 1 64  ? -35.294 1.561   22.787  1.00 126.61 ? 62  VAL B CG2 1 
ATOM   1394 N  N   . GLU B 1 65  ? -31.193 -0.744  23.654  1.00 128.42 ? 63  GLU B N   1 
ATOM   1395 C  CA  . GLU B 1 65  ? -29.792 -1.039  24.002  1.00 130.67 ? 63  GLU B CA  1 
ATOM   1396 C  C   . GLU B 1 65  ? -28.873 -0.863  22.787  1.00 131.04 ? 63  GLU B C   1 
ATOM   1397 O  O   . GLU B 1 65  ? -27.963 -0.032  22.813  1.00 132.09 ? 63  GLU B O   1 
ATOM   1398 C  CB  . GLU B 1 65  ? -29.664 -2.462  24.603  1.00 133.37 ? 63  GLU B CB  1 
ATOM   1399 C  CG  . GLU B 1 65  ? -28.320 -3.187  24.452  1.00 133.69 ? 63  GLU B CG  1 
ATOM   1400 C  CD  . GLU B 1 65  ? -27.133 -2.430  25.029  1.00 135.35 ? 63  GLU B CD  1 
ATOM   1401 O  OE1 . GLU B 1 65  ? -26.012 -2.581  24.486  1.00 131.40 ? 63  GLU B OE1 1 
ATOM   1402 O  OE2 . GLU B 1 65  ? -27.315 -1.689  26.019  1.00 136.99 ? 63  GLU B OE2 1 
ATOM   1403 N  N   . ARG B 1 66  ? -29.135 -1.629  21.730  1.00 132.92 ? 64  ARG B N   1 
ATOM   1404 C  CA  . ARG B 1 66  ? -28.226 -1.704  20.575  1.00 136.72 ? 64  ARG B CA  1 
ATOM   1405 C  C   . ARG B 1 66  ? -28.158 -0.407  19.771  1.00 132.72 ? 64  ARG B C   1 
ATOM   1406 O  O   . ARG B 1 66  ? -27.084 -0.031  19.305  1.00 130.03 ? 64  ARG B O   1 
ATOM   1407 C  CB  . ARG B 1 66  ? -28.622 -2.839  19.627  1.00 141.76 ? 64  ARG B CB  1 
ATOM   1408 C  CG  . ARG B 1 66  ? -28.622 -4.233  20.228  1.00 145.31 ? 64  ARG B CG  1 
ATOM   1409 C  CD  . ARG B 1 66  ? -27.239 -4.714  20.631  1.00 147.37 ? 64  ARG B CD  1 
ATOM   1410 N  NE  . ARG B 1 66  ? -27.197 -6.176  20.677  1.00 148.70 ? 64  ARG B NE  1 
ATOM   1411 C  CZ  . ARG B 1 66  ? -27.761 -6.943  21.616  1.00 147.43 ? 64  ARG B CZ  1 
ATOM   1412 N  NH1 . ARG B 1 66  ? -28.431 -6.414  22.645  1.00 148.29 ? 64  ARG B NH1 1 
ATOM   1413 N  NH2 . ARG B 1 66  ? -27.654 -8.266  21.525  1.00 143.97 ? 64  ARG B NH2 1 
ATOM   1414 N  N   . LEU B 1 67  ? -29.300 0.262   19.602  1.00 128.77 ? 65  LEU B N   1 
ATOM   1415 C  CA  . LEU B 1 67  ? -29.356 1.521   18.854  1.00 125.28 ? 65  LEU B CA  1 
ATOM   1416 C  C   . LEU B 1 67  ? -28.573 2.612   19.558  1.00 124.08 ? 65  LEU B C   1 
ATOM   1417 O  O   . LEU B 1 67  ? -27.684 3.217   18.960  1.00 134.68 ? 65  LEU B O   1 
ATOM   1418 C  CB  . LEU B 1 67  ? -30.803 1.986   18.639  1.00 123.37 ? 65  LEU B CB  1 
ATOM   1419 C  CG  . LEU B 1 67  ? -31.740 1.101   17.809  1.00 121.51 ? 65  LEU B CG  1 
ATOM   1420 C  CD1 . LEU B 1 67  ? -32.996 1.888   17.454  1.00 121.15 ? 65  LEU B CD1 1 
ATOM   1421 C  CD2 . LEU B 1 67  ? -31.072 0.556   16.554  1.00 119.37 ? 65  LEU B CD2 1 
ATOM   1422 N  N   . GLN B 1 68  ? -28.882 2.840   20.831  1.00 120.50 ? 66  GLN B N   1 
ATOM   1423 C  CA  . GLN B 1 68  ? -28.143 3.815   21.638  1.00 124.10 ? 66  GLN B CA  1 
ATOM   1424 C  C   . GLN B 1 68  ? -26.655 3.452   21.777  1.00 123.95 ? 66  GLN B C   1 
ATOM   1425 O  O   . GLN B 1 68  ? -25.825 4.336   21.991  1.00 128.29 ? 66  GLN B O   1 
ATOM   1426 C  CB  . GLN B 1 68  ? -28.792 3.978   23.022  1.00 128.28 ? 66  GLN B CB  1 
ATOM   1427 C  CG  . GLN B 1 68  ? -28.262 5.133   23.870  1.00 128.20 ? 66  GLN B CG  1 
ATOM   1428 C  CD  . GLN B 1 68  ? -28.374 6.483   23.180  1.00 128.95 ? 66  GLN B CD  1 
ATOM   1429 O  OE1 . GLN B 1 68  ? -29.464 7.040   23.040  1.00 123.31 ? 66  GLN B OE1 1 
ATOM   1430 N  NE2 . GLN B 1 68  ? -27.238 7.018   22.747  1.00 132.10 ? 66  GLN B NE2 1 
ATOM   1431 N  N   . LYS B 1 69  ? -26.328 2.164   21.654  1.00 118.34 ? 67  LYS B N   1 
ATOM   1432 C  CA  . LYS B 1 69  ? -24.934 1.714   21.583  1.00 118.78 ? 67  LYS B CA  1 
ATOM   1433 C  C   . LYS B 1 69  ? -24.282 1.995   20.219  1.00 114.10 ? 67  LYS B C   1 
ATOM   1434 O  O   . LYS B 1 69  ? -23.100 2.345   20.157  1.00 113.20 ? 67  LYS B O   1 
ATOM   1435 C  CB  . LYS B 1 69  ? -24.833 0.221   21.925  1.00 124.79 ? 67  LYS B CB  1 
ATOM   1436 C  CG  . LYS B 1 69  ? -23.409 -0.318  21.900  1.00 131.70 ? 67  LYS B CG  1 
ATOM   1437 C  CD  . LYS B 1 69  ? -23.188 -1.443  22.900  1.00 131.65 ? 67  LYS B CD  1 
ATOM   1438 C  CE  . LYS B 1 69  ? -21.727 -1.861  22.936  1.00 129.53 ? 67  LYS B CE  1 
ATOM   1439 N  NZ  . LYS B 1 69  ? -21.364 -2.400  24.272  1.00 129.60 ? 67  LYS B NZ  1 
ATOM   1440 N  N   . ILE B 1 70  ? -25.042 1.815   19.139  1.00 110.44 ? 68  ILE B N   1 
ATOM   1441 C  CA  . ILE B 1 70  ? -24.553 2.095   17.777  1.00 104.77 ? 68  ILE B CA  1 
ATOM   1442 C  C   . ILE B 1 70  ? -24.411 3.603   17.550  1.00 99.90  ? 68  ILE B C   1 
ATOM   1443 O  O   . ILE B 1 70  ? -23.435 4.034   16.932  1.00 99.89  ? 68  ILE B O   1 
ATOM   1444 C  CB  . ILE B 1 70  ? -25.440 1.423   16.691  1.00 103.75 ? 68  ILE B CB  1 
ATOM   1445 C  CG1 . ILE B 1 70  ? -25.185 -0.093  16.673  1.00 104.71 ? 68  ILE B CG1 1 
ATOM   1446 C  CG2 . ILE B 1 70  ? -25.160 1.988   15.301  1.00 104.29 ? 68  ILE B CG2 1 
ATOM   1447 C  CD1 . ILE B 1 70  ? -26.244 -0.907  15.956  1.00 104.10 ? 68  ILE B CD1 1 
ATOM   1448 N  N   . GLN B 1 71  ? -25.365 4.395   18.049  1.00 94.70  ? 69  GLN B N   1 
ATOM   1449 C  CA  . GLN B 1 71  ? -25.253 5.868   18.042  1.00 96.16  ? 69  GLN B CA  1 
ATOM   1450 C  C   . GLN B 1 71  ? -23.914 6.363   18.605  1.00 101.11 ? 69  GLN B C   1 
ATOM   1451 O  O   . GLN B 1 71  ? -23.331 7.306   18.075  1.00 109.82 ? 69  GLN B O   1 
ATOM   1452 C  CB  . GLN B 1 71  ? -26.390 6.530   18.834  1.00 91.74  ? 69  GLN B CB  1 
ATOM   1453 C  CG  . GLN B 1 71  ? -27.733 6.579   18.117  1.00 90.41  ? 69  GLN B CG  1 
ATOM   1454 C  CD  . GLN B 1 71  ? -28.729 7.542   18.754  1.00 94.62  ? 69  GLN B CD  1 
ATOM   1455 O  OE1 . GLN B 1 71  ? -28.371 8.379   19.584  1.00 96.86  ? 69  GLN B OE1 1 
ATOM   1456 N  NE2 . GLN B 1 71  ? -29.992 7.429   18.358  1.00 96.70  ? 69  GLN B NE2 1 
ATOM   1457 N  N   . ASN B 1 72  ? -23.442 5.722   19.672  1.00 102.01 ? 70  ASN B N   1 
ATOM   1458 C  CA  . ASN B 1 72  ? -22.164 6.076   20.295  1.00 101.07 ? 70  ASN B CA  1 
ATOM   1459 C  C   . ASN B 1 72  ? -20.988 5.806   19.357  1.00 95.82  ? 70  ASN B C   1 
ATOM   1460 O  O   . ASN B 1 72  ? -20.077 6.630   19.254  1.00 97.10  ? 70  ASN B O   1 
ATOM   1461 C  CB  . ASN B 1 72  ? -21.964 5.317   21.618  1.00 104.02 ? 70  ASN B CB  1 
ATOM   1462 C  CG  . ASN B 1 72  ? -23.019 5.658   22.663  1.00 105.90 ? 70  ASN B CG  1 
ATOM   1463 O  OD1 . ASN B 1 72  ? -23.620 6.736   22.646  1.00 105.89 ? 70  ASN B OD1 1 
ATOM   1464 N  ND2 . ASN B 1 72  ? -23.251 4.728   23.580  1.00 106.19 ? 70  ASN B ND2 1 
ATOM   1465 N  N   . ALA B 1 73  ? -21.024 4.660   18.676  1.00 90.41  ? 71  ALA B N   1 
ATOM   1466 C  CA  . ALA B 1 73  ? -19.969 4.278   17.731  1.00 89.61  ? 71  ALA B CA  1 
ATOM   1467 C  C   . ALA B 1 73  ? -19.972 5.138   16.464  1.00 88.89  ? 71  ALA B C   1 
ATOM   1468 O  O   . ALA B 1 73  ? -18.905 5.494   15.956  1.00 88.08  ? 71  ALA B O   1 
ATOM   1469 C  CB  . ALA B 1 73  ? -20.082 2.803   17.370  1.00 89.12  ? 71  ALA B CB  1 
ATOM   1470 N  N   . TYR B 1 74  ? -21.163 5.465   15.955  1.00 87.68  ? 72  TYR B N   1 
ATOM   1471 C  CA  . TYR B 1 74  ? -21.285 6.370   14.801  1.00 86.55  ? 72  TYR B CA  1 
ATOM   1472 C  C   . TYR B 1 74  ? -20.786 7.773   15.140  1.00 87.14  ? 72  TYR B C   1 
ATOM   1473 O  O   . TYR B 1 74  ? -20.048 8.373   14.358  1.00 89.93  ? 72  TYR B O   1 
ATOM   1474 C  CB  . TYR B 1 74  ? -22.732 6.445   14.267  1.00 85.97  ? 72  TYR B CB  1 
ATOM   1475 C  CG  . TYR B 1 74  ? -23.063 5.436   13.176  1.00 86.03  ? 72  TYR B CG  1 
ATOM   1476 C  CD1 . TYR B 1 74  ? -22.277 5.331   12.028  1.00 86.89  ? 72  TYR B CD1 1 
ATOM   1477 C  CD2 . TYR B 1 74  ? -24.184 4.609   13.276  1.00 87.20  ? 72  TYR B CD2 1 
ATOM   1478 C  CE1 . TYR B 1 74  ? -22.578 4.417   11.030  1.00 88.74  ? 72  TYR B CE1 1 
ATOM   1479 C  CE2 . TYR B 1 74  ? -24.494 3.692   12.278  1.00 86.79  ? 72  TYR B CE2 1 
ATOM   1480 C  CZ  . TYR B 1 74  ? -23.689 3.603   11.158  1.00 88.10  ? 72  TYR B CZ  1 
ATOM   1481 O  OH  . TYR B 1 74  ? -23.982 2.703   10.164  1.00 90.37  ? 72  TYR B OH  1 
ATOM   1482 N  N   . SER B 1 75  ? -21.191 8.285   16.302  1.00 87.45  ? 73  SER B N   1 
ATOM   1483 C  CA  . SER B 1 75  ? -20.731 9.589   16.786  1.00 87.90  ? 73  SER B CA  1 
ATOM   1484 C  C   . SER B 1 75  ? -19.217 9.636   16.974  1.00 91.39  ? 73  SER B C   1 
ATOM   1485 O  O   . SER B 1 75  ? -18.578 10.644  16.656  1.00 96.33  ? 73  SER B O   1 
ATOM   1486 C  CB  . SER B 1 75  ? -21.409 9.947   18.108  1.00 86.93  ? 73  SER B CB  1 
ATOM   1487 O  OG  . SER B 1 75  ? -21.139 11.289  18.465  1.00 88.29  ? 73  SER B OG  1 
ATOM   1488 N  N   . LYS B 1 76  ? -18.650 8.549   17.491  1.00 89.45  ? 74  LYS B N   1 
ATOM   1489 C  CA  . LYS B 1 76  ? -17.211 8.464   17.702  1.00 91.80  ? 74  LYS B CA  1 
ATOM   1490 C  C   . LYS B 1 76  ? -16.466 8.393   16.377  1.00 89.48  ? 74  LYS B C   1 
ATOM   1491 O  O   . LYS B 1 76  ? -15.459 9.068   16.194  1.00 90.77  ? 74  LYS B O   1 
ATOM   1492 C  CB  . LYS B 1 76  ? -16.864 7.251   18.569  1.00 96.51  ? 74  LYS B CB  1 
ATOM   1493 C  CG  . LYS B 1 76  ? -15.408 7.165   19.009  1.00 100.09 ? 74  LYS B CG  1 
ATOM   1494 C  CD  . LYS B 1 76  ? -15.046 8.244   20.019  1.00 103.77 ? 74  LYS B CD  1 
ATOM   1495 C  CE  . LYS B 1 76  ? -13.540 8.367   20.161  1.00 110.79 ? 74  LYS B CE  1 
ATOM   1496 N  NZ  . LYS B 1 76  ? -13.169 9.407   21.154  1.00 117.02 ? 74  LYS B NZ  1 
ATOM   1497 N  N   . CYS B 1 77  ? -16.961 7.567   15.461  1.00 90.45  ? 75  CYS B N   1 
ATOM   1498 C  CA  . CYS B 1 77  ? -16.371 7.451   14.123  1.00 91.18  ? 75  CYS B CA  1 
ATOM   1499 C  C   . CYS B 1 77  ? -16.371 8.798   13.391  1.00 89.56  ? 75  CYS B C   1 
ATOM   1500 O  O   . CYS B 1 77  ? -15.436 9.104   12.655  1.00 92.46  ? 75  CYS B O   1 
ATOM   1501 C  CB  . CYS B 1 77  ? -17.119 6.402   13.293  1.00 92.35  ? 75  CYS B CB  1 
ATOM   1502 S  SG  . CYS B 1 77  ? -16.317 5.950   11.737  1.00 92.73  ? 75  CYS B SG  1 
ATOM   1503 N  N   . LYS B 1 78  ? -17.417 9.595   13.615  1.00 87.49  ? 76  LYS B N   1 
ATOM   1504 C  CA  . LYS B 1 78  ? -17.540 10.926  13.018  1.00 84.57  ? 76  LYS B CA  1 
ATOM   1505 C  C   . LYS B 1 78  ? -16.481 11.904  13.543  1.00 87.46  ? 76  LYS B C   1 
ATOM   1506 O  O   . LYS B 1 78  ? -15.943 12.691  12.767  1.00 87.14  ? 76  LYS B O   1 
ATOM   1507 C  CB  . LYS B 1 78  ? -18.948 11.488  13.261  1.00 79.97  ? 76  LYS B CB  1 
ATOM   1508 C  CG  . LYS B 1 78  ? -19.292 12.743  12.479  1.00 79.11  ? 76  LYS B CG  1 
ATOM   1509 C  CD  . LYS B 1 78  ? -19.191 12.524  10.976  1.00 80.48  ? 76  LYS B CD  1 
ATOM   1510 C  CE  . LYS B 1 78  ? -19.977 13.558  10.176  1.00 83.62  ? 76  LYS B CE  1 
ATOM   1511 N  NZ  . LYS B 1 78  ? -19.407 14.934  10.235  1.00 85.83  ? 76  LYS B NZ  1 
ATOM   1512 N  N   . GLU B 1 79  ? -16.188 11.858  14.846  1.00 91.73  ? 77  GLU B N   1 
ATOM   1513 C  CA  . GLU B 1 79  ? -15.109 12.669  15.424  1.00 90.55  ? 77  GLU B CA  1 
ATOM   1514 C  C   . GLU B 1 79  ? -13.822 12.447  14.653  1.00 86.56  ? 77  GLU B C   1 
ATOM   1515 O  O   . GLU B 1 79  ? -13.192 13.405  14.220  1.00 89.51  ? 77  GLU B O   1 
ATOM   1516 C  CB  . GLU B 1 79  ? -14.860 12.325  16.892  1.00 95.84  ? 77  GLU B CB  1 
ATOM   1517 C  CG  . GLU B 1 79  ? -15.932 12.803  17.849  1.00 101.27 ? 77  GLU B CG  1 
ATOM   1518 C  CD  . GLU B 1 79  ? -15.554 12.590  19.305  1.00 106.67 ? 77  GLU B CD  1 
ATOM   1519 O  OE1 . GLU B 1 79  ? -16.086 13.327  20.163  1.00 108.34 ? 77  GLU B OE1 1 
ATOM   1520 O  OE2 . GLU B 1 79  ? -14.728 11.693  19.594  1.00 108.81 ? 77  GLU B OE2 1 
ATOM   1521 N  N   . TYR B 1 80  ? -13.458 11.177  14.477  1.00 82.68  ? 78  TYR B N   1 
ATOM   1522 C  CA  . TYR B 1 80  ? -12.271 10.807  13.712  1.00 85.74  ? 78  TYR B CA  1 
ATOM   1523 C  C   . TYR B 1 80  ? -12.328 11.356  12.278  1.00 84.73  ? 78  TYR B C   1 
ATOM   1524 O  O   . TYR B 1 80  ? -11.367 11.972  11.808  1.00 83.34  ? 78  TYR B O   1 
ATOM   1525 C  CB  . TYR B 1 80  ? -12.083 9.282   13.667  1.00 91.56  ? 78  TYR B CB  1 
ATOM   1526 C  CG  . TYR B 1 80  ? -11.902 8.572   15.006  1.00 98.94  ? 78  TYR B CG  1 
ATOM   1527 C  CD1 . TYR B 1 80  ? -11.239 9.181   16.078  1.00 103.69 ? 78  TYR B CD1 1 
ATOM   1528 C  CD2 . TYR B 1 80  ? -12.362 7.262   15.185  1.00 102.50 ? 78  TYR B CD2 1 
ATOM   1529 C  CE1 . TYR B 1 80  ? -11.066 8.518   17.288  1.00 106.25 ? 78  TYR B CE1 1 
ATOM   1530 C  CE2 . TYR B 1 80  ? -12.189 6.594   16.391  1.00 103.34 ? 78  TYR B CE2 1 
ATOM   1531 C  CZ  . TYR B 1 80  ? -11.541 7.225   17.440  1.00 105.69 ? 78  TYR B CZ  1 
ATOM   1532 O  OH  . TYR B 1 80  ? -11.365 6.579   18.644  1.00 104.96 ? 78  TYR B OH  1 
ATOM   1533 N  N   . SER B 1 81  ? -13.458 11.140  11.602  1.00 81.47  ? 79  SER B N   1 
ATOM   1534 C  CA  . SER B 1 81  ? -13.662 11.618  10.225  1.00 79.92  ? 79  SER B CA  1 
ATOM   1535 C  C   . SER B 1 81  ? -13.497 13.126  10.086  1.00 80.13  ? 79  SER B C   1 
ATOM   1536 O  O   . SER B 1 81  ? -12.835 13.596  9.158   1.00 80.64  ? 79  SER B O   1 
ATOM   1537 C  CB  . SER B 1 81  ? -15.046 11.222  9.719   1.00 80.42  ? 79  SER B CB  1 
ATOM   1538 O  OG  . SER B 1 81  ? -15.134 9.817   9.587   1.00 83.47  ? 79  SER B OG  1 
ATOM   1539 N  N   . ASP B 1 82  ? -14.101 13.864  11.016  1.00 80.08  ? 80  ASP B N   1 
ATOM   1540 C  CA  . ASP B 1 82  ? -13.992 15.324  11.068  1.00 76.96  ? 80  ASP B CA  1 
ATOM   1541 C  C   . ASP B 1 82  ? -12.571 15.793  11.372  1.00 76.82  ? 80  ASP B C   1 
ATOM   1542 O  O   . ASP B 1 82  ? -12.106 16.767  10.782  1.00 77.39  ? 80  ASP B O   1 
ATOM   1543 C  CB  . ASP B 1 82  ? -14.956 15.901  12.112  1.00 77.69  ? 80  ASP B CB  1 
ATOM   1544 C  CG  . ASP B 1 82  ? -16.417 15.671  11.757  1.00 80.10  ? 80  ASP B CG  1 
ATOM   1545 O  OD1 . ASP B 1 82  ? -16.676 15.007  10.728  1.00 81.33  ? 80  ASP B OD1 1 
ATOM   1546 O  OD2 . ASP B 1 82  ? -17.305 16.145  12.512  1.00 80.53  ? 80  ASP B OD2 1 
ATOM   1547 N  N   . ASP B 1 83  ? -11.893 15.109  12.291  1.00 75.91  ? 81  ASP B N   1 
ATOM   1548 C  CA  . ASP B 1 83  ? -10.498 15.418  12.602  1.00 79.85  ? 81  ASP B CA  1 
ATOM   1549 C  C   . ASP B 1 83  ? -9.614  15.253  11.372  1.00 80.30  ? 81  ASP B C   1 
ATOM   1550 O  O   . ASP B 1 83  ? -8.801  16.129  11.070  1.00 83.79  ? 81  ASP B O   1 
ATOM   1551 C  CB  . ASP B 1 83  ? -9.964  14.541  13.746  1.00 83.16  ? 81  ASP B CB  1 
ATOM   1552 C  CG  . ASP B 1 83  ? -10.541 14.922  15.112  1.00 87.39  ? 81  ASP B CG  1 
ATOM   1553 O  OD1 . ASP B 1 83  ? -11.346 15.880  15.209  1.00 86.98  ? 81  ASP B OD1 1 
ATOM   1554 O  OD2 . ASP B 1 83  ? -10.185 14.240  16.098  1.00 90.81  ? 81  ASP B OD2 1 
ATOM   1555 N  N   . LYS B 1 84  ? -9.786  14.138  10.665  1.00 80.91  ? 82  LYS B N   1 
ATOM   1556 C  CA  . LYS B 1 84  ? -9.018  13.850  9.447   1.00 79.32  ? 82  LYS B CA  1 
ATOM   1557 C  C   . LYS B 1 84  ? -9.153  14.962  8.412   1.00 77.48  ? 82  LYS B C   1 
ATOM   1558 O  O   . LYS B 1 84  ? -8.155  15.410  7.846   1.00 78.87  ? 82  LYS B O   1 
ATOM   1559 C  CB  . LYS B 1 84  ? -9.470  12.519  8.837   1.00 80.99  ? 82  LYS B CB  1 
ATOM   1560 C  CG  . LYS B 1 84  ? -8.833  12.142  7.506   1.00 79.76  ? 82  LYS B CG  1 
ATOM   1561 C  CD  . LYS B 1 84  ? -7.331  11.945  7.612   1.00 77.47  ? 82  LYS B CD  1 
ATOM   1562 C  CE  . LYS B 1 84  ? -6.719  11.692  6.246   1.00 80.51  ? 82  LYS B CE  1 
ATOM   1563 N  NZ  . LYS B 1 84  ? -7.359  10.583  5.489   1.00 81.77  ? 82  LYS B NZ  1 
ATOM   1564 N  N   . VAL B 1 85  ? -10.384 15.403  8.179   1.00 74.66  ? 83  VAL B N   1 
ATOM   1565 C  CA  . VAL B 1 85  ? -10.655 16.481  7.226   1.00 73.75  ? 83  VAL B CA  1 
ATOM   1566 C  C   . VAL B 1 85  ? -9.896  17.763  7.602   1.00 75.44  ? 83  VAL B C   1 
ATOM   1567 O  O   . VAL B 1 85  ? -9.383  18.452  6.721   1.00 78.40  ? 83  VAL B O   1 
ATOM   1568 C  CB  . VAL B 1 85  ? -12.174 16.755  7.084   1.00 70.04  ? 83  VAL B CB  1 
ATOM   1569 C  CG1 . VAL B 1 85  ? -12.442 18.010  6.262   1.00 70.21  ? 83  VAL B CG1 1 
ATOM   1570 C  CG2 . VAL B 1 85  ? -12.875 15.559  6.446   1.00 71.00  ? 83  VAL B CG2 1 
ATOM   1571 N  N   . GLN B 1 86  ? -9.821  18.071  8.898   1.00 76.66  ? 84  GLN B N   1 
ATOM   1572 C  CA  . GLN B 1 86  ? -9.069  19.236  9.368   1.00 77.83  ? 84  GLN B CA  1 
ATOM   1573 C  C   . GLN B 1 86  ? -7.578  19.021  9.217   1.00 76.63  ? 84  GLN B C   1 
ATOM   1574 O  O   . GLN B 1 86  ? -6.880  19.863  8.653   1.00 82.95  ? 84  GLN B O   1 
ATOM   1575 C  CB  . GLN B 1 86  ? -9.421  19.584  10.822  1.00 81.03  ? 84  GLN B CB  1 
ATOM   1576 C  CG  . GLN B 1 86  ? -10.854 20.071  10.998  1.00 84.28  ? 84  GLN B CG  1 
ATOM   1577 C  CD  . GLN B 1 86  ? -11.186 21.225  10.067  1.00 87.65  ? 84  GLN B CD  1 
ATOM   1578 O  OE1 . GLN B 1 86  ? -10.567 22.284  10.147  1.00 95.67  ? 84  GLN B OE1 1 
ATOM   1579 N  NE2 . GLN B 1 86  ? -12.140 21.016  9.159   1.00 85.08  ? 84  GLN B NE2 1 
ATOM   1580 N  N   . LEU B 1 87  ? -7.094  17.882  9.692   1.00 75.21  ? 85  LEU B N   1 
ATOM   1581 C  CA  . LEU B 1 87  ? -5.688  17.532  9.525   1.00 75.62  ? 85  LEU B CA  1 
ATOM   1582 C  C   . LEU B 1 87  ? -5.270  17.448  8.046   1.00 77.90  ? 85  LEU B C   1 
ATOM   1583 O  O   . LEU B 1 87  ? -4.125  17.737  7.717   1.00 83.53  ? 85  LEU B O   1 
ATOM   1584 C  CB  . LEU B 1 87  ? -5.380  16.221  10.248  1.00 74.95  ? 85  LEU B CB  1 
ATOM   1585 C  CG  . LEU B 1 87  ? -3.918  15.778  10.319  1.00 76.84  ? 85  LEU B CG  1 
ATOM   1586 C  CD1 . LEU B 1 87  ? -2.997  16.882  10.824  1.00 76.93  ? 85  LEU B CD1 1 
ATOM   1587 C  CD2 . LEU B 1 87  ? -3.811  14.542  11.201  1.00 77.75  ? 85  LEU B CD2 1 
ATOM   1588 N  N   . ALA B 1 88  ? -6.195  17.073  7.161   1.00 78.50  ? 86  ALA B N   1 
ATOM   1589 C  CA  . ALA B 1 88  ? -5.919  17.030  5.724   1.00 79.32  ? 86  ALA B CA  1 
ATOM   1590 C  C   . ALA B 1 88  ? -5.684  18.425  5.150   1.00 81.34  ? 86  ALA B C   1 
ATOM   1591 O  O   . ALA B 1 88  ? -4.674  18.650  4.494   1.00 83.07  ? 86  ALA B O   1 
ATOM   1592 C  CB  . ALA B 1 88  ? -7.049  16.338  4.979   1.00 79.35  ? 86  ALA B CB  1 
ATOM   1593 N  N   . MET B 1 89  ? -6.613  19.350  5.410   1.00 86.16  ? 87  MET B N   1 
ATOM   1594 C  CA  . MET B 1 89  ? -6.506  20.748  4.940   1.00 88.56  ? 87  MET B CA  1 
ATOM   1595 C  C   . MET B 1 89  ? -5.237  21.437  5.404   1.00 86.67  ? 87  MET B C   1 
ATOM   1596 O  O   . MET B 1 89  ? -4.616  22.175  4.634   1.00 82.07  ? 87  MET B O   1 
ATOM   1597 C  CB  . MET B 1 89  ? -7.687  21.586  5.417   1.00 93.34  ? 87  MET B CB  1 
ATOM   1598 C  CG  . MET B 1 89  ? -8.969  21.339  4.656   1.00 100.85 ? 87  MET B CG  1 
ATOM   1599 S  SD  . MET B 1 89  ? -10.171 22.639  4.965   1.00 111.73 ? 87  MET B SD  1 
ATOM   1600 C  CE  . MET B 1 89  ? -10.517 22.407  6.711   1.00 107.81 ? 87  MET B CE  1 
ATOM   1601 N  N   . GLN B 1 90  ? -4.873  21.206  6.665   1.00 86.42  ? 88  GLN B N   1 
ATOM   1602 C  CA  . GLN B 1 90  ? -3.623  21.717  7.220   1.00 90.34  ? 88  GLN B CA  1 
ATOM   1603 C  C   . GLN B 1 90  ? -2.444  21.202  6.407   1.00 88.88  ? 88  GLN B C   1 
ATOM   1604 O  O   . GLN B 1 90  ? -1.562  21.973  6.028   1.00 92.74  ? 88  GLN B O   1 
ATOM   1605 C  CB  . GLN B 1 90  ? -3.458  21.303  8.686   1.00 94.48  ? 88  GLN B CB  1 
ATOM   1606 C  CG  . GLN B 1 90  ? -4.436  21.974  9.643   1.00 99.65  ? 88  GLN B CG  1 
ATOM   1607 C  CD  . GLN B 1 90  ? -4.495  21.297  11.003  1.00 105.37 ? 88  GLN B CD  1 
ATOM   1608 O  OE1 . GLN B 1 90  ? -5.557  21.228  11.629  1.00 105.93 ? 88  GLN B OE1 1 
ATOM   1609 N  NE2 . GLN B 1 90  ? -3.353  20.789  11.468  1.00 109.97 ? 88  GLN B NE2 1 
ATOM   1610 N  N   . THR B 1 91  ? -2.457  19.898  6.135   1.00 85.34  ? 89  THR B N   1 
ATOM   1611 C  CA  . THR B 1 91  ? -1.400  19.245  5.370   1.00 82.44  ? 89  THR B CA  1 
ATOM   1612 C  C   . THR B 1 91  ? -1.323  19.753  3.920   1.00 83.72  ? 89  THR B C   1 
ATOM   1613 O  O   . THR B 1 91  ? -0.225  19.874  3.373   1.00 85.43  ? 89  THR B O   1 
ATOM   1614 C  CB  . THR B 1 91  ? -1.566  17.707  5.381   1.00 78.26  ? 89  THR B CB  1 
ATOM   1615 O  OG1 . THR B 1 91  ? -1.740  17.253  6.725   1.00 74.39  ? 89  THR B OG1 1 
ATOM   1616 C  CG2 . THR B 1 91  ? -0.349  17.017  4.795   1.00 78.89  ? 89  THR B CG2 1 
ATOM   1617 N  N   . TYR B 1 92  ? -2.465  20.071  3.308   1.00 80.65  ? 90  TYR B N   1 
ATOM   1618 C  CA  . TYR B 1 92  ? -2.472  20.533  1.915   1.00 82.21  ? 90  TYR B CA  1 
ATOM   1619 C  C   . TYR B 1 92  ? -1.621  21.778  1.689   1.00 83.83  ? 90  TYR B C   1 
ATOM   1620 O  O   . TYR B 1 92  ? -1.006  21.924  0.635   1.00 84.57  ? 90  TYR B O   1 
ATOM   1621 C  CB  . TYR B 1 92  ? -3.887  20.801  1.412   1.00 84.03  ? 90  TYR B CB  1 
ATOM   1622 C  CG  . TYR B 1 92  ? -3.899  21.179  -0.048  1.00 86.56  ? 90  TYR B CG  1 
ATOM   1623 C  CD1 . TYR B 1 92  ? -3.822  20.202  -1.034  1.00 90.76  ? 90  TYR B CD1 1 
ATOM   1624 C  CD2 . TYR B 1 92  ? -3.933  22.515  -0.448  1.00 86.41  ? 90  TYR B CD2 1 
ATOM   1625 C  CE1 . TYR B 1 92  ? -3.811  20.539  -2.381  1.00 91.29  ? 90  TYR B CE1 1 
ATOM   1626 C  CE2 . TYR B 1 92  ? -3.919  22.861  -1.790  1.00 87.07  ? 90  TYR B CE2 1 
ATOM   1627 C  CZ  . TYR B 1 92  ? -3.860  21.867  -2.750  1.00 89.60  ? 90  TYR B CZ  1 
ATOM   1628 O  OH  . TYR B 1 92  ? -3.850  22.189  -4.080  1.00 94.99  ? 90  TYR B OH  1 
ATOM   1629 N  N   . GLU B 1 93  ? -1.602  22.671  2.671   1.00 89.98  ? 91  GLU B N   1 
ATOM   1630 C  CA  . GLU B 1 93  ? -0.758  23.869  2.612   1.00 91.79  ? 91  GLU B CA  1 
ATOM   1631 C  C   . GLU B 1 93  ? 0.724   23.478  2.600   1.00 87.99  ? 91  GLU B C   1 
ATOM   1632 O  O   . GLU B 1 93  ? 1.507   24.058  1.850   1.00 89.04  ? 91  GLU B O   1 
ATOM   1633 C  CB  . GLU B 1 93  ? -1.054  24.814  3.792   1.00 95.88  ? 91  GLU B CB  1 
ATOM   1634 C  CG  . GLU B 1 93  ? -2.489  25.340  3.867   1.00 97.19  ? 91  GLU B CG  1 
ATOM   1635 C  CD  . GLU B 1 93  ? -2.892  26.140  2.639   1.00 101.32 ? 91  GLU B CD  1 
ATOM   1636 O  OE1 . GLU B 1 93  ? -3.667  25.614  1.807   1.00 99.99  ? 91  GLU B OE1 1 
ATOM   1637 O  OE2 . GLU B 1 93  ? -2.420  27.290  2.500   1.00 103.74 ? 91  GLU B OE2 1 
ATOM   1638 N  N   . MET B 1 94  ? 1.086   22.478  3.405   1.00 83.53  ? 92  MET B N   1 
ATOM   1639 C  CA  . MET B 1 94  ? 2.466   21.978  3.490   1.00 81.85  ? 92  MET B CA  1 
ATOM   1640 C  C   . MET B 1 94  ? 2.928   21.325  2.187   1.00 79.22  ? 92  MET B C   1 
ATOM   1641 O  O   . MET B 1 94  ? 4.089   21.460  1.795   1.00 76.74  ? 92  MET B O   1 
ATOM   1642 C  CB  . MET B 1 94  ? 2.613   20.956  4.623   1.00 82.24  ? 92  MET B CB  1 
ATOM   1643 C  CG  . MET B 1 94  ? 2.272   21.464  6.010   1.00 84.27  ? 92  MET B CG  1 
ATOM   1644 S  SD  . MET B 1 94  ? 2.405   20.148  7.226   1.00 90.47  ? 92  MET B SD  1 
ATOM   1645 C  CE  . MET B 1 94  ? 1.727   20.966  8.664   1.00 94.65  ? 92  MET B CE  1 
ATOM   1646 N  N   . VAL B 1 95  ? 2.016   20.606  1.539   1.00 77.47  ? 93  VAL B N   1 
ATOM   1647 C  CA  . VAL B 1 95  ? 2.298   19.928  0.269   1.00 76.65  ? 93  VAL B CA  1 
ATOM   1648 C  C   . VAL B 1 95  ? 2.517   20.963  -0.839  1.00 78.03  ? 93  VAL B C   1 
ATOM   1649 O  O   . VAL B 1 95  ? 3.462   20.851  -1.622  1.00 78.52  ? 93  VAL B O   1 
ATOM   1650 C  CB  . VAL B 1 95  ? 1.157   18.939  -0.100  1.00 74.19  ? 93  VAL B CB  1 
ATOM   1651 C  CG1 . VAL B 1 95  ? 1.301   18.405  -1.524  1.00 71.70  ? 93  VAL B CG1 1 
ATOM   1652 C  CG2 . VAL B 1 95  ? 1.116   17.787  0.902   1.00 72.91  ? 93  VAL B CG2 1 
ATOM   1653 N  N   . ASP B 1 96  ? 1.639   21.964  -0.879  1.00 80.41  ? 94  ASP B N   1 
ATOM   1654 C  CA  . ASP B 1 96  ? 1.729   23.085  -1.824  1.00 81.18  ? 94  ASP B CA  1 
ATOM   1655 C  C   . ASP B 1 96  ? 3.004   23.913  -1.631  1.00 82.20  ? 94  ASP B C   1 
ATOM   1656 O  O   . ASP B 1 96  ? 3.568   24.407  -2.599  1.00 79.19  ? 94  ASP B O   1 
ATOM   1657 C  CB  . ASP B 1 96  ? 0.490   23.972  -1.668  1.00 83.22  ? 94  ASP B CB  1 
ATOM   1658 C  CG  . ASP B 1 96  ? 0.399   25.050  -2.716  1.00 82.04  ? 94  ASP B CG  1 
ATOM   1659 O  OD1 . ASP B 1 96  ? -0.234  24.816  -3.767  1.00 82.24  ? 94  ASP B OD1 1 
ATOM   1660 O  OD2 . ASP B 1 96  ? 0.966   26.138  -2.496  1.00 84.12  ? 94  ASP B OD2 1 
ATOM   1661 N  N   . LYS B 1 97  ? 3.431   24.067  -0.377  1.00 86.87  ? 95  LYS B N   1 
ATOM   1662 C  CA  . LYS B 1 97  ? 4.705   24.721  -0.032  1.00 90.71  ? 95  LYS B CA  1 
ATOM   1663 C  C   . LYS B 1 97  ? 5.878   23.927  -0.608  1.00 88.46  ? 95  LYS B C   1 
ATOM   1664 O  O   . LYS B 1 97  ? 6.766   24.488  -1.250  1.00 89.41  ? 95  LYS B O   1 
ATOM   1665 C  CB  . LYS B 1 97  ? 4.875   24.824  1.505   1.00 98.37  ? 95  LYS B CB  1 
ATOM   1666 C  CG  . LYS B 1 97  ? 5.153   26.222  2.046   1.00 103.04 ? 95  LYS B CG  1 
ATOM   1667 C  CD  . LYS B 1 97  ? 6.613   26.639  1.924   1.00 104.42 ? 95  LYS B CD  1 
ATOM   1668 C  CE  . LYS B 1 97  ? 6.772   28.112  2.274   1.00 102.03 ? 95  LYS B CE  1 
ATOM   1669 N  NZ  . LYS B 1 97  ? 8.181   28.532  2.481   1.00 102.33 ? 95  LYS B NZ  1 
ATOM   1670 N  N   . HIS B 1 98  ? 5.857   22.620  -0.355  1.00 85.94  ? 96  HIS B N   1 
ATOM   1671 C  CA  . HIS B 1 98  ? 6.924   21.704  -0.751  1.00 84.41  ? 96  HIS B CA  1 
ATOM   1672 C  C   . HIS B 1 98  ? 7.077   21.620  -2.268  1.00 80.64  ? 96  HIS B C   1 
ATOM   1673 O  O   . HIS B 1 98  ? 8.182   21.800  -2.777  1.00 79.40  ? 96  HIS B O   1 
ATOM   1674 C  CB  . HIS B 1 98  ? 6.660   20.314  -0.151  1.00 88.86  ? 96  HIS B CB  1 
ATOM   1675 C  CG  . HIS B 1 98  ? 7.640   19.263  -0.574  1.00 89.39  ? 96  HIS B CG  1 
ATOM   1676 N  ND1 . HIS B 1 98  ? 8.958   19.266  -0.175  1.00 90.51  ? 96  HIS B ND1 1 
ATOM   1677 C  CD2 . HIS B 1 98  ? 7.484   18.163  -1.350  1.00 89.04  ? 96  HIS B CD2 1 
ATOM   1678 C  CE1 . HIS B 1 98  ? 9.575   18.219  -0.695  1.00 93.47  ? 96  HIS B CE1 1 
ATOM   1679 N  NE2 . HIS B 1 98  ? 8.702   17.533  -1.411  1.00 89.30  ? 96  HIS B NE2 1 
ATOM   1680 N  N   . ILE B 1 99  ? 5.975   21.360  -2.976  1.00 77.62  ? 97  ILE B N   1 
ATOM   1681 C  CA  . ILE B 1 99  ? 5.987   21.251  -4.449  1.00 76.84  ? 97  ILE B CA  1 
ATOM   1682 C  C   . ILE B 1 99  ? 6.504   22.525  -5.120  1.00 78.31  ? 97  ILE B C   1 
ATOM   1683 O  O   . ILE B 1 99  ? 7.223   22.446  -6.108  1.00 80.41  ? 97  ILE B O   1 
ATOM   1684 C  CB  . ILE B 1 99  ? 4.592   20.881  -5.024  1.00 77.46  ? 97  ILE B CB  1 
ATOM   1685 C  CG1 . ILE B 1 99  ? 4.254   19.424  -4.680  1.00 79.74  ? 97  ILE B CG1 1 
ATOM   1686 C  CG2 . ILE B 1 99  ? 4.533   21.082  -6.540  1.00 76.83  ? 97  ILE B CG2 1 
ATOM   1687 C  CD1 . ILE B 1 99  ? 2.898   18.946  -5.174  1.00 78.66  ? 97  ILE B CD1 1 
ATOM   1688 N  N   . ARG B 1 100 ? 6.134   23.689  -4.593  1.00 82.75  ? 98  ARG B N   1 
ATOM   1689 C  CA  . ARG B 1 100 ? 6.623   24.964  -5.126  1.00 82.88  ? 98  ARG B CA  1 
ATOM   1690 C  C   . ARG B 1 100 ? 8.147   25.081  -5.028  1.00 83.31  ? 98  ARG B C   1 
ATOM   1691 O  O   . ARG B 1 100 ? 8.801   25.396  -6.025  1.00 80.49  ? 98  ARG B O   1 
ATOM   1692 C  CB  . ARG B 1 100 ? 5.936   26.158  -4.444  1.00 86.23  ? 98  ARG B CB  1 
ATOM   1693 C  CG  . ARG B 1 100 ? 4.551   26.465  -5.003  1.00 86.26  ? 98  ARG B CG  1 
ATOM   1694 C  CD  . ARG B 1 100 ? 3.853   27.587  -4.241  1.00 87.09  ? 98  ARG B CD  1 
ATOM   1695 N  NE  . ARG B 1 100 ? 2.956   28.346  -5.117  1.00 89.48  ? 98  ARG B NE  1 
ATOM   1696 C  CZ  . ARG B 1 100 ? 1.746   27.956  -5.529  1.00 88.42  ? 98  ARG B CZ  1 
ATOM   1697 N  NH1 . ARG B 1 100 ? 1.230   26.795  -5.152  1.00 91.08  ? 98  ARG B NH1 1 
ATOM   1698 N  NH2 . ARG B 1 100 ? 1.037   28.738  -6.337  1.00 89.50  ? 98  ARG B NH2 1 
ATOM   1699 N  N   . ARG B 1 101 ? 8.705   24.806  -3.847  1.00 86.94  ? 99  ARG B N   1 
ATOM   1700 C  CA  . ARG B 1 101 ? 10.164  24.848  -3.655  1.00 95.34  ? 99  ARG B CA  1 
ATOM   1701 C  C   . ARG B 1 101 ? 10.860  23.751  -4.442  1.00 93.13  ? 99  ARG B C   1 
ATOM   1702 O  O   . ARG B 1 101 ? 11.882  23.993  -5.084  1.00 100.03 ? 99  ARG B O   1 
ATOM   1703 C  CB  . ARG B 1 101 ? 10.550  24.723  -2.178  1.00 103.41 ? 99  ARG B CB  1 
ATOM   1704 C  CG  . ARG B 1 101 ? 11.998  25.127  -1.879  1.00 111.79 ? 99  ARG B CG  1 
ATOM   1705 C  CD  . ARG B 1 101 ? 12.489  24.617  -0.527  1.00 119.50 ? 99  ARG B CD  1 
ATOM   1706 N  NE  . ARG B 1 101 ? 11.427  24.575  0.486   1.00 126.19 ? 99  ARG B NE  1 
ATOM   1707 C  CZ  . ARG B 1 101 ? 10.894  25.635  1.105   1.00 127.15 ? 99  ARG B CZ  1 
ATOM   1708 N  NH1 . ARG B 1 101 ? 11.307  26.879  0.847   1.00 127.07 ? 99  ARG B NH1 1 
ATOM   1709 N  NH2 . ARG B 1 101 ? 9.926   25.446  2.000   1.00 127.93 ? 99  ARG B NH2 1 
ATOM   1710 N  N   . LEU B 1 102 ? 10.306  22.548  -4.371  1.00 88.52  ? 100 LEU B N   1 
ATOM   1711 C  CA  . LEU B 1 102 ? 10.832  21.393  -5.089  1.00 90.99  ? 100 LEU B CA  1 
ATOM   1712 C  C   . LEU B 1 102 ? 11.015  21.701  -6.570  1.00 90.91  ? 100 LEU B C   1 
ATOM   1713 O  O   . LEU B 1 102 ? 12.082  21.464  -7.131  1.00 94.62  ? 100 LEU B O   1 
ATOM   1714 C  CB  . LEU B 1 102 ? 9.872   20.216  -4.911  1.00 94.17  ? 100 LEU B CB  1 
ATOM   1715 C  CG  . LEU B 1 102 ? 10.189  18.854  -5.519  1.00 95.61  ? 100 LEU B CG  1 
ATOM   1716 C  CD1 . LEU B 1 102 ? 11.431  18.264  -4.869  1.00 99.12  ? 100 LEU B CD1 1 
ATOM   1717 C  CD2 . LEU B 1 102 ? 8.984   17.938  -5.350  1.00 96.14  ? 100 LEU B CD2 1 
ATOM   1718 N  N   . ASP B 1 103 ? 9.969   22.258  -7.171  1.00 93.50  ? 101 ASP B N   1 
ATOM   1719 C  CA  . ASP B 1 103 ? 9.922   22.556  -8.602  1.00 93.13  ? 101 ASP B CA  1 
ATOM   1720 C  C   . ASP B 1 103 ? 10.674  23.832  -8.985  1.00 92.46  ? 101 ASP B C   1 
ATOM   1721 O  O   . ASP B 1 103 ? 10.986  24.040  -10.154 1.00 88.92  ? 101 ASP B O   1 
ATOM   1722 C  CB  . ASP B 1 103 ? 8.465   22.679  -9.041  1.00 97.49  ? 101 ASP B CB  1 
ATOM   1723 C  CG  . ASP B 1 103 ? 8.301   22.586  -10.528 1.00 102.36 ? 101 ASP B CG  1 
ATOM   1724 O  OD1 . ASP B 1 103 ? 8.360   21.453  -11.049 1.00 108.69 ? 101 ASP B OD1 1 
ATOM   1725 O  OD2 . ASP B 1 103 ? 8.119   23.645  -11.171 1.00 102.45 ? 101 ASP B OD2 1 
ATOM   1726 N  N   . ALA B 1 104 ? 10.922  24.701  -8.010  1.00 98.04  ? 102 ALA B N   1 
ATOM   1727 C  CA  . ALA B 1 104 ? 11.803  25.850  -8.203  1.00 100.52 ? 102 ALA B CA  1 
ATOM   1728 C  C   . ALA B 1 104 ? 13.256  25.409  -8.319  1.00 102.77 ? 102 ALA B C   1 
ATOM   1729 O  O   . ALA B 1 104 ? 13.987  25.906  -9.177  1.00 106.20 ? 102 ALA B O   1 
ATOM   1730 C  CB  . ALA B 1 104 ? 11.650  26.829  -7.058  1.00 102.32 ? 102 ALA B CB  1 
ATOM   1731 N  N   . ASP B 1 105 ? 13.665  24.485  -7.447  1.00 105.44 ? 103 ASP B N   1 
ATOM   1732 C  CA  . ASP B 1 105 ? 15.027  23.929  -7.461  1.00 108.46 ? 103 ASP B CA  1 
ATOM   1733 C  C   . ASP B 1 105 ? 15.312  23.046  -8.689  1.00 110.30 ? 103 ASP B C   1 
ATOM   1734 O  O   . ASP B 1 105 ? 16.471  22.900  -9.078  1.00 113.17 ? 103 ASP B O   1 
ATOM   1735 C  CB  . ASP B 1 105 ? 15.314  23.150  -6.167  1.00 108.33 ? 103 ASP B CB  1 
ATOM   1736 C  CG  . ASP B 1 105 ? 15.327  24.044  -4.924  1.00 111.08 ? 103 ASP B CG  1 
ATOM   1737 O  OD1 . ASP B 1 105 ? 14.782  25.171  -4.971  1.00 112.25 ? 103 ASP B OD1 1 
ATOM   1738 O  OD2 . ASP B 1 105 ? 15.881  23.615  -3.890  1.00 111.68 ? 103 ASP B OD2 1 
ATOM   1739 N  N   . LEU B 1 106 ? 14.266  22.473  -9.292  1.00 113.41 ? 104 LEU B N   1 
ATOM   1740 C  CA  . LEU B 1 106 ? 14.393  21.657  -10.517 1.00 116.87 ? 104 LEU B CA  1 
ATOM   1741 C  C   . LEU B 1 106 ? 14.417  22.456  -11.831 1.00 120.44 ? 104 LEU B C   1 
ATOM   1742 O  O   . LEU B 1 106 ? 14.724  21.887  -12.882 1.00 123.87 ? 104 LEU B O   1 
ATOM   1743 C  CB  . LEU B 1 106 ? 13.254  20.623  -10.594 1.00 117.41 ? 104 LEU B CB  1 
ATOM   1744 C  CG  . LEU B 1 106 ? 13.278  19.476  -9.576  1.00 118.21 ? 104 LEU B CG  1 
ATOM   1745 C  CD1 . LEU B 1 106 ? 11.915  18.801  -9.504  1.00 119.09 ? 104 LEU B CD1 1 
ATOM   1746 C  CD2 . LEU B 1 106 ? 14.364  18.459  -9.909  1.00 118.21 ? 104 LEU B CD2 1 
ATOM   1747 N  N   . ALA B 1 107 ? 14.100  23.751  -11.784 1.00 123.84 ? 105 ALA B N   1 
ATOM   1748 C  CA  . ALA B 1 107 ? 13.961  24.569  -12.998 1.00 121.69 ? 105 ALA B CA  1 
ATOM   1749 C  C   . ALA B 1 107 ? 15.315  24.973  -13.586 1.00 123.51 ? 105 ALA B C   1 
ATOM   1750 O  O   . ALA B 1 107 ? 15.392  25.809  -14.485 1.00 129.45 ? 105 ALA B O   1 
ATOM   1751 C  CB  . ALA B 1 107 ? 13.116  25.804  -12.707 1.00 121.44 ? 105 ALA B CB  1 
ATOM   1752 O  OXT . ALA B 1 107 ? 16.373  24.486  -13.189 1.00 123.74 ? 105 ALA B OXT 1 
HETATM 1753 NA NA  . NA  C 2 .   ? 38.581  -32.684 -1.164  1.00 64.19  ? 201 NA  A NA  1 
HETATM 1754 S  S   . SO4 D 3 .   ? 0.101   0.723   2.379   0.50 100.72 ? 202 SO4 A S   1 
HETATM 1755 O  O1  . SO4 D 3 .   ? 0.288   -0.574  3.072   0.50 100.56 ? 202 SO4 A O1  1 
HETATM 1756 O  O2  . SO4 D 3 .   ? -0.984  1.475   3.048   0.50 96.11  ? 202 SO4 A O2  1 
HETATM 1757 O  O3  . SO4 D 3 .   ? 1.357   1.510   2.443   0.50 96.18  ? 202 SO4 A O3  1 
HETATM 1758 O  O4  . SO4 D 3 .   ? -0.261  0.470   0.962   0.50 97.70  ? 202 SO4 A O4  1 
HETATM 1759 O  O   . HOH E 4 .   ? 11.278  -12.185 -8.173  1.00 60.65  ? 301 HOH A O   1 
HETATM 1760 O  O   . HOH F 4 .   ? -5.218  24.837  -16.737 1.00 75.26  ? 201 HOH B O   1 
HETATM 1761 O  O   . HOH F 4 .   ? -29.969 3.064   25.828  1.00 79.49  ? 202 HOH B O   1 
# 
